data_3Q1L
#
_entry.id   3Q1L
#
_cell.length_a   72.611
_cell.length_b   78.840
_cell.length_c   244.554
_cell.angle_alpha   90.00
_cell.angle_beta   90.00
_cell.angle_gamma   90.00
#
_symmetry.space_group_name_H-M   'P 21 21 21'
#
loop_
_entity.id
_entity.type
_entity.pdbx_description
1 polymer 'Aspartate beta-semialdehyde dehydrogenase'
2 non-polymer 2-AMINO-ETHANETHIOL
3 water water
#
_entity_poly.entity_id   1
_entity_poly.type   'polypeptide(L)'
_entity_poly.pdbx_seq_one_letter_code
;MGYTVAVVGATGAVGAQMIKMLEESTLPIDKIRYLASARSAGKSLKFKDQDITIEETTETAFEGVDIALFSAGSSTSAKY
APYAVKAGVVVVDNTSYFRQNPDVPLVVPEVNAHALDAHNGIIACPNCSTIQMMVALEPVRQKWGLDRIIVSTYQAVSGA
GMGAILETQRELREVLNDGVKPCDLHAEILPSGGDKKHYPIAFNALPQIDVFTDNDYTYEEMKMTKETKKIMEDDSIAVS
ATCVRIPVLSAHSESVYIETKEVAPIEEVKAAIAAFPGAVLEDDVAHQIYPQAINAVGSRDTFVGRIRKDLDAEKGIHMW
VVSDNLLKGAAWNSVQIAETLHERGLVRPTAELKFELKLEHHHHHH
;
_entity_poly.pdbx_strand_id   A,B,C,D
#
# COMPACT_ATOMS: atom_id res chain seq x y z
N GLY A 2 6.70 -32.06 19.39
CA GLY A 2 7.12 -30.65 19.62
C GLY A 2 8.35 -30.61 20.50
N TYR A 3 8.74 -29.41 20.92
CA TYR A 3 10.04 -29.22 21.56
C TYR A 3 9.92 -28.99 23.07
N THR A 4 11.01 -29.25 23.78
CA THR A 4 11.18 -28.65 25.10
C THR A 4 11.96 -27.35 24.90
N VAL A 5 11.36 -26.24 25.35
CA VAL A 5 11.94 -24.90 25.20
C VAL A 5 12.18 -24.26 26.58
N ALA A 6 13.39 -23.74 26.76
CA ALA A 6 13.71 -23.00 27.96
C ALA A 6 13.88 -21.52 27.64
N VAL A 7 13.29 -20.71 28.50
CA VAL A 7 13.52 -19.27 28.48
C VAL A 7 14.47 -19.01 29.65
N VAL A 8 15.65 -18.51 29.33
CA VAL A 8 16.67 -18.22 30.34
C VAL A 8 16.68 -16.72 30.62
N GLY A 9 16.39 -16.34 31.86
CA GLY A 9 16.14 -14.94 32.21
C GLY A 9 14.67 -14.62 32.03
N ALA A 10 13.82 -15.51 32.55
CA ALA A 10 12.36 -15.43 32.39
C ALA A 10 11.69 -14.28 33.16
N THR A 11 12.30 -13.86 34.27
CA THR A 11 11.66 -12.93 35.22
C THR A 11 11.72 -11.45 34.86
N GLY A 12 12.71 -11.05 34.06
CA GLY A 12 12.86 -9.62 33.75
C GLY A 12 11.70 -9.08 32.94
N ALA A 13 11.68 -7.76 32.71
CA ALA A 13 10.78 -7.17 31.71
C ALA A 13 11.11 -7.73 30.34
N VAL A 14 12.40 -8.04 30.14
CA VAL A 14 12.94 -8.58 28.88
C VAL A 14 12.36 -9.97 28.61
N GLY A 15 12.35 -10.81 29.64
CA GLY A 15 11.78 -12.16 29.57
C GLY A 15 10.30 -12.15 29.22
N ALA A 16 9.57 -11.21 29.83
CA ALA A 16 8.14 -11.04 29.62
C ALA A 16 7.76 -10.86 28.14
N GLN A 17 8.60 -10.14 27.39
CA GLN A 17 8.39 -9.98 25.94
C GLN A 17 8.70 -11.27 25.19
N MET A 18 9.74 -11.97 25.65
CA MET A 18 10.09 -13.28 25.12
C MET A 18 8.94 -14.28 25.32
N ILE A 19 8.39 -14.30 26.53
CA ILE A 19 7.26 -15.17 26.85
C ILE A 19 6.08 -14.87 25.94
N LYS A 20 5.70 -13.60 25.86
CA LYS A 20 4.58 -13.18 25.01
C LYS A 20 4.76 -13.59 23.55
N MET A 21 5.96 -13.41 23.00
CA MET A 21 6.23 -13.81 21.62
C MET A 21 6.19 -15.33 21.47
N LEU A 22 6.69 -16.05 22.48
CA LEU A 22 6.60 -17.53 22.49
C LEU A 22 5.17 -18.02 22.57
N GLU A 23 4.37 -17.37 23.41
CA GLU A 23 2.94 -17.71 23.58
C GLU A 23 2.16 -17.62 22.27
N GLU A 24 2.59 -16.73 21.38
CA GLU A 24 1.89 -16.47 20.11
C GLU A 24 2.58 -17.16 18.93
N SER A 25 3.64 -17.90 19.23
CA SER A 25 4.43 -18.61 18.24
C SER A 25 3.70 -19.83 17.64
N THR A 26 4.15 -20.23 16.45
CA THR A 26 3.66 -21.42 15.75
C THR A 26 4.55 -22.62 16.09
N LEU A 27 5.56 -22.36 16.91
CA LEU A 27 6.55 -23.36 17.27
C LEU A 27 5.84 -24.49 17.99
N PRO A 28 6.02 -25.74 17.52
CA PRO A 28 5.37 -26.82 18.25
C PRO A 28 6.10 -27.00 19.59
N ILE A 29 5.41 -26.71 20.69
CA ILE A 29 5.99 -26.76 22.03
C ILE A 29 5.30 -27.82 22.88
N ASP A 30 6.06 -28.82 23.32
CA ASP A 30 5.55 -29.85 24.22
C ASP A 30 5.78 -29.47 25.67
N LYS A 31 6.90 -28.82 25.95
CA LYS A 31 7.25 -28.45 27.31
C LYS A 31 7.96 -27.10 27.36
N ILE A 32 7.54 -26.27 28.29
CA ILE A 32 8.18 -25.00 28.55
C ILE A 32 8.86 -25.05 29.92
N ARG A 33 10.07 -24.51 29.99
CA ARG A 33 10.77 -24.37 31.26
C ARG A 33 11.26 -22.94 31.44
N TYR A 34 11.12 -22.43 32.66
CA TYR A 34 11.59 -21.07 32.98
C TYR A 34 12.81 -21.10 33.90
N LEU A 35 13.88 -20.47 33.45
CA LEU A 35 15.13 -20.43 34.20
C LEU A 35 15.48 -18.99 34.56
N ALA A 36 15.95 -18.81 35.81
CA ALA A 36 16.37 -17.50 36.30
C ALA A 36 17.31 -17.67 37.51
N SER A 37 17.61 -16.57 38.19
CA SER A 37 18.50 -16.57 39.35
C SER A 37 17.93 -17.38 40.53
N ALA A 38 18.80 -17.70 41.49
CA ALA A 38 18.41 -18.42 42.71
C ALA A 38 17.32 -17.69 43.51
N ARG A 39 17.32 -16.36 43.44
CA ARG A 39 16.32 -15.50 44.05
C ARG A 39 14.89 -15.81 43.59
N SER A 40 14.72 -16.10 42.30
CA SER A 40 13.39 -16.25 41.69
C SER A 40 12.89 -17.69 41.66
N ALA A 41 13.79 -18.64 41.90
CA ALA A 41 13.44 -20.05 41.85
C ALA A 41 12.39 -20.41 42.88
N GLY A 42 11.32 -21.06 42.43
CA GLY A 42 10.20 -21.41 43.30
C GLY A 42 8.96 -20.60 42.96
N LYS A 43 9.18 -19.37 42.52
CA LYS A 43 8.09 -18.49 42.06
C LYS A 43 7.36 -19.08 40.86
N SER A 44 6.30 -18.39 40.45
CA SER A 44 5.42 -18.85 39.38
C SER A 44 5.26 -17.75 38.34
N LEU A 45 5.50 -18.10 37.07
CA LEU A 45 5.09 -17.26 35.94
C LEU A 45 4.18 -18.07 35.01
N LYS A 46 3.33 -17.37 34.26
CA LYS A 46 2.44 -17.99 33.28
C LYS A 46 3.13 -18.34 31.98
N PHE A 47 2.73 -19.47 31.40
CA PHE A 47 2.83 -19.68 29.95
C PHE A 47 1.47 -20.09 29.45
N LYS A 48 0.88 -19.25 28.62
CA LYS A 48 -0.54 -19.36 28.23
C LYS A 48 -1.42 -19.60 29.48
N ASP A 49 -2.09 -20.75 29.54
CA ASP A 49 -2.99 -21.05 30.67
C ASP A 49 -2.32 -21.64 31.91
N GLN A 50 -1.08 -22.11 31.77
CA GLN A 50 -0.42 -22.89 32.83
C GLN A 50 0.53 -22.08 33.70
N ASP A 51 0.60 -22.46 34.98
CA ASP A 51 1.59 -21.92 35.92
C ASP A 51 2.93 -22.66 35.81
N ILE A 52 3.97 -21.92 35.45
CA ILE A 52 5.33 -22.47 35.35
C ILE A 52 6.21 -22.06 36.54
N THR A 53 6.68 -23.07 37.27
CA THR A 53 7.65 -22.89 38.34
C THR A 53 9.03 -22.55 37.77
N ILE A 54 9.58 -21.43 38.21
CA ILE A 54 10.91 -20.98 37.83
C ILE A 54 11.98 -21.88 38.47
N GLU A 55 12.95 -22.28 37.66
CA GLU A 55 14.09 -23.07 38.12
C GLU A 55 15.35 -22.22 38.11
N GLU A 56 16.34 -22.62 38.92
CA GLU A 56 17.61 -21.91 38.92
C GLU A 56 18.46 -22.30 37.71
N THR A 57 18.95 -21.28 36.98
CA THR A 57 19.89 -21.46 35.88
C THR A 57 21.19 -22.06 36.41
N THR A 58 21.51 -23.28 35.99
CA THR A 58 22.75 -23.95 36.39
C THR A 58 23.38 -24.66 35.19
N GLU A 59 24.55 -25.25 35.41
CA GLU A 59 25.29 -25.99 34.39
C GLU A 59 24.57 -27.26 33.95
N THR A 60 23.71 -27.79 34.83
CA THR A 60 23.03 -29.06 34.58
C THR A 60 21.54 -28.89 34.32
N ALA A 61 21.08 -27.63 34.23
CA ALA A 61 19.67 -27.34 34.06
C ALA A 61 19.13 -27.57 32.64
N PHE A 62 19.99 -27.93 31.69
CA PHE A 62 19.57 -27.96 30.28
C PHE A 62 19.30 -29.36 29.69
N GLU A 63 19.24 -30.37 30.54
CA GLU A 63 19.04 -31.73 30.06
C GLU A 63 17.65 -31.90 29.44
N GLY A 64 17.61 -32.49 28.25
CA GLY A 64 16.34 -32.69 27.55
C GLY A 64 15.78 -31.46 26.85
N VAL A 65 16.48 -30.34 26.95
CA VAL A 65 16.06 -29.09 26.28
C VAL A 65 16.45 -29.13 24.80
N ASP A 66 15.55 -28.72 23.93
CA ASP A 66 15.87 -28.65 22.51
C ASP A 66 16.32 -27.25 22.12
N ILE A 67 15.59 -26.25 22.63
CA ILE A 67 15.81 -24.85 22.28
C ILE A 67 15.81 -24.00 23.55
N ALA A 68 16.85 -23.20 23.71
CA ALA A 68 16.87 -22.25 24.82
C ALA A 68 16.97 -20.84 24.26
N LEU A 69 16.03 -20.00 24.66
CA LEU A 69 16.06 -18.58 24.35
C LEU A 69 16.59 -17.80 25.57
N PHE A 70 17.76 -17.20 25.42
CA PHE A 70 18.36 -16.45 26.51
C PHE A 70 17.82 -15.02 26.44
N SER A 71 17.40 -14.47 27.57
CA SER A 71 16.96 -13.07 27.63
C SER A 71 17.45 -12.40 28.91
N ALA A 72 18.72 -12.62 29.21
CA ALA A 72 19.36 -11.99 30.36
C ALA A 72 20.53 -11.18 29.85
N GLY A 73 21.61 -11.15 30.62
CA GLY A 73 22.78 -10.37 30.25
C GLY A 73 23.93 -11.21 29.74
N SER A 74 25.00 -10.52 29.41
CA SER A 74 26.22 -11.12 28.87
C SER A 74 26.83 -12.23 29.71
N SER A 75 26.85 -12.04 31.02
CA SER A 75 27.54 -12.98 31.90
C SER A 75 26.80 -14.30 31.95
N THR A 76 25.47 -14.25 31.97
CA THR A 76 24.62 -15.44 31.94
C THR A 76 24.84 -16.26 30.66
N SER A 77 24.89 -15.56 29.53
CA SER A 77 25.14 -16.19 28.23
C SER A 77 26.52 -16.82 28.13
N ALA A 78 27.54 -16.07 28.54
CA ALA A 78 28.93 -16.53 28.51
C ALA A 78 29.12 -17.78 29.36
N LYS A 79 28.48 -17.81 30.53
CA LYS A 79 28.60 -18.96 31.44
C LYS A 79 27.78 -20.16 30.98
N TYR A 80 26.52 -19.93 30.63
CA TYR A 80 25.57 -21.05 30.52
C TYR A 80 25.29 -21.55 29.13
N ALA A 81 25.47 -20.70 28.11
CA ALA A 81 25.24 -21.11 26.73
C ALA A 81 26.10 -22.33 26.33
N PRO A 82 27.44 -22.28 26.62
CA PRO A 82 28.27 -23.43 26.25
C PRO A 82 27.86 -24.74 26.95
N TYR A 83 27.35 -24.65 28.18
CA TYR A 83 26.78 -25.84 28.83
C TYR A 83 25.50 -26.32 28.16
N ALA A 84 24.67 -25.38 27.69
CA ALA A 84 23.46 -25.75 26.99
C ALA A 84 23.79 -26.50 25.71
N VAL A 85 24.77 -25.99 24.96
CA VAL A 85 25.25 -26.64 23.74
C VAL A 85 25.81 -28.03 24.04
N LYS A 86 26.56 -28.15 25.13
CA LYS A 86 27.08 -29.43 25.57
C LYS A 86 25.95 -30.43 25.81
N ALA A 87 24.85 -29.95 26.39
CA ALA A 87 23.66 -30.78 26.66
C ALA A 87 22.84 -31.15 25.41
N GLY A 88 23.17 -30.57 24.27
CA GLY A 88 22.46 -30.88 23.02
C GLY A 88 21.43 -29.84 22.62
N VAL A 89 21.42 -28.72 23.34
CA VAL A 89 20.47 -27.63 23.06
C VAL A 89 20.92 -26.81 21.85
N VAL A 90 19.97 -26.24 21.11
CA VAL A 90 20.25 -25.14 20.18
C VAL A 90 19.96 -23.83 20.90
N VAL A 91 20.94 -22.92 20.94
CA VAL A 91 20.79 -21.65 21.69
C VAL A 91 20.56 -20.45 20.79
N VAL A 92 19.54 -19.68 21.14
CA VAL A 92 19.31 -18.39 20.53
C VAL A 92 19.65 -17.33 21.59
N ASP A 93 20.79 -16.64 21.41
CA ASP A 93 21.24 -15.65 22.39
C ASP A 93 20.83 -14.23 22.04
N ASN A 94 20.38 -13.49 23.05
CA ASN A 94 19.89 -12.12 22.87
C ASN A 94 20.98 -11.06 22.96
N THR A 95 22.09 -11.43 23.60
CA THR A 95 23.14 -10.46 23.95
C THR A 95 24.19 -10.26 22.87
N SER A 96 25.03 -9.25 23.07
CA SER A 96 26.15 -9.02 22.16
C SER A 96 27.29 -10.03 22.31
N TYR A 97 27.23 -10.86 23.34
CA TYR A 97 28.41 -11.67 23.70
C TYR A 97 28.99 -12.56 22.58
N PHE A 98 28.13 -13.27 21.85
CA PHE A 98 28.60 -14.24 20.86
C PHE A 98 28.51 -13.71 19.43
N ARG A 99 28.08 -12.45 19.28
CA ARG A 99 27.75 -11.89 17.97
C ARG A 99 28.88 -11.86 16.95
N GLN A 100 30.10 -11.54 17.40
CA GLN A 100 31.23 -11.44 16.48
C GLN A 100 32.11 -12.69 16.43
N ASN A 101 31.62 -13.76 17.05
CA ASN A 101 32.26 -15.08 17.01
C ASN A 101 32.00 -15.74 15.66
N PRO A 102 33.08 -16.11 14.93
CA PRO A 102 32.96 -16.66 13.57
C PRO A 102 32.25 -18.01 13.49
N ASP A 103 32.14 -18.70 14.63
CA ASP A 103 31.39 -19.95 14.71
C ASP A 103 29.90 -19.70 14.94
N VAL A 104 29.55 -18.44 15.18
CA VAL A 104 28.18 -18.07 15.51
C VAL A 104 27.51 -17.28 14.40
N PRO A 105 26.44 -17.84 13.81
CA PRO A 105 25.61 -17.07 12.88
C PRO A 105 24.94 -15.91 13.60
N LEU A 106 24.94 -14.74 12.96
CA LEU A 106 24.27 -13.53 13.46
C LEU A 106 23.16 -13.23 12.49
N VAL A 107 21.92 -13.44 12.93
CA VAL A 107 20.81 -13.67 11.99
C VAL A 107 19.58 -12.75 12.15
N VAL A 108 19.14 -12.21 11.01
CA VAL A 108 17.77 -11.68 10.84
C VAL A 108 17.09 -12.57 9.81
N PRO A 109 16.09 -13.38 10.24
CA PRO A 109 15.59 -14.47 9.36
C PRO A 109 15.16 -14.07 7.93
N GLU A 110 14.72 -12.83 7.73
CA GLU A 110 14.32 -12.38 6.40
C GLU A 110 15.51 -12.04 5.53
N VAL A 111 16.68 -11.91 6.15
CA VAL A 111 17.87 -11.44 5.44
C VAL A 111 18.91 -12.54 5.18
N ASN A 112 19.33 -13.24 6.24
CA ASN A 112 20.36 -14.29 6.08
C ASN A 112 20.03 -15.62 6.78
N ALA A 113 18.80 -16.10 6.63
CA ALA A 113 18.41 -17.41 7.17
C ALA A 113 19.35 -18.53 6.73
N HIS A 114 19.98 -18.36 5.57
CA HIS A 114 20.91 -19.37 5.07
C HIS A 114 22.12 -19.57 5.99
N ALA A 115 22.52 -18.51 6.70
CA ALA A 115 23.61 -18.57 7.69
C ALA A 115 23.32 -19.54 8.83
N LEU A 116 22.05 -19.80 9.08
CA LEU A 116 21.63 -20.76 10.13
C LEU A 116 22.07 -22.20 9.86
N ASP A 117 22.17 -22.55 8.58
CA ASP A 117 22.48 -23.94 8.13
C ASP A 117 23.72 -24.56 8.75
N ALA A 118 24.73 -23.74 9.02
CA ALA A 118 26.01 -24.22 9.50
C ALA A 118 26.28 -23.85 10.97
N HIS A 119 25.22 -23.60 11.75
CA HIS A 119 25.38 -23.22 13.16
C HIS A 119 26.10 -24.31 13.95
N ASN A 120 26.71 -23.91 15.07
CA ASN A 120 27.43 -24.82 15.95
C ASN A 120 26.77 -24.85 17.35
N GLY A 121 25.46 -24.62 17.39
CA GLY A 121 24.70 -24.65 18.65
C GLY A 121 24.25 -23.32 19.21
N ILE A 122 24.86 -22.22 18.74
CA ILE A 122 24.46 -20.88 19.16
C ILE A 122 24.19 -19.99 17.95
N ILE A 123 23.01 -19.38 17.96
CA ILE A 123 22.67 -18.35 16.98
C ILE A 123 22.44 -17.05 17.75
N ALA A 124 23.04 -15.97 17.26
CA ALA A 124 22.98 -14.69 17.93
C ALA A 124 21.94 -13.77 17.29
N CYS A 125 21.03 -13.26 18.11
CA CYS A 125 20.15 -12.16 17.71
C CYS A 125 20.94 -10.84 17.68
N PRO A 126 20.84 -10.06 16.58
CA PRO A 126 21.60 -8.81 16.49
C PRO A 126 21.05 -7.71 17.40
N ASN A 127 21.80 -6.61 17.50
CA ASN A 127 21.36 -5.35 18.13
C ASN A 127 20.06 -4.84 17.50
N CYS A 128 19.15 -4.33 18.33
CA CYS A 128 17.84 -3.85 17.86
CA CYS A 128 17.84 -3.86 17.85
C CYS A 128 17.93 -2.82 16.74
N SER A 129 18.81 -1.83 16.88
CA SER A 129 18.87 -0.79 15.86
C SER A 129 19.42 -1.34 14.55
N THR A 130 20.32 -2.31 14.64
CA THR A 130 20.81 -2.99 13.44
C THR A 130 19.69 -3.76 12.74
N ILE A 131 18.86 -4.45 13.52
CA ILE A 131 17.84 -5.36 12.97
C ILE A 131 16.89 -4.64 12.03
N GLN A 132 16.35 -3.51 12.47
CA GLN A 132 15.34 -2.80 11.69
C GLN A 132 15.94 -2.18 10.44
N MET A 133 17.22 -1.82 10.51
CA MET A 133 17.92 -1.29 9.36
C MET A 133 18.09 -2.40 8.32
N MET A 134 18.36 -3.63 8.76
CA MET A 134 18.56 -4.75 7.83
C MET A 134 17.29 -5.13 7.08
N VAL A 135 16.16 -5.13 7.78
CA VAL A 135 14.88 -5.45 7.18
C VAL A 135 14.53 -4.43 6.08
N ALA A 136 14.80 -3.17 6.36
CA ALA A 136 14.49 -2.08 5.43
C ALA A 136 15.43 -2.06 4.22
N LEU A 137 16.69 -2.41 4.45
CA LEU A 137 17.73 -2.27 3.41
C LEU A 137 17.93 -3.50 2.55
N GLU A 138 17.68 -4.68 3.11
CA GLU A 138 17.84 -5.94 2.38
C GLU A 138 17.15 -5.97 0.99
N PRO A 139 15.84 -5.64 0.91
CA PRO A 139 15.19 -5.69 -0.41
C PRO A 139 15.81 -4.72 -1.41
N VAL A 140 16.36 -3.61 -0.91
CA VAL A 140 17.09 -2.67 -1.74
C VAL A 140 18.39 -3.32 -2.25
N ARG A 141 19.19 -3.86 -1.32
CA ARG A 141 20.46 -4.49 -1.65
C ARG A 141 20.34 -5.61 -2.72
N GLN A 142 19.32 -6.46 -2.61
CA GLN A 142 19.26 -7.64 -3.46
C GLN A 142 18.87 -7.33 -4.92
N LYS A 143 18.44 -6.09 -5.16
CA LYS A 143 18.14 -5.63 -6.50
C LYS A 143 19.19 -4.63 -7.00
N TRP A 144 19.69 -3.77 -6.12
CA TRP A 144 20.58 -2.68 -6.56
C TRP A 144 21.94 -2.61 -5.87
N GLY A 145 22.17 -3.50 -4.91
CA GLY A 145 23.44 -3.50 -4.17
C GLY A 145 23.52 -2.39 -3.13
N LEU A 146 24.58 -2.45 -2.33
CA LEU A 146 24.86 -1.44 -1.30
C LEU A 146 26.35 -1.17 -1.22
N ASP A 147 26.73 0.09 -1.37
CA ASP A 147 28.12 0.53 -1.25
C ASP A 147 28.43 1.12 0.13
N ARG A 148 27.54 1.98 0.63
CA ARG A 148 27.70 2.55 1.97
C ARG A 148 26.38 2.90 2.65
N ILE A 149 26.46 3.08 3.97
CA ILE A 149 25.35 3.53 4.80
C ILE A 149 25.86 4.58 5.78
N ILE A 150 25.09 5.66 5.92
CA ILE A 150 25.27 6.60 7.00
C ILE A 150 23.94 6.65 7.72
N VAL A 151 23.97 6.39 9.02
CA VAL A 151 22.73 6.36 9.81
C VAL A 151 22.81 7.24 11.08
N SER A 152 21.71 7.91 11.38
CA SER A 152 21.55 8.64 12.64
C SER A 152 20.31 8.11 13.32
N THR A 153 20.46 7.63 14.56
CA THR A 153 19.34 7.02 15.30
C THR A 153 18.66 7.95 16.31
N TYR A 154 17.41 7.60 16.60
CA TYR A 154 16.57 8.31 17.53
C TYR A 154 15.99 7.22 18.44
N GLN A 155 16.82 6.78 19.39
CA GLN A 155 16.51 5.55 20.13
C GLN A 155 15.70 5.74 21.41
N ALA A 156 14.78 4.82 21.62
CA ALA A 156 13.91 4.85 22.79
C ALA A 156 14.61 4.33 24.04
N VAL A 157 14.17 4.83 25.18
CA VAL A 157 14.78 4.50 26.47
C VAL A 157 14.51 3.07 26.94
N SER A 158 13.55 2.38 26.33
CA SER A 158 13.31 0.97 26.71
C SER A 158 14.45 0.06 26.28
N GLY A 159 15.24 0.51 25.30
CA GLY A 159 16.43 -0.24 24.88
C GLY A 159 17.48 -0.37 25.97
N ALA A 160 17.35 0.44 27.03
CA ALA A 160 18.29 0.46 28.16
C ALA A 160 17.69 -0.17 29.42
N GLY A 161 16.49 -0.72 29.27
CA GLY A 161 15.84 -1.48 30.36
C GLY A 161 14.69 -0.79 31.08
N MET A 162 14.07 -1.52 31.99
CA MET A 162 12.95 -1.02 32.82
C MET A 162 13.35 0.20 33.67
N GLY A 163 14.55 0.15 34.27
CA GLY A 163 15.06 1.26 35.06
C GLY A 163 15.12 2.58 34.30
N ALA A 164 15.58 2.50 33.06
CA ALA A 164 15.70 3.68 32.20
C ALA A 164 14.32 4.28 31.90
N ILE A 165 13.32 3.42 31.69
CA ILE A 165 11.93 3.85 31.49
C ILE A 165 11.43 4.61 32.72
N LEU A 166 11.68 4.04 33.90
CA LEU A 166 11.18 4.63 35.15
C LEU A 166 11.88 5.96 35.41
N GLU A 167 13.18 6.02 35.11
CA GLU A 167 13.98 7.24 35.21
C GLU A 167 13.37 8.35 34.36
N THR A 168 13.04 8.02 33.10
CA THR A 168 12.45 8.96 32.15
C THR A 168 11.09 9.50 32.61
N GLN A 169 10.24 8.61 33.13
CA GLN A 169 8.90 9.01 33.60
C GLN A 169 8.96 9.91 34.82
N ARG A 170 9.81 9.54 35.78
CA ARG A 170 10.07 10.33 36.99
C ARG A 170 10.59 11.73 36.66
N GLU A 171 11.62 11.81 35.81
CA GLU A 171 12.22 13.10 35.40
C GLU A 171 11.19 13.99 34.72
N LEU A 172 10.36 13.41 33.87
CA LEU A 172 9.34 14.19 33.18
C LEU A 172 8.27 14.74 34.13
N ARG A 173 7.84 13.91 35.09
CA ARG A 173 6.91 14.33 36.15
C ARG A 173 7.50 15.41 37.05
N GLU A 174 8.78 15.28 37.39
CA GLU A 174 9.47 16.31 38.16
C GLU A 174 9.45 17.65 37.43
N VAL A 175 9.65 17.62 36.12
CA VAL A 175 9.59 18.86 35.32
C VAL A 175 8.15 19.38 35.26
N LEU A 176 7.23 18.55 34.78
CA LEU A 176 5.87 18.98 34.45
C LEU A 176 4.95 19.18 35.66
N ASN A 177 5.12 18.36 36.70
CA ASN A 177 4.29 18.45 37.90
C ASN A 177 4.91 19.25 39.05
N ASP A 178 6.24 19.27 39.11
CA ASP A 178 6.95 19.86 40.26
C ASP A 178 7.74 21.12 39.89
N GLY A 179 7.83 21.45 38.60
CA GLY A 179 8.47 22.69 38.16
C GLY A 179 9.99 22.73 38.20
N VAL A 180 10.62 21.59 38.45
CA VAL A 180 12.08 21.43 38.37
C VAL A 180 12.56 21.73 36.96
N LYS A 181 13.71 22.39 36.84
CA LYS A 181 14.31 22.63 35.55
C LYS A 181 15.06 21.38 35.08
N PRO A 182 14.92 21.04 33.78
CA PRO A 182 15.60 19.88 33.20
C PRO A 182 17.08 19.77 33.60
N CYS A 183 17.79 20.89 33.61
CA CYS A 183 19.20 20.93 33.99
C CYS A 183 19.45 20.72 35.51
N ASP A 184 18.38 20.74 36.31
CA ASP A 184 18.47 20.47 37.76
C ASP A 184 18.15 19.01 38.11
N LEU A 185 17.72 18.22 37.12
CA LEU A 185 17.31 16.83 37.38
C LEU A 185 18.50 15.95 37.80
N HIS A 186 18.19 14.93 38.60
CA HIS A 186 19.17 13.95 39.03
C HIS A 186 18.92 12.65 38.26
N ALA A 187 19.95 12.18 37.56
CA ALA A 187 19.84 10.93 36.79
C ALA A 187 20.77 9.88 37.39
N GLU A 188 20.37 8.61 37.29
CA GLU A 188 21.13 7.51 37.87
C GLU A 188 21.54 6.45 36.84
N ILE A 189 20.90 6.46 35.69
CA ILE A 189 21.06 5.38 34.70
C ILE A 189 21.53 5.86 33.33
N LEU A 190 20.77 6.74 32.69
CA LEU A 190 21.13 7.20 31.34
C LEU A 190 22.31 8.18 31.36
N PRO A 191 23.08 8.24 30.26
CA PRO A 191 22.90 7.52 29.00
C PRO A 191 23.30 6.03 29.05
N SER A 192 24.06 5.65 30.07
CA SER A 192 24.59 4.30 30.17
C SER A 192 24.84 3.89 31.60
N GLY A 193 24.13 2.85 32.04
CA GLY A 193 24.25 2.34 33.39
C GLY A 193 25.67 1.93 33.76
N GLY A 194 26.46 1.52 32.77
CA GLY A 194 27.86 1.10 33.02
C GLY A 194 28.80 2.26 33.31
N ASP A 195 28.57 3.39 32.62
CA ASP A 195 29.51 4.51 32.58
C ASP A 195 29.51 5.37 33.84
N LYS A 196 30.49 6.25 33.97
CA LYS A 196 30.72 6.98 35.22
C LYS A 196 29.72 8.11 35.51
N LYS A 197 29.24 8.77 34.47
CA LYS A 197 28.38 9.93 34.64
C LYS A 197 26.98 9.70 34.09
N HIS A 198 25.99 10.30 34.74
CA HIS A 198 24.62 10.20 34.27
C HIS A 198 23.97 11.57 34.03
N TYR A 199 23.15 11.63 32.99
CA TYR A 199 22.47 12.86 32.57
C TYR A 199 20.96 12.67 32.40
N PRO A 200 20.18 13.76 32.60
CA PRO A 200 18.75 13.77 32.31
C PRO A 200 18.45 13.45 30.84
N ILE A 201 17.41 12.66 30.61
CA ILE A 201 16.89 12.43 29.27
C ILE A 201 15.68 13.34 28.99
N ALA A 202 14.97 13.75 30.04
CA ALA A 202 13.77 14.60 29.86
C ALA A 202 14.09 15.87 29.06
N PHE A 203 13.25 16.17 28.08
CA PHE A 203 13.47 17.27 27.14
C PHE A 203 14.92 17.39 26.63
N ASN A 204 15.60 16.26 26.51
CA ASN A 204 16.98 16.21 26.07
C ASN A 204 17.20 15.26 24.91
N ALA A 205 18.39 15.31 24.32
CA ALA A 205 18.82 14.34 23.31
C ALA A 205 20.27 14.02 23.60
N LEU A 206 20.55 12.76 23.94
CA LEU A 206 21.88 12.36 24.41
C LEU A 206 22.63 11.55 23.37
N PRO A 207 23.69 12.12 22.78
CA PRO A 207 24.38 11.41 21.70
C PRO A 207 25.36 10.38 22.24
N GLN A 208 24.87 9.55 23.16
CA GLN A 208 25.66 8.45 23.68
C GLN A 208 24.74 7.31 24.02
N ILE A 209 24.95 6.19 23.33
CA ILE A 209 24.33 4.93 23.72
C ILE A 209 25.49 3.96 23.88
N ASP A 210 25.47 3.23 25.00
CA ASP A 210 26.59 2.41 25.46
C ASP A 210 27.80 3.30 25.80
N VAL A 211 28.96 2.68 26.01
CA VAL A 211 30.16 3.42 26.39
C VAL A 211 30.99 3.74 25.14
N PHE A 212 32.00 4.58 25.30
CA PHE A 212 32.87 4.92 24.19
C PHE A 212 33.97 3.88 23.94
N THR A 213 34.31 3.68 22.66
CA THR A 213 35.43 2.84 22.29
C THR A 213 36.60 3.75 21.92
N ASP A 214 37.78 3.16 21.76
CA ASP A 214 39.02 3.92 21.53
C ASP A 214 38.97 4.89 20.32
N ASN A 215 38.18 4.56 19.30
CA ASN A 215 38.07 5.41 18.10
C ASN A 215 37.01 6.53 18.16
N ASP A 216 36.44 6.74 19.34
CA ASP A 216 35.49 7.83 19.63
C ASP A 216 34.06 7.61 19.14
N TYR A 217 33.82 6.45 18.55
CA TYR A 217 32.45 5.97 18.32
C TYR A 217 32.06 5.16 19.56
N THR A 218 30.76 5.07 19.82
CA THR A 218 30.29 4.25 20.93
C THR A 218 30.19 2.80 20.47
N TYR A 219 30.01 1.87 21.42
CA TYR A 219 29.84 0.47 21.09
C TYR A 219 28.60 0.25 20.26
N GLU A 220 27.57 1.03 20.53
CA GLU A 220 26.31 0.92 19.84
C GLU A 220 26.50 1.24 18.36
N GLU A 221 27.21 2.35 18.10
CA GLU A 221 27.56 2.76 16.75
C GLU A 221 28.45 1.72 16.08
N MET A 222 29.43 1.19 16.82
CA MET A 222 30.32 0.18 16.26
C MET A 222 29.64 -1.17 16.00
N LYS A 223 28.65 -1.50 16.84
CA LYS A 223 27.84 -2.69 16.60
C LYS A 223 27.05 -2.55 15.31
N MET A 224 26.50 -1.37 15.07
CA MET A 224 25.80 -1.12 13.82
C MET A 224 26.72 -1.31 12.61
N THR A 225 27.97 -0.86 12.74
CA THR A 225 28.98 -1.06 11.71
C THR A 225 29.33 -2.54 11.49
N LYS A 226 29.77 -3.22 12.55
CA LYS A 226 30.26 -4.59 12.46
C LYS A 226 29.17 -5.61 12.14
N GLU A 227 27.98 -5.42 12.71
CA GLU A 227 26.88 -6.40 12.58
C GLU A 227 26.28 -6.39 11.18
N THR A 228 26.09 -5.19 10.64
CA THR A 228 25.69 -5.00 9.26
C THR A 228 26.59 -5.80 8.32
N LYS A 229 27.89 -5.61 8.48
CA LYS A 229 28.88 -6.28 7.64
C LYS A 229 28.73 -7.81 7.65
N LYS A 230 28.43 -8.37 8.81
CA LYS A 230 28.31 -9.83 9.00
C LYS A 230 26.95 -10.39 8.54
N ILE A 231 25.87 -9.65 8.79
CA ILE A 231 24.52 -10.06 8.40
C ILE A 231 24.38 -10.06 6.87
N MET A 232 24.97 -9.07 6.22
CA MET A 232 24.87 -8.96 4.77
C MET A 232 26.05 -9.63 4.07
N GLU A 233 26.94 -10.21 4.87
CA GLU A 233 28.09 -10.99 4.40
C GLU A 233 28.91 -10.23 3.35
N ASP A 234 29.19 -8.97 3.66
CA ASP A 234 29.98 -8.12 2.79
C ASP A 234 30.72 -7.07 3.62
N ASP A 235 31.98 -7.38 3.90
CA ASP A 235 32.87 -6.50 4.66
C ASP A 235 33.18 -5.20 3.91
N SER A 236 32.88 -5.16 2.61
CA SER A 236 33.15 -3.96 1.81
C SER A 236 32.06 -2.89 1.90
N ILE A 237 31.00 -3.16 2.66
CA ILE A 237 29.95 -2.14 2.88
C ILE A 237 30.41 -1.17 3.96
N ALA A 238 30.68 0.06 3.54
CA ALA A 238 31.10 1.11 4.44
C ALA A 238 29.90 1.55 5.27
N VAL A 239 30.05 1.51 6.60
CA VAL A 239 28.96 1.89 7.51
C VAL A 239 29.50 2.75 8.67
N SER A 240 28.87 3.89 8.89
CA SER A 240 29.19 4.77 10.01
C SER A 240 27.91 5.27 10.63
N ALA A 241 27.83 5.23 11.96
CA ALA A 241 26.62 5.62 12.67
C ALA A 241 26.83 6.65 13.80
N THR A 242 25.77 7.41 14.07
CA THR A 242 25.65 8.26 15.25
C THR A 242 24.41 7.79 15.99
N CYS A 243 24.59 7.30 17.22
CA CYS A 243 23.46 6.80 18.01
C CYS A 243 23.07 7.74 19.15
N VAL A 244 21.80 8.18 19.14
CA VAL A 244 21.29 9.21 20.03
C VAL A 244 20.07 8.69 20.79
N ARG A 245 20.04 8.94 22.09
CA ARG A 245 18.88 8.65 22.92
C ARG A 245 17.97 9.89 23.00
N ILE A 246 16.68 9.69 22.74
CA ILE A 246 15.67 10.75 22.88
C ILE A 246 14.54 10.33 23.84
N PRO A 247 13.77 11.30 24.39
CA PRO A 247 12.69 10.93 25.32
C PRO A 247 11.50 10.23 24.65
N VAL A 248 11.74 9.01 24.14
CA VAL A 248 10.69 8.14 23.61
C VAL A 248 10.76 6.88 24.45
N LEU A 249 9.62 6.31 24.81
CA LEU A 249 9.67 5.11 25.68
C LEU A 249 9.93 3.86 24.88
N SER A 250 9.20 3.67 23.80
CA SER A 250 9.38 2.49 22.96
C SER A 250 9.41 2.84 21.48
N ALA A 251 10.18 2.04 20.73
CA ALA A 251 10.35 2.13 19.27
C ALA A 251 11.46 3.09 18.87
N HIS A 252 12.43 2.55 18.13
CA HIS A 252 13.53 3.30 17.61
C HIS A 252 13.21 3.81 16.23
N SER A 253 13.65 5.03 15.95
CA SER A 253 13.56 5.55 14.61
C SER A 253 14.96 5.77 14.10
N GLU A 254 15.16 5.67 12.79
CA GLU A 254 16.47 5.91 12.22
C GLU A 254 16.36 6.72 10.96
N SER A 255 17.22 7.74 10.85
CA SER A 255 17.40 8.44 9.60
C SER A 255 18.51 7.73 8.84
N VAL A 256 18.17 7.14 7.69
CA VAL A 256 19.10 6.28 6.97
C VAL A 256 19.48 6.84 5.59
N TYR A 257 20.77 7.05 5.38
CA TYR A 257 21.30 7.37 4.06
C TYR A 257 22.07 6.18 3.51
N ILE A 258 21.80 5.86 2.25
CA ILE A 258 22.55 4.82 1.54
C ILE A 258 22.99 5.30 0.16
N GLU A 259 24.01 4.64 -0.36
CA GLU A 259 24.33 4.73 -1.77
C GLU A 259 24.36 3.30 -2.29
N THR A 260 23.53 3.04 -3.29
CA THR A 260 23.41 1.73 -3.88
C THR A 260 24.53 1.52 -4.90
N LYS A 261 24.65 0.32 -5.44
CA LYS A 261 25.65 0.03 -6.46
C LYS A 261 25.20 0.38 -7.89
N GLU A 262 23.89 0.40 -8.11
CA GLU A 262 23.29 0.94 -9.33
C GLU A 262 22.04 1.77 -9.03
N VAL A 263 21.77 2.77 -9.85
CA VAL A 263 20.65 3.70 -9.61
C VAL A 263 19.36 2.90 -9.38
N ALA A 264 18.70 3.19 -8.27
CA ALA A 264 17.49 2.50 -7.87
C ALA A 264 16.28 3.44 -7.95
N PRO A 265 15.47 3.32 -9.03
CA PRO A 265 14.27 4.16 -9.17
C PRO A 265 13.40 4.10 -7.92
N ILE A 266 13.04 5.27 -7.39
CA ILE A 266 12.36 5.39 -6.10
C ILE A 266 11.04 4.60 -6.06
N GLU A 267 10.30 4.67 -7.16
CA GLU A 267 9.05 3.92 -7.31
C GLU A 267 9.27 2.42 -7.10
N GLU A 268 10.39 1.92 -7.60
CA GLU A 268 10.72 0.51 -7.51
C GLU A 268 11.28 0.15 -6.14
N VAL A 269 12.05 1.07 -5.56
CA VAL A 269 12.55 0.92 -4.19
C VAL A 269 11.36 0.80 -3.25
N LYS A 270 10.40 1.71 -3.40
CA LYS A 270 9.16 1.64 -2.63
C LYS A 270 8.46 0.29 -2.81
N ALA A 271 8.36 -0.18 -4.05
CA ALA A 271 7.71 -1.46 -4.36
C ALA A 271 8.45 -2.66 -3.81
N ALA A 272 9.78 -2.61 -3.81
CA ALA A 272 10.60 -3.71 -3.32
C ALA A 272 10.50 -3.85 -1.78
N ILE A 273 10.38 -2.71 -1.09
CA ILE A 273 10.20 -2.69 0.35
C ILE A 273 8.80 -3.18 0.69
N ALA A 274 7.80 -2.64 -0.01
CA ALA A 274 6.41 -3.10 0.10
C ALA A 274 6.26 -4.62 0.00
N ALA A 275 7.03 -5.24 -0.90
CA ALA A 275 6.92 -6.66 -1.13
C ALA A 275 7.81 -7.48 -0.20
N PHE A 276 8.65 -6.82 0.60
CA PHE A 276 9.58 -7.52 1.47
C PHE A 276 8.94 -7.96 2.79
N PRO A 277 9.10 -9.27 3.15
CA PRO A 277 8.64 -9.86 4.40
C PRO A 277 9.15 -9.13 5.63
N GLY A 278 8.25 -8.80 6.55
CA GLY A 278 8.62 -8.09 7.77
C GLY A 278 8.71 -6.58 7.61
N ALA A 279 8.67 -6.10 6.37
CA ALA A 279 8.71 -4.67 6.11
C ALA A 279 7.35 -4.16 5.64
N VAL A 280 7.03 -2.93 6.03
CA VAL A 280 5.80 -2.28 5.60
C VAL A 280 6.14 -0.89 5.10
N LEU A 281 5.80 -0.64 3.85
CA LEU A 281 5.89 0.68 3.28
C LEU A 281 4.81 1.58 3.85
N GLU A 282 5.24 2.68 4.48
CA GLU A 282 4.39 3.75 4.96
C GLU A 282 4.91 5.06 4.38
N ASP A 283 4.55 5.32 3.13
CA ASP A 283 5.09 6.45 2.39
C ASP A 283 4.03 7.01 1.45
N ASP A 284 3.43 8.11 1.90
CA ASP A 284 2.44 8.85 1.13
C ASP A 284 2.47 10.27 1.67
N VAL A 285 3.51 11.01 1.31
CA VAL A 285 3.74 12.34 1.85
C VAL A 285 2.62 13.33 1.54
N ALA A 286 1.83 13.05 0.50
CA ALA A 286 0.67 13.87 0.14
C ALA A 286 -0.37 13.86 1.25
N HIS A 287 -0.39 12.77 2.02
CA HIS A 287 -1.28 12.65 3.18
C HIS A 287 -0.47 12.52 4.49
N GLN A 288 0.75 13.03 4.46
CA GLN A 288 1.67 12.98 5.62
C GLN A 288 1.73 11.60 6.26
N ILE A 289 1.93 10.58 5.43
CA ILE A 289 2.10 9.23 5.94
C ILE A 289 3.58 8.90 6.00
N TYR A 290 4.03 8.52 7.20
CA TYR A 290 5.39 8.10 7.43
C TYR A 290 5.44 7.29 8.74
N PRO A 291 6.46 6.44 8.90
CA PRO A 291 6.60 5.70 10.17
C PRO A 291 6.67 6.65 11.36
N GLN A 292 5.97 6.31 12.44
CA GLN A 292 6.00 7.05 13.71
C GLN A 292 6.20 6.08 14.87
N ALA A 293 7.13 6.40 15.76
CA ALA A 293 7.44 5.52 16.89
C ALA A 293 6.18 5.02 17.63
N ILE A 294 5.28 5.93 17.92
CA ILE A 294 4.07 5.62 18.70
C ILE A 294 3.12 4.69 17.98
N ASN A 295 3.11 4.70 16.64
CA ASN A 295 2.29 3.80 15.83
C ASN A 295 2.91 2.41 15.65
N ALA A 296 4.21 2.34 15.84
CA ALA A 296 4.97 1.11 15.66
C ALA A 296 4.87 0.19 16.87
N VAL A 297 4.68 0.77 18.05
CA VAL A 297 4.65 0.03 19.31
C VAL A 297 3.58 -1.08 19.25
N GLY A 298 3.95 -2.28 19.71
CA GLY A 298 3.04 -3.42 19.71
C GLY A 298 3.10 -4.26 18.44
N SER A 299 3.75 -3.74 17.40
CA SER A 299 3.82 -4.41 16.10
C SER A 299 5.18 -5.05 15.81
N ARG A 300 5.14 -6.21 15.15
CA ARG A 300 6.33 -6.95 14.74
C ARG A 300 7.01 -6.38 13.48
N ASP A 301 6.28 -5.51 12.78
CA ASP A 301 6.75 -5.02 11.49
C ASP A 301 7.81 -3.94 11.63
N THR A 302 8.56 -3.77 10.55
CA THR A 302 9.48 -2.67 10.41
C THR A 302 8.85 -1.74 9.37
N PHE A 303 8.77 -0.46 9.70
CA PHE A 303 8.07 0.50 8.85
C PHE A 303 9.06 1.45 8.19
N VAL A 304 8.87 1.66 6.89
CA VAL A 304 9.78 2.46 6.10
C VAL A 304 9.02 3.55 5.32
N GLY A 305 9.60 4.75 5.28
CA GLY A 305 9.01 5.90 4.64
C GLY A 305 10.01 7.03 4.44
N ARG A 306 9.49 8.20 4.08
CA ARG A 306 10.32 9.35 3.70
C ARG A 306 11.37 8.96 2.66
N ILE A 307 11.05 7.98 1.82
CA ILE A 307 11.98 7.50 0.80
C ILE A 307 12.10 8.52 -0.31
N ARG A 308 13.33 8.95 -0.59
CA ARG A 308 13.57 9.95 -1.58
C ARG A 308 15.02 9.91 -2.07
N LYS A 309 15.20 10.29 -3.33
CA LYS A 309 16.52 10.45 -3.92
C LYS A 309 17.30 11.55 -3.20
N ASP A 310 18.60 11.32 -2.98
CA ASP A 310 19.51 12.39 -2.61
C ASP A 310 19.45 13.52 -3.65
N LEU A 311 19.74 14.74 -3.21
CA LEU A 311 19.65 15.91 -4.11
C LEU A 311 20.80 16.03 -5.08
N ASP A 312 21.93 15.37 -4.78
CA ASP A 312 23.13 15.50 -5.60
C ASP A 312 23.77 14.17 -6.03
N ALA A 313 23.92 13.24 -5.08
CA ALA A 313 24.48 11.92 -5.36
C ALA A 313 23.44 11.05 -6.08
N GLU A 314 23.76 10.64 -7.30
CA GLU A 314 22.77 9.96 -8.13
C GLU A 314 22.36 8.58 -7.60
N LYS A 315 23.22 7.97 -6.81
CA LYS A 315 22.89 6.67 -6.20
C LYS A 315 22.52 6.76 -4.72
N GLY A 316 22.54 7.97 -4.18
CA GLY A 316 22.17 8.22 -2.79
C GLY A 316 20.67 8.24 -2.55
N ILE A 317 20.24 7.53 -1.50
CA ILE A 317 18.82 7.45 -1.11
C ILE A 317 18.70 7.70 0.39
N HIS A 318 17.73 8.53 0.79
CA HIS A 318 17.45 8.78 2.20
C HIS A 318 16.17 8.06 2.54
N MET A 319 16.03 7.63 3.79
CA MET A 319 14.78 7.05 4.27
C MET A 319 14.66 7.13 5.79
N TRP A 320 13.48 6.76 6.30
CA TRP A 320 13.12 6.85 7.71
C TRP A 320 12.56 5.50 8.13
N VAL A 321 13.20 4.89 9.11
CA VAL A 321 12.93 3.49 9.47
C VAL A 321 12.60 3.39 10.95
N VAL A 322 11.43 2.81 11.26
CA VAL A 322 10.93 2.69 12.63
C VAL A 322 10.52 1.25 12.96
N SER A 323 10.78 0.84 14.20
CA SER A 323 10.39 -0.48 14.68
C SER A 323 10.41 -0.53 16.22
N ASP A 324 9.52 -1.33 16.78
CA ASP A 324 9.47 -1.59 18.20
C ASP A 324 10.75 -2.33 18.61
N ASN A 325 11.61 -1.66 19.37
CA ASN A 325 12.90 -2.22 19.75
C ASN A 325 12.84 -3.50 20.62
N LEU A 326 11.70 -3.76 21.23
CA LEU A 326 11.56 -4.94 22.09
C LEU A 326 10.94 -6.14 21.37
N LEU A 327 10.29 -5.91 20.23
CA LEU A 327 9.71 -6.99 19.45
C LEU A 327 10.70 -7.37 18.38
N LYS A 328 10.54 -6.86 17.16
CA LYS A 328 11.47 -7.17 16.12
C LYS A 328 12.92 -6.83 16.51
N GLY A 329 13.10 -5.80 17.34
CA GLY A 329 14.43 -5.45 17.81
C GLY A 329 15.03 -6.43 18.82
N ALA A 330 14.19 -7.30 19.39
CA ALA A 330 14.71 -8.28 20.33
C ALA A 330 13.91 -9.59 20.36
N ALA A 331 12.85 -9.61 21.16
CA ALA A 331 12.13 -10.84 21.46
C ALA A 331 11.50 -11.49 20.23
N TRP A 332 10.91 -10.70 19.34
CA TRP A 332 10.34 -11.30 18.11
C TRP A 332 11.43 -11.85 17.18
N ASN A 333 12.51 -11.11 16.98
CA ASN A 333 13.60 -11.64 16.14
C ASN A 333 14.15 -12.96 16.71
N SER A 334 14.12 -13.11 18.04
CA SER A 334 14.63 -14.31 18.70
C SER A 334 13.74 -15.51 18.50
N VAL A 335 12.45 -15.31 18.78
CA VAL A 335 11.43 -16.33 18.57
C VAL A 335 11.37 -16.70 17.07
N GLN A 336 11.45 -15.68 16.21
CA GLN A 336 11.49 -15.91 14.75
C GLN A 336 12.72 -16.72 14.31
N ILE A 337 13.87 -16.51 14.96
CA ILE A 337 15.05 -17.34 14.68
C ILE A 337 14.75 -18.81 15.03
N ALA A 338 14.06 -19.03 16.15
CA ALA A 338 13.67 -20.37 16.60
C ALA A 338 12.68 -21.02 15.63
N GLU A 339 11.69 -20.26 15.17
CA GLU A 339 10.76 -20.74 14.16
C GLU A 339 11.49 -21.10 12.86
N THR A 340 12.41 -20.24 12.45
CA THR A 340 13.18 -20.47 11.22
C THR A 340 14.11 -21.69 11.34
N LEU A 341 14.74 -21.87 12.50
CA LEU A 341 15.53 -23.10 12.73
C LEU A 341 14.66 -24.34 12.57
N HIS A 342 13.46 -24.31 13.14
CA HIS A 342 12.54 -25.44 12.97
C HIS A 342 12.09 -25.60 11.51
N GLU A 343 11.79 -24.47 10.86
CA GLU A 343 11.32 -24.45 9.47
C GLU A 343 12.33 -25.13 8.55
N ARG A 344 13.62 -24.94 8.83
CA ARG A 344 14.69 -25.46 7.99
C ARG A 344 15.26 -26.79 8.50
N GLY A 345 14.63 -27.36 9.53
CA GLY A 345 15.04 -28.67 10.05
C GLY A 345 16.38 -28.67 10.76
N LEU A 346 16.66 -27.59 11.49
CA LEU A 346 17.99 -27.36 12.02
C LEU A 346 18.05 -27.41 13.55
N VAL A 347 16.96 -27.83 14.19
CA VAL A 347 17.00 -28.05 15.63
C VAL A 347 17.53 -29.45 15.94
N ARG A 348 18.81 -29.52 16.30
CA ARG A 348 19.50 -30.79 16.50
C ARG A 348 20.68 -30.58 17.44
N PRO A 349 21.09 -31.62 18.20
CA PRO A 349 22.33 -31.53 18.97
C PRO A 349 23.53 -31.25 18.06
N THR A 350 24.47 -30.43 18.52
CA THR A 350 25.76 -30.26 17.83
C THR A 350 26.73 -31.27 18.39
N ALA A 351 27.40 -32.02 17.51
CA ALA A 351 28.33 -33.08 17.94
C ALA A 351 29.62 -32.52 18.56
N GLU A 352 30.14 -31.45 17.95
CA GLU A 352 31.38 -30.85 18.40
C GLU A 352 31.17 -29.52 19.14
N LEU A 353 31.70 -29.43 20.35
CA LEU A 353 31.63 -28.21 21.13
C LEU A 353 32.71 -27.24 20.67
N LYS A 354 32.33 -26.00 20.40
CA LYS A 354 33.28 -25.00 19.92
C LYS A 354 33.44 -23.81 20.87
N PHE A 355 32.77 -23.89 22.01
CA PHE A 355 32.76 -22.80 22.98
C PHE A 355 33.22 -23.32 24.32
N GLU A 356 34.23 -22.69 24.90
CA GLU A 356 34.79 -23.20 26.16
C GLU A 356 33.87 -22.97 27.36
N LEU A 357 33.93 -23.92 28.28
CA LEU A 357 33.15 -23.87 29.52
C LEU A 357 33.91 -23.01 30.55
N LYS A 358 33.18 -22.42 31.50
CA LYS A 358 33.77 -21.47 32.46
C LYS A 358 33.36 -21.73 33.91
N GLY B 2 21.93 58.52 19.41
CA GLY B 2 21.88 57.07 19.08
C GLY B 2 20.75 56.68 18.15
N TYR B 3 20.20 55.49 18.36
CA TYR B 3 19.22 54.89 17.45
C TYR B 3 17.83 54.74 18.06
N THR B 4 16.81 54.96 17.23
CA THR B 4 15.45 54.53 17.52
C THR B 4 15.24 53.15 16.90
N VAL B 5 14.96 52.16 17.74
CA VAL B 5 14.83 50.77 17.30
C VAL B 5 13.43 50.22 17.58
N ALA B 6 12.82 49.61 16.56
CA ALA B 6 11.47 49.05 16.67
C ALA B 6 11.44 47.53 16.65
N VAL B 7 10.57 46.95 17.49
CA VAL B 7 10.36 45.50 17.51
C VAL B 7 8.93 45.19 17.03
N VAL B 8 8.83 44.73 15.78
CA VAL B 8 7.56 44.43 15.14
C VAL B 8 7.15 42.99 15.49
N GLY B 9 6.00 42.85 16.14
CA GLY B 9 5.57 41.54 16.65
C GLY B 9 6.16 41.26 18.02
N ALA B 10 6.12 42.28 18.88
CA ALA B 10 6.58 42.18 20.26
C ALA B 10 5.66 41.29 21.10
N THR B 11 4.40 41.22 20.69
CA THR B 11 3.33 40.49 21.41
C THR B 11 3.56 38.97 21.50
N GLY B 12 4.14 38.39 20.44
CA GLY B 12 4.47 36.96 20.44
C GLY B 12 5.62 36.64 21.38
N ALA B 13 6.01 35.37 21.42
CA ALA B 13 7.16 34.91 22.22
C ALA B 13 8.38 34.67 21.34
N VAL B 14 8.26 35.14 20.09
CA VAL B 14 9.39 35.26 19.17
C VAL B 14 10.00 36.64 19.45
N GLY B 15 9.15 37.54 19.95
CA GLY B 15 9.57 38.87 20.39
C GLY B 15 10.03 38.93 21.84
N ALA B 16 9.66 37.92 22.63
CA ALA B 16 10.05 37.83 24.04
C ALA B 16 11.57 37.76 24.17
N GLN B 17 12.16 36.88 23.36
CA GLN B 17 13.59 36.68 23.35
C GLN B 17 14.30 37.80 22.58
N MET B 18 13.57 38.41 21.65
CA MET B 18 14.05 39.58 20.88
C MET B 18 14.33 40.76 21.81
N ILE B 19 13.43 40.97 22.76
CA ILE B 19 13.53 42.03 23.77
C ILE B 19 14.70 41.77 24.72
N LYS B 20 14.81 40.54 25.22
CA LYS B 20 15.87 40.15 26.16
C LYS B 20 17.29 40.30 25.58
N MET B 21 17.43 40.02 24.29
CA MET B 21 18.70 40.22 23.58
C MET B 21 18.97 41.71 23.32
N LEU B 22 17.91 42.48 23.09
CA LEU B 22 18.04 43.93 22.94
C LEU B 22 18.49 44.63 24.22
N GLU B 23 17.99 44.15 25.36
CA GLU B 23 18.30 44.73 26.68
C GLU B 23 19.78 44.60 27.04
N GLU B 24 20.43 43.58 26.50
CA GLU B 24 21.83 43.30 26.80
C GLU B 24 22.73 43.63 25.61
N SER B 25 22.18 44.37 24.65
CA SER B 25 22.85 44.70 23.40
C SER B 25 23.91 45.79 23.57
N THR B 26 24.93 45.77 22.73
CA THR B 26 25.93 46.84 22.69
C THR B 26 25.43 47.99 21.82
N LEU B 27 24.21 47.86 21.31
CA LEU B 27 23.64 48.82 20.40
C LEU B 27 23.18 50.10 21.12
N PRO B 28 23.65 51.27 20.66
CA PRO B 28 23.27 52.55 21.26
C PRO B 28 21.81 52.93 20.97
N ILE B 29 20.93 52.61 21.92
CA ILE B 29 19.49 52.81 21.75
C ILE B 29 19.00 54.03 22.52
N ASP B 30 18.46 55.01 21.79
CA ASP B 30 17.87 56.22 22.39
C ASP B 30 16.39 56.01 22.71
N LYS B 31 15.63 55.59 21.70
CA LYS B 31 14.22 55.26 21.90
C LYS B 31 13.93 53.82 21.44
N ILE B 32 13.23 53.09 22.29
CA ILE B 32 12.76 51.76 21.96
C ILE B 32 11.26 51.85 21.66
N ARG B 33 10.86 51.26 20.53
CA ARG B 33 9.46 51.22 20.12
C ARG B 33 8.99 49.80 19.91
N TYR B 34 7.75 49.53 20.31
CA TYR B 34 7.13 48.24 20.07
C TYR B 34 5.96 48.37 19.11
N LEU B 35 5.88 47.46 18.15
CA LEU B 35 4.82 47.46 17.16
C LEU B 35 4.12 46.10 17.09
N ALA B 36 2.80 46.14 16.95
CA ALA B 36 1.95 44.96 16.76
C ALA B 36 0.64 45.36 16.07
N SER B 37 -0.36 44.47 16.10
CA SER B 37 -1.68 44.74 15.53
C SER B 37 -2.57 45.54 16.50
N ALA B 38 -3.69 46.06 15.99
CA ALA B 38 -4.65 46.79 16.80
C ALA B 38 -5.31 45.94 17.89
N ARG B 39 -4.97 44.65 17.90
CA ARG B 39 -5.45 43.69 18.91
C ARG B 39 -4.90 43.99 20.30
N SER B 40 -3.82 44.77 20.35
CA SER B 40 -3.10 45.06 21.60
C SER B 40 -2.44 46.44 21.61
N ALA B 41 -2.81 47.29 20.65
CA ALA B 41 -2.20 48.62 20.49
C ALA B 41 -2.69 49.64 21.52
N GLY B 42 -2.25 49.47 22.76
CA GLY B 42 -2.61 50.36 23.87
C GLY B 42 -2.14 49.84 25.21
N LYS B 43 -1.60 48.62 25.22
CA LYS B 43 -1.11 47.96 26.44
C LYS B 43 0.32 48.39 26.80
N SER B 44 0.97 47.64 27.69
CA SER B 44 2.33 47.98 28.14
C SER B 44 3.26 46.76 28.25
N LEU B 45 4.50 46.96 27.83
CA LEU B 45 5.55 45.95 27.92
C LEU B 45 6.89 46.58 28.28
N LYS B 46 7.67 45.88 29.10
CA LYS B 46 8.93 46.41 29.64
C LYS B 46 10.15 46.26 28.74
N PHE B 47 10.93 47.34 28.62
CA PHE B 47 12.30 47.28 28.13
C PHE B 47 13.21 47.64 29.29
N LYS B 48 14.03 46.67 29.71
CA LYS B 48 14.80 46.74 30.97
C LYS B 48 13.87 46.95 32.17
N ASP B 49 13.64 48.21 32.54
CA ASP B 49 12.74 48.55 33.66
C ASP B 49 11.65 49.57 33.30
N GLN B 50 11.83 50.29 32.18
CA GLN B 50 10.83 51.23 31.70
C GLN B 50 9.64 50.52 31.04
N ASP B 51 8.48 51.16 31.06
CA ASP B 51 7.26 50.61 30.46
C ASP B 51 6.97 51.28 29.12
N ILE B 52 6.78 50.46 28.08
CA ILE B 52 6.65 50.96 26.71
C ILE B 52 5.20 50.86 26.19
N THR B 53 4.73 51.97 25.61
CA THR B 53 3.44 52.01 24.93
C THR B 53 3.54 51.22 23.63
N ILE B 54 2.63 50.27 23.43
CA ILE B 54 2.53 49.53 22.18
C ILE B 54 1.71 50.34 21.17
N GLU B 55 2.28 50.54 19.98
CA GLU B 55 1.59 51.25 18.92
C GLU B 55 1.09 50.27 17.86
N GLU B 56 0.26 50.76 16.94
CA GLU B 56 -0.25 49.93 15.85
C GLU B 56 0.74 49.91 14.69
N THR B 57 0.94 48.74 14.11
CA THR B 57 1.77 48.59 12.90
C THR B 57 1.02 49.14 11.69
N THR B 58 1.50 50.25 11.15
CA THR B 58 0.88 50.89 9.97
C THR B 58 1.90 51.14 8.87
N GLU B 59 1.46 51.81 7.80
CA GLU B 59 2.31 52.09 6.65
C GLU B 59 3.19 53.34 6.83
N THR B 60 2.87 54.15 7.84
CA THR B 60 3.62 55.39 8.13
C THR B 60 4.14 55.46 9.59
N ALA B 61 4.08 54.33 10.29
CA ALA B 61 4.50 54.25 11.70
C ALA B 61 6.02 54.17 11.85
N PHE B 62 6.74 54.06 10.74
CA PHE B 62 8.17 53.76 10.79
C PHE B 62 9.10 54.97 10.71
N GLU B 63 8.53 56.16 10.58
CA GLU B 63 9.33 57.39 10.41
C GLU B 63 10.15 57.70 11.67
N GLY B 64 11.43 58.03 11.47
CA GLY B 64 12.35 58.30 12.58
C GLY B 64 12.96 57.07 13.22
N VAL B 65 12.57 55.89 12.74
CA VAL B 65 13.13 54.62 13.20
C VAL B 65 14.36 54.26 12.37
N ASP B 66 15.45 53.92 13.06
CA ASP B 66 16.71 53.56 12.39
C ASP B 66 16.75 52.08 12.03
N ILE B 67 16.36 51.23 12.98
CA ILE B 67 16.36 49.78 12.79
C ILE B 67 15.04 49.19 13.26
N ALA B 68 14.47 48.29 12.46
CA ALA B 68 13.32 47.51 12.88
C ALA B 68 13.62 46.01 12.82
N LEU B 69 13.48 45.34 13.96
CA LEU B 69 13.66 43.90 14.05
C LEU B 69 12.29 43.24 14.00
N PHE B 70 12.01 42.55 12.90
CA PHE B 70 10.73 41.89 12.73
C PHE B 70 10.74 40.53 13.42
N SER B 71 9.66 40.23 14.14
CA SER B 71 9.48 38.96 14.84
C SER B 71 8.00 38.52 14.82
N ALA B 72 7.33 38.84 13.71
CA ALA B 72 5.94 38.45 13.50
C ALA B 72 5.87 37.34 12.44
N GLY B 73 4.79 37.35 11.66
CA GLY B 73 4.61 36.36 10.62
C GLY B 73 5.07 36.85 9.27
N SER B 74 5.19 35.90 8.34
CA SER B 74 5.61 36.16 6.97
C SER B 74 4.75 37.22 6.28
N SER B 75 3.45 37.25 6.59
CA SER B 75 2.51 38.20 5.99
C SER B 75 2.72 39.63 6.49
N THR B 76 3.17 39.77 7.74
CA THR B 76 3.44 41.08 8.34
C THR B 76 4.68 41.69 7.70
N SER B 77 5.72 40.87 7.55
CA SER B 77 6.95 41.29 6.88
C SER B 77 6.68 41.68 5.43
N ALA B 78 5.98 40.81 4.70
CA ALA B 78 5.65 41.03 3.29
C ALA B 78 4.99 42.39 3.00
N LYS B 79 4.16 42.87 3.91
CA LYS B 79 3.42 44.10 3.68
C LYS B 79 4.07 45.32 4.33
N TYR B 80 4.62 45.15 5.54
CA TYR B 80 5.10 46.29 6.34
C TYR B 80 6.59 46.61 6.23
N ALA B 81 7.42 45.61 5.92
CA ALA B 81 8.84 45.83 5.69
C ALA B 81 9.17 46.79 4.52
N PRO B 82 8.44 46.68 3.38
CA PRO B 82 8.74 47.59 2.26
C PRO B 82 8.43 49.07 2.56
N TYR B 83 7.53 49.32 3.51
CA TYR B 83 7.23 50.67 3.95
C TYR B 83 8.33 51.19 4.88
N ALA B 84 8.83 50.30 5.74
CA ALA B 84 9.91 50.63 6.65
C ALA B 84 11.16 51.04 5.89
N VAL B 85 11.49 50.32 4.82
CA VAL B 85 12.62 50.67 3.95
C VAL B 85 12.42 52.06 3.35
N LYS B 86 11.24 52.30 2.80
CA LYS B 86 10.89 53.57 2.20
C LYS B 86 11.08 54.72 3.20
N ALA B 87 10.59 54.52 4.42
CA ALA B 87 10.68 55.52 5.50
C ALA B 87 12.12 55.92 5.86
N GLY B 88 13.06 54.97 5.74
CA GLY B 88 14.46 55.24 6.01
C GLY B 88 15.11 54.19 6.89
N VAL B 89 14.29 53.27 7.39
CA VAL B 89 14.69 52.22 8.33
C VAL B 89 15.57 51.16 7.66
N VAL B 90 16.42 50.51 8.46
CA VAL B 90 17.11 49.29 8.06
C VAL B 90 16.43 48.10 8.73
N VAL B 91 15.90 47.19 7.91
CA VAL B 91 15.07 46.08 8.37
C VAL B 91 15.88 44.79 8.55
N VAL B 92 15.75 44.18 9.72
CA VAL B 92 16.26 42.84 9.97
C VAL B 92 15.06 41.93 10.14
N ASP B 93 14.84 41.07 9.14
CA ASP B 93 13.66 40.19 9.09
C ASP B 93 13.97 38.75 9.48
N ASN B 94 13.21 38.23 10.43
CA ASN B 94 13.40 36.88 10.94
C ASN B 94 12.79 35.81 10.06
N THR B 95 11.71 36.16 9.37
CA THR B 95 10.89 35.22 8.59
C THR B 95 11.59 34.73 7.34
N SER B 96 11.00 33.73 6.68
CA SER B 96 11.54 33.19 5.43
C SER B 96 11.28 34.05 4.18
N TYR B 97 10.31 34.97 4.28
CA TYR B 97 9.76 35.63 3.09
C TYR B 97 10.77 36.30 2.13
N PHE B 98 11.84 36.88 2.68
CA PHE B 98 12.82 37.57 1.85
C PHE B 98 14.13 36.78 1.64
N ARG B 99 14.21 35.59 2.22
CA ARG B 99 15.48 34.85 2.26
C ARG B 99 16.12 34.54 0.90
N GLN B 100 15.31 34.18 -0.10
CA GLN B 100 15.84 33.80 -1.41
C GLN B 100 15.83 34.94 -2.45
N ASN B 101 15.52 36.15 -1.99
CA ASN B 101 15.57 37.34 -2.84
C ASN B 101 17.02 37.79 -2.99
N PRO B 102 17.54 37.83 -4.25
CA PRO B 102 18.93 38.23 -4.48
C PRO B 102 19.29 39.67 -4.08
N ASP B 103 18.27 40.48 -3.72
CA ASP B 103 18.49 41.84 -3.21
C ASP B 103 18.60 41.87 -1.68
N VAL B 104 18.37 40.71 -1.07
CA VAL B 104 18.37 40.58 0.39
C VAL B 104 19.55 39.72 0.84
N PRO B 105 20.51 40.33 1.59
CA PRO B 105 21.60 39.54 2.20
C PRO B 105 21.07 38.59 3.27
N LEU B 106 21.57 37.35 3.26
CA LEU B 106 21.15 36.32 4.22
C LEU B 106 22.33 35.98 5.13
N VAL B 107 22.29 36.51 6.36
CA VAL B 107 23.50 36.66 7.16
C VAL B 107 23.50 35.92 8.51
N VAL B 108 24.61 35.24 8.76
CA VAL B 108 25.06 34.83 10.09
C VAL B 108 26.39 35.57 10.24
N PRO B 109 26.46 36.53 11.17
CA PRO B 109 27.56 37.50 11.22
C PRO B 109 28.98 36.93 11.30
N GLU B 110 29.15 35.80 11.99
CA GLU B 110 30.46 35.14 12.09
C GLU B 110 30.91 34.57 10.75
N VAL B 111 29.95 34.28 9.88
CA VAL B 111 30.20 33.56 8.64
C VAL B 111 30.34 34.48 7.42
N ASN B 112 29.35 35.33 7.18
CA ASN B 112 29.35 36.17 6.00
C ASN B 112 28.98 37.63 6.28
N ALA B 113 29.69 38.26 7.22
CA ALA B 113 29.49 39.67 7.55
C ALA B 113 29.62 40.58 6.34
N HIS B 114 30.44 40.17 5.37
CA HIS B 114 30.73 40.98 4.17
C HIS B 114 29.52 41.20 3.26
N ALA B 115 28.53 40.31 3.37
CA ALA B 115 27.30 40.38 2.57
C ALA B 115 26.42 41.54 2.98
N LEU B 116 26.63 42.06 4.19
CA LEU B 116 25.86 43.18 4.69
C LEU B 116 26.17 44.47 3.93
N ASP B 117 27.39 44.58 3.39
CA ASP B 117 27.85 45.83 2.76
C ASP B 117 26.96 46.31 1.62
N ALA B 118 26.41 45.37 0.86
CA ALA B 118 25.60 45.69 -0.33
C ALA B 118 24.09 45.65 -0.09
N HIS B 119 23.68 45.68 1.18
CA HIS B 119 22.26 45.60 1.52
C HIS B 119 21.43 46.74 0.92
N ASN B 120 20.15 46.45 0.68
CA ASN B 120 19.21 47.41 0.11
C ASN B 120 18.06 47.72 1.07
N GLY B 121 18.35 47.72 2.36
CA GLY B 121 17.36 48.08 3.37
C GLY B 121 16.78 46.91 4.16
N ILE B 122 16.92 45.71 3.61
CA ILE B 122 16.45 44.50 4.28
C ILE B 122 17.56 43.45 4.39
N ILE B 123 17.75 42.95 5.60
CA ILE B 123 18.63 41.82 5.85
C ILE B 123 17.79 40.69 6.44
N ALA B 124 18.04 39.47 5.95
CA ALA B 124 17.26 38.32 6.37
C ALA B 124 18.05 37.45 7.34
N CYS B 125 17.40 37.09 8.44
CA CYS B 125 17.95 36.10 9.35
C CYS B 125 17.53 34.71 8.84
N PRO B 126 18.50 33.79 8.72
CA PRO B 126 18.22 32.41 8.31
C PRO B 126 17.38 31.58 9.28
N ASN B 127 16.87 30.47 8.76
CA ASN B 127 16.28 29.36 9.51
C ASN B 127 17.17 28.87 10.69
N CYS B 128 16.55 28.51 11.83
N CYS B 128 16.52 28.52 11.81
CA CYS B 128 17.32 28.13 13.05
CA CYS B 128 17.17 28.08 13.06
C CYS B 128 18.33 27.02 12.83
C CYS B 128 18.25 27.02 12.87
N SER B 129 17.88 25.93 12.20
CA SER B 129 18.75 24.77 12.03
C SER B 129 19.94 25.07 11.12
N THR B 130 19.72 25.93 10.14
CA THR B 130 20.75 26.37 9.23
C THR B 130 21.81 27.18 9.97
N ILE B 131 21.36 28.13 10.80
CA ILE B 131 22.27 29.02 11.53
C ILE B 131 23.32 28.28 12.33
N GLN B 132 22.89 27.39 13.24
CA GLN B 132 23.85 26.66 14.08
C GLN B 132 24.82 25.79 13.28
N MET B 133 24.33 25.22 12.18
CA MET B 133 25.18 24.42 11.31
C MET B 133 26.27 25.27 10.65
N MET B 134 25.91 26.47 10.21
CA MET B 134 26.90 27.38 9.60
C MET B 134 28.02 27.78 10.57
N VAL B 135 27.67 28.10 11.81
CA VAL B 135 28.68 28.48 12.81
C VAL B 135 29.64 27.34 13.09
N ALA B 136 29.11 26.12 13.09
CA ALA B 136 29.89 24.90 13.29
C ALA B 136 30.81 24.54 12.12
N LEU B 137 30.34 24.75 10.91
CA LEU B 137 31.04 24.26 9.72
C LEU B 137 31.93 25.27 9.00
N GLU B 138 31.61 26.56 9.14
CA GLU B 138 32.40 27.63 8.52
C GLU B 138 33.91 27.59 8.86
N PRO B 139 34.26 27.41 10.16
CA PRO B 139 35.68 27.25 10.49
C PRO B 139 36.33 26.08 9.77
N VAL B 140 35.55 25.06 9.43
CA VAL B 140 36.08 23.90 8.73
C VAL B 140 36.20 24.16 7.23
N ARG B 141 35.21 24.86 6.68
CA ARG B 141 35.21 25.17 5.25
C ARG B 141 36.41 26.01 4.85
N GLN B 142 36.70 27.06 5.62
CA GLN B 142 37.75 28.01 5.23
C GLN B 142 39.18 27.47 5.34
N LYS B 143 39.37 26.40 6.11
CA LYS B 143 40.67 25.73 6.15
C LYS B 143 40.76 24.56 5.17
N TRP B 144 39.68 23.80 5.02
CA TRP B 144 39.71 22.53 4.27
C TRP B 144 38.64 22.38 3.18
N GLY B 145 37.79 23.39 3.02
CA GLY B 145 36.70 23.34 2.05
C GLY B 145 35.55 22.41 2.42
N LEU B 146 34.45 22.54 1.69
CA LEU B 146 33.27 21.71 1.85
C LEU B 146 32.77 21.21 0.52
N ASP B 147 32.61 19.90 0.40
CA ASP B 147 32.05 19.30 -0.80
C ASP B 147 30.60 18.97 -0.63
N ARG B 148 30.27 18.31 0.48
CA ARG B 148 28.91 17.94 0.77
C ARG B 148 28.59 17.94 2.25
N ILE B 149 27.30 18.05 2.55
CA ILE B 149 26.76 17.95 3.87
C ILE B 149 25.58 16.99 3.81
N ILE B 150 25.53 16.06 4.76
CA ILE B 150 24.35 15.27 5.03
C ILE B 150 23.98 15.52 6.48
N VAL B 151 22.76 15.98 6.71
CA VAL B 151 22.33 16.35 8.05
C VAL B 151 20.98 15.74 8.43
N SER B 152 20.92 15.23 9.65
CA SER B 152 19.69 14.81 10.29
C SER B 152 19.52 15.62 11.56
N THR B 153 18.36 16.26 11.70
CA THR B 153 18.13 17.15 12.84
C THR B 153 17.21 16.53 13.89
N TYR B 154 17.37 17.01 15.12
CA TYR B 154 16.56 16.65 16.26
C TYR B 154 16.10 18.00 16.80
N GLN B 155 14.96 18.45 16.31
CA GLN B 155 14.55 19.84 16.49
C GLN B 155 13.51 20.02 17.58
N ALA B 156 13.67 21.07 18.37
CA ALA B 156 12.78 21.34 19.50
C ALA B 156 11.45 21.96 19.05
N VAL B 157 10.42 21.77 19.88
CA VAL B 157 9.06 22.18 19.53
C VAL B 157 8.82 23.70 19.51
N SER B 158 9.66 24.48 20.20
CA SER B 158 9.51 25.94 20.23
C SER B 158 9.79 26.57 18.87
N GLY B 159 10.49 25.82 18.03
CA GLY B 159 10.70 26.18 16.63
C GLY B 159 9.39 26.36 15.89
N ALA B 160 8.36 25.62 16.32
CA ALA B 160 7.02 25.73 15.73
C ALA B 160 6.06 26.66 16.49
N GLY B 161 6.58 27.50 17.38
CA GLY B 161 5.76 28.53 18.04
C GLY B 161 5.38 28.22 19.48
N MET B 162 4.72 29.19 20.13
CA MET B 162 4.31 29.04 21.53
C MET B 162 3.24 27.95 21.70
N GLY B 163 2.27 27.94 20.78
CA GLY B 163 1.19 26.95 20.78
C GLY B 163 1.70 25.52 20.74
N ALA B 164 2.86 25.30 20.12
CA ALA B 164 3.46 23.98 20.02
C ALA B 164 4.05 23.52 21.36
N ILE B 165 4.63 24.47 22.11
CA ILE B 165 5.22 24.19 23.42
C ILE B 165 4.13 23.72 24.39
N LEU B 166 2.99 24.41 24.36
CA LEU B 166 1.86 24.11 25.22
C LEU B 166 1.18 22.79 24.86
N GLU B 167 1.06 22.51 23.57
CA GLU B 167 0.50 21.24 23.09
C GLU B 167 1.34 20.07 23.58
N THR B 168 2.67 20.26 23.54
CA THR B 168 3.59 19.21 23.93
C THR B 168 3.48 18.91 25.43
N GLN B 169 3.37 19.97 26.22
CA GLN B 169 3.20 19.84 27.66
C GLN B 169 1.87 19.17 28.01
N ARG B 170 0.79 19.61 27.36
CA ARG B 170 -0.53 19.02 27.58
C ARG B 170 -0.51 17.52 27.33
N GLU B 171 0.10 17.14 26.19
CA GLU B 171 0.20 15.75 25.76
C GLU B 171 0.99 14.86 26.73
N LEU B 172 2.16 15.34 27.14
CA LEU B 172 2.99 14.60 28.09
C LEU B 172 2.32 14.47 29.46
N ARG B 173 1.66 15.54 29.90
CA ARG B 173 0.89 15.49 31.15
C ARG B 173 -0.24 14.47 31.08
N GLU B 174 -0.87 14.35 29.91
CA GLU B 174 -1.94 13.39 29.69
C GLU B 174 -1.45 11.95 29.76
N VAL B 175 -0.30 11.69 29.15
CA VAL B 175 0.30 10.35 29.17
C VAL B 175 0.67 9.97 30.58
N LEU B 176 1.33 10.88 31.28
CA LEU B 176 1.93 10.58 32.58
C LEU B 176 0.96 10.62 33.76
N ASN B 177 0.03 11.55 33.76
CA ASN B 177 -0.92 11.70 34.86
C ASN B 177 -2.26 11.02 34.64
N ASP B 178 -2.70 10.94 33.39
CA ASP B 178 -4.06 10.50 33.05
C ASP B 178 -4.12 9.08 32.51
N GLY B 179 -2.96 8.56 32.10
CA GLY B 179 -2.85 7.18 31.64
C GLY B 179 -3.17 6.97 30.16
N VAL B 180 -3.21 8.06 29.41
CA VAL B 180 -3.52 8.02 27.98
C VAL B 180 -2.33 7.48 27.18
N LYS B 181 -2.61 6.51 26.31
CA LYS B 181 -1.63 5.98 25.36
C LYS B 181 -1.25 7.07 24.37
N PRO B 182 0.06 7.22 24.08
CA PRO B 182 0.47 8.28 23.15
C PRO B 182 -0.19 8.17 21.77
N CYS B 183 -0.39 6.95 21.27
CA CYS B 183 -1.13 6.76 20.01
C CYS B 183 -2.59 7.24 20.06
N ASP B 184 -3.14 7.47 21.27
CA ASP B 184 -4.53 7.93 21.43
C ASP B 184 -4.67 9.43 21.74
N LEU B 185 -3.54 10.14 21.81
CA LEU B 185 -3.54 11.57 22.05
C LEU B 185 -4.17 12.36 20.90
N HIS B 186 -4.90 13.43 21.22
CA HIS B 186 -5.44 14.35 20.24
C HIS B 186 -4.43 15.48 20.05
N ALA B 187 -4.14 15.81 18.80
CA ALA B 187 -3.20 16.89 18.47
C ALA B 187 -3.86 17.89 17.52
N GLU B 188 -3.43 19.15 17.60
CA GLU B 188 -4.02 20.20 16.79
C GLU B 188 -3.00 21.06 16.05
N ILE B 189 -1.73 21.01 16.44
CA ILE B 189 -0.72 21.88 15.84
C ILE B 189 0.41 21.14 15.12
N LEU B 190 1.13 20.30 15.85
CA LEU B 190 2.24 19.56 15.26
C LEU B 190 1.74 18.41 14.38
N PRO B 191 2.50 18.05 13.32
CA PRO B 191 3.81 18.56 12.92
C PRO B 191 3.84 20.00 12.38
N SER B 192 2.78 20.43 11.68
CA SER B 192 2.72 21.80 11.15
C SER B 192 1.32 22.42 11.20
N GLY B 193 1.25 23.66 11.68
CA GLY B 193 -0.01 24.40 11.75
C GLY B 193 -0.60 24.69 10.37
N GLY B 194 0.26 24.70 9.35
CA GLY B 194 -0.15 24.95 7.97
C GLY B 194 -0.49 23.70 7.18
N ASP B 195 -0.51 22.54 7.86
CA ASP B 195 -0.82 21.28 7.18
C ASP B 195 -2.13 20.64 7.66
N LYS B 196 -2.62 19.64 6.94
CA LYS B 196 -3.97 19.09 7.15
C LYS B 196 -4.13 18.19 8.38
N LYS B 197 -3.17 17.31 8.61
CA LYS B 197 -3.28 16.33 9.68
C LYS B 197 -2.33 16.66 10.83
N HIS B 198 -2.73 16.30 12.03
CA HIS B 198 -1.91 16.56 13.20
C HIS B 198 -1.69 15.28 14.00
N TYR B 199 -0.45 15.10 14.45
CA TYR B 199 -0.05 13.92 15.21
C TYR B 199 0.59 14.33 16.54
N PRO B 200 0.50 13.45 17.57
CA PRO B 200 1.13 13.74 18.86
C PRO B 200 2.65 13.74 18.74
N ILE B 201 3.31 14.59 19.53
CA ILE B 201 4.78 14.62 19.60
C ILE B 201 5.28 13.89 20.86
N ALA B 202 4.39 13.65 21.81
CA ALA B 202 4.79 13.06 23.08
C ALA B 202 5.30 11.66 22.82
N PHE B 203 6.50 11.38 23.32
CA PHE B 203 7.14 10.06 23.16
C PHE B 203 7.21 9.62 21.71
N ASN B 204 7.26 10.59 20.81
CA ASN B 204 7.30 10.34 19.38
C ASN B 204 8.46 11.10 18.77
N ALA B 205 8.75 10.79 17.49
CA ALA B 205 9.68 11.54 16.69
C ALA B 205 9.07 11.66 15.30
N LEU B 206 8.84 12.89 14.87
CA LEU B 206 8.08 13.16 13.66
C LEU B 206 8.99 13.69 12.53
N PRO B 207 9.21 12.85 11.50
CA PRO B 207 10.06 13.23 10.37
C PRO B 207 9.36 14.20 9.41
N GLN B 208 8.70 15.22 9.98
CA GLN B 208 8.09 16.31 9.21
C GLN B 208 8.13 17.62 9.97
N ILE B 209 8.82 18.59 9.38
CA ILE B 209 8.86 19.94 9.87
C ILE B 209 8.55 20.81 8.67
N ASP B 210 7.67 21.79 8.89
CA ASP B 210 7.05 22.55 7.80
C ASP B 210 6.28 21.59 6.88
N VAL B 211 5.79 22.10 5.76
CA VAL B 211 5.02 21.28 4.81
C VAL B 211 5.92 20.65 3.74
N PHE B 212 5.36 19.70 3.00
CA PHE B 212 6.07 19.04 1.91
C PHE B 212 6.09 19.85 0.62
N THR B 213 7.21 19.75 -0.09
CA THR B 213 7.37 20.34 -1.42
C THR B 213 7.19 19.24 -2.46
N ASP B 214 7.29 19.62 -3.74
CA ASP B 214 7.09 18.69 -4.85
C ASP B 214 8.18 17.59 -5.04
N ASN B 215 9.36 17.80 -4.45
CA ASN B 215 10.43 16.79 -4.52
C ASN B 215 10.49 15.86 -3.29
N ASP B 216 9.40 15.81 -2.53
CA ASP B 216 9.26 14.93 -1.33
C ASP B 216 10.15 15.26 -0.12
N TYR B 217 11.01 16.27 -0.24
CA TYR B 217 11.62 16.90 0.93
C TYR B 217 10.66 17.96 1.48
N THR B 218 10.75 18.26 2.77
CA THR B 218 9.96 19.34 3.36
C THR B 218 10.61 20.70 3.11
N TYR B 219 9.84 21.77 3.24
CA TYR B 219 10.38 23.11 3.05
C TYR B 219 11.53 23.37 4.00
N GLU B 220 11.45 22.84 5.22
CA GLU B 220 12.50 23.00 6.22
C GLU B 220 13.79 22.34 5.73
N GLU B 221 13.67 21.15 5.15
CA GLU B 221 14.79 20.43 4.60
C GLU B 221 15.38 21.23 3.44
N MET B 222 14.51 21.71 2.56
CA MET B 222 14.93 22.52 1.43
C MET B 222 15.55 23.87 1.81
N LYS B 223 15.07 24.48 2.91
CA LYS B 223 15.70 25.69 3.45
C LYS B 223 17.18 25.43 3.79
N MET B 224 17.44 24.36 4.54
CA MET B 224 18.81 24.00 4.92
C MET B 224 19.73 23.87 3.69
N THR B 225 19.20 23.28 2.64
CA THR B 225 19.90 23.17 1.37
C THR B 225 20.11 24.55 0.71
N LYS B 226 19.02 25.21 0.35
CA LYS B 226 19.12 26.48 -0.39
C LYS B 226 19.81 27.58 0.40
N GLU B 227 19.58 27.64 1.71
CA GLU B 227 20.16 28.70 2.56
C GLU B 227 21.67 28.55 2.77
N THR B 228 22.12 27.33 2.97
CA THR B 228 23.55 27.00 3.07
C THR B 228 24.30 27.49 1.83
N LYS B 229 23.74 27.20 0.66
CA LYS B 229 24.31 27.66 -0.60
C LYS B 229 24.46 29.19 -0.63
N LYS B 230 23.42 29.92 -0.23
CA LYS B 230 23.43 31.38 -0.24
C LYS B 230 24.38 32.01 0.78
N ILE B 231 24.45 31.42 1.97
CA ILE B 231 25.27 31.93 3.10
C ILE B 231 26.76 31.73 2.83
N MET B 232 27.13 30.51 2.44
CA MET B 232 28.53 30.18 2.13
C MET B 232 28.94 30.60 0.70
N GLU B 233 27.98 31.18 -0.04
CA GLU B 233 28.16 31.68 -1.41
C GLU B 233 28.82 30.66 -2.35
N ASP B 234 28.24 29.47 -2.40
CA ASP B 234 28.80 28.36 -3.15
C ASP B 234 27.70 27.37 -3.47
N ASP B 235 27.24 27.40 -4.72
CA ASP B 235 26.17 26.52 -5.17
C ASP B 235 26.62 25.06 -5.36
N SER B 236 27.93 24.83 -5.40
CA SER B 236 28.47 23.48 -5.63
C SER B 236 28.48 22.58 -4.39
N ILE B 237 28.26 23.18 -3.22
CA ILE B 237 28.18 22.40 -1.98
C ILE B 237 26.87 21.60 -1.98
N ALA B 238 27.01 20.28 -1.99
CA ALA B 238 25.85 19.36 -1.95
C ALA B 238 25.27 19.28 -0.55
N VAL B 239 23.96 19.48 -0.43
CA VAL B 239 23.28 19.47 0.87
C VAL B 239 21.95 18.74 0.80
N SER B 240 21.82 17.68 1.59
CA SER B 240 20.55 17.02 1.79
C SER B 240 20.30 16.88 3.27
N ALA B 241 19.03 17.03 3.64
CA ALA B 241 18.62 17.12 5.02
C ALA B 241 17.44 16.21 5.33
N THR B 242 17.41 15.71 6.55
CA THR B 242 16.23 15.08 7.11
C THR B 242 15.90 15.86 8.39
N CYS B 243 14.73 16.47 8.46
CA CYS B 243 14.37 17.27 9.62
C CYS B 243 13.31 16.62 10.49
N VAL B 244 13.66 16.39 11.75
CA VAL B 244 12.81 15.62 12.65
C VAL B 244 12.44 16.43 13.91
N ARG B 245 11.16 16.42 14.26
CA ARG B 245 10.71 16.99 15.53
C ARG B 245 10.77 15.93 16.63
N ILE B 246 11.34 16.31 17.77
CA ILE B 246 11.41 15.43 18.93
C ILE B 246 10.81 16.12 20.17
N PRO B 247 10.52 15.37 21.25
CA PRO B 247 9.90 16.00 22.41
C PRO B 247 10.89 16.77 23.28
N VAL B 248 11.40 17.88 22.75
CA VAL B 248 12.30 18.78 23.45
C VAL B 248 11.65 20.15 23.28
N LEU B 249 11.62 20.96 24.34
CA LEU B 249 11.00 22.29 24.27
C LEU B 249 11.91 23.31 23.62
N SER B 250 13.17 23.33 24.03
CA SER B 250 14.12 24.29 23.47
C SER B 250 15.47 23.67 23.18
N ALA B 251 16.11 24.22 22.14
CA ALA B 251 17.44 23.85 21.66
C ALA B 251 17.41 22.72 20.64
N HIS B 252 17.86 23.04 19.42
CA HIS B 252 17.97 22.05 18.35
C HIS B 252 19.29 21.32 18.48
N SER B 253 19.26 20.04 18.16
CA SER B 253 20.46 19.23 18.01
C SER B 253 20.55 18.71 16.56
N GLU B 254 21.76 18.56 16.04
CA GLU B 254 21.95 18.08 14.66
C GLU B 254 23.08 17.07 14.54
N SER B 255 22.79 15.94 13.89
CA SER B 255 23.81 14.99 13.49
C SER B 255 24.30 15.41 12.10
N VAL B 256 25.53 15.91 12.04
CA VAL B 256 26.07 16.50 10.82
C VAL B 256 27.20 15.66 10.24
N TYR B 257 27.08 15.32 8.97
CA TYR B 257 28.16 14.65 8.24
C TYR B 257 28.65 15.53 7.13
N ILE B 258 29.98 15.68 7.06
CA ILE B 258 30.58 16.46 5.98
C ILE B 258 31.63 15.67 5.24
N GLU B 259 31.84 16.04 3.98
CA GLU B 259 33.02 15.64 3.26
C GLU B 259 33.71 16.92 2.82
N THR B 260 34.97 17.05 3.25
CA THR B 260 35.78 18.22 2.98
C THR B 260 36.47 18.07 1.61
N LYS B 261 37.05 19.16 1.12
CA LYS B 261 37.76 19.12 -0.16
C LYS B 261 39.14 18.48 -0.03
N GLU B 262 39.86 18.81 1.04
CA GLU B 262 41.11 18.12 1.39
C GLU B 262 41.00 17.56 2.81
N VAL B 263 41.82 16.56 3.13
CA VAL B 263 41.75 15.88 4.44
C VAL B 263 42.06 16.83 5.60
N ALA B 264 41.13 16.86 6.55
CA ALA B 264 41.25 17.70 7.74
C ALA B 264 41.49 16.83 8.97
N PRO B 265 42.70 16.90 9.56
CA PRO B 265 42.96 16.15 10.80
C PRO B 265 42.01 16.61 11.91
N ILE B 266 41.42 15.62 12.61
CA ILE B 266 40.39 15.86 13.63
C ILE B 266 40.87 16.77 14.76
N GLU B 267 42.07 16.49 15.26
CA GLU B 267 42.72 17.33 16.27
C GLU B 267 42.70 18.81 15.84
N GLU B 268 43.17 19.08 14.62
CA GLU B 268 43.14 20.45 14.07
C GLU B 268 41.72 20.96 13.89
N VAL B 269 40.81 20.08 13.46
CA VAL B 269 39.40 20.43 13.29
C VAL B 269 38.80 20.96 14.60
N LYS B 270 39.12 20.29 15.70
CA LYS B 270 38.68 20.70 17.03
C LYS B 270 39.22 22.09 17.43
N ALA B 271 40.51 22.30 17.21
CA ALA B 271 41.16 23.56 17.56
C ALA B 271 40.59 24.74 16.76
N ALA B 272 40.25 24.49 15.49
CA ALA B 272 39.70 25.52 14.60
C ALA B 272 38.30 25.94 15.05
N ILE B 273 37.52 24.96 15.50
CA ILE B 273 36.17 25.19 15.97
C ILE B 273 36.20 25.92 17.31
N ALA B 274 37.07 25.47 18.21
CA ALA B 274 37.28 26.13 19.51
C ALA B 274 37.64 27.62 19.37
N ALA B 275 38.44 27.94 18.35
CA ALA B 275 38.91 29.32 18.14
C ALA B 275 37.94 30.18 17.34
N PHE B 276 36.87 29.56 16.84
CA PHE B 276 35.89 30.29 16.03
C PHE B 276 34.87 31.01 16.91
N PRO B 277 34.64 32.31 16.65
CA PRO B 277 33.71 33.09 17.47
C PRO B 277 32.28 32.56 17.31
N GLY B 278 31.55 32.47 18.42
CA GLY B 278 30.18 31.98 18.41
C GLY B 278 30.05 30.48 18.63
N ALA B 279 31.16 29.76 18.47
CA ALA B 279 31.18 28.31 18.69
C ALA B 279 31.99 27.92 19.92
N VAL B 280 31.48 26.93 20.64
CA VAL B 280 32.20 26.35 21.77
C VAL B 280 32.40 24.85 21.49
N LEU B 281 33.64 24.40 21.69
CA LEU B 281 33.96 23.00 21.63
C LEU B 281 33.61 22.33 22.94
N GLU B 282 32.72 21.34 22.85
CA GLU B 282 32.37 20.48 23.97
C GLU B 282 32.64 19.06 23.53
N ASP B 283 33.91 18.66 23.61
CA ASP B 283 34.33 17.38 23.06
C ASP B 283 35.40 16.73 23.92
N ASP B 284 34.95 15.89 24.84
CA ASP B 284 35.84 15.10 25.70
C ASP B 284 35.10 13.82 26.10
N VAL B 285 35.17 12.82 25.24
CA VAL B 285 34.43 11.57 25.43
C VAL B 285 34.88 10.73 26.63
N ALA B 286 36.12 10.94 27.10
CA ALA B 286 36.65 10.28 28.29
C ALA B 286 35.88 10.64 29.57
N HIS B 287 35.34 11.85 29.60
CA HIS B 287 34.49 12.30 30.71
C HIS B 287 33.05 12.54 30.21
N GLN B 288 32.72 11.94 29.07
CA GLN B 288 31.39 12.02 28.45
C GLN B 288 30.90 13.46 28.25
N ILE B 289 31.80 14.31 27.75
CA ILE B 289 31.44 15.68 27.41
C ILE B 289 31.07 15.77 25.93
N TYR B 290 29.84 16.22 25.68
CA TYR B 290 29.31 16.47 24.35
C TYR B 290 28.20 17.52 24.46
N PRO B 291 27.82 18.15 23.33
CA PRO B 291 26.71 19.10 23.46
C PRO B 291 25.41 18.40 23.82
N GLN B 292 24.64 19.07 24.67
CA GLN B 292 23.32 18.63 25.11
C GLN B 292 22.35 19.80 25.00
N ALA B 293 21.14 19.54 24.51
CA ALA B 293 20.08 20.54 24.39
C ALA B 293 19.81 21.31 25.68
N ILE B 294 19.73 20.57 26.80
CA ILE B 294 19.34 21.18 28.08
C ILE B 294 20.40 22.11 28.68
N ASN B 295 21.66 21.89 28.31
CA ASN B 295 22.73 22.78 28.76
C ASN B 295 22.81 24.02 27.90
N ALA B 296 22.40 23.89 26.64
CA ALA B 296 22.46 24.99 25.68
C ALA B 296 21.39 26.06 25.88
N VAL B 297 20.28 25.69 26.53
CA VAL B 297 19.17 26.62 26.76
C VAL B 297 19.62 27.83 27.60
N GLY B 298 19.48 29.01 27.02
CA GLY B 298 19.83 30.27 27.69
C GLY B 298 21.17 30.84 27.24
N SER B 299 21.86 30.12 26.36
CA SER B 299 23.17 30.56 25.86
C SER B 299 23.12 30.94 24.37
N ARG B 300 23.88 31.99 24.04
CA ARG B 300 24.04 32.46 22.67
C ARG B 300 24.93 31.58 21.80
N ASP B 301 25.72 30.71 22.44
CA ASP B 301 26.73 29.90 21.75
C ASP B 301 26.18 28.68 21.00
N THR B 302 26.94 28.24 20.00
CA THR B 302 26.67 26.98 19.30
C THR B 302 27.70 25.93 19.78
N PHE B 303 27.19 24.82 20.31
CA PHE B 303 28.05 23.83 20.95
C PHE B 303 28.31 22.66 20.01
N VAL B 304 29.58 22.27 19.90
CA VAL B 304 30.00 21.24 18.95
C VAL B 304 30.87 20.20 19.65
N GLY B 305 30.58 18.93 19.35
CA GLY B 305 31.31 17.80 19.89
C GLY B 305 30.99 16.55 19.09
N ARG B 306 31.30 15.40 19.68
CA ARG B 306 31.26 14.07 19.01
C ARG B 306 32.05 14.04 17.69
N ILE B 307 32.98 14.98 17.52
CA ILE B 307 33.75 15.10 16.28
C ILE B 307 34.64 13.88 16.07
N ARG B 308 34.51 13.27 14.90
CA ARG B 308 35.26 12.08 14.56
C ARG B 308 35.25 11.79 13.06
N LYS B 309 36.33 11.18 12.59
CA LYS B 309 36.49 10.70 11.21
C LYS B 309 35.41 9.68 10.84
N ASP B 310 34.98 9.71 9.58
CA ASP B 310 34.19 8.62 9.00
C ASP B 310 35.07 7.37 8.89
N LEU B 311 34.48 6.21 9.10
CA LEU B 311 35.26 4.97 9.13
C LEU B 311 35.82 4.53 7.77
N ASP B 312 35.33 5.15 6.69
CA ASP B 312 35.74 4.72 5.33
C ASP B 312 36.04 5.87 4.37
N ALA B 313 35.19 6.88 4.36
CA ALA B 313 35.41 8.05 3.51
C ALA B 313 36.49 8.89 4.16
N GLU B 314 37.60 9.04 3.45
CA GLU B 314 38.79 9.66 4.01
C GLU B 314 38.61 11.15 4.31
N LYS B 315 37.66 11.79 3.62
CA LYS B 315 37.38 13.22 3.83
C LYS B 315 36.11 13.42 4.65
N GLY B 316 35.51 12.31 5.07
CA GLY B 316 34.29 12.35 5.85
C GLY B 316 34.54 12.60 7.32
N ILE B 317 33.73 13.47 7.90
CA ILE B 317 33.77 13.79 9.33
C ILE B 317 32.34 13.84 9.88
N HIS B 318 32.13 13.21 11.04
CA HIS B 318 30.85 13.27 11.75
C HIS B 318 30.97 14.21 12.94
N MET B 319 29.86 14.87 13.29
CA MET B 319 29.82 15.73 14.47
C MET B 319 28.39 15.97 15.01
N TRP B 320 28.32 16.57 16.19
CA TRP B 320 27.06 16.83 16.89
C TRP B 320 26.97 18.31 17.30
N VAL B 321 25.91 18.98 16.86
CA VAL B 321 25.80 20.44 16.96
C VAL B 321 24.52 20.82 17.69
N VAL B 322 24.64 21.68 18.70
CA VAL B 322 23.49 22.10 19.50
C VAL B 322 23.47 23.61 19.75
N SER B 323 22.28 24.19 19.73
CA SER B 323 22.11 25.61 20.02
C SER B 323 20.65 25.90 20.37
N ASP B 324 20.45 26.88 21.25
CA ASP B 324 19.13 27.42 21.59
C ASP B 324 18.53 28.00 20.31
N ASN B 325 17.43 27.41 19.84
CA ASN B 325 16.80 27.81 18.58
C ASN B 325 16.14 29.20 18.62
N LEU B 326 15.85 29.68 19.82
CA LEU B 326 15.24 30.99 19.97
C LEU B 326 16.29 32.08 20.08
N LEU B 327 17.52 31.69 20.43
CA LEU B 327 18.61 32.65 20.58
C LEU B 327 19.43 32.73 19.29
N LYS B 328 20.53 31.98 19.19
CA LYS B 328 21.33 31.99 17.96
C LYS B 328 20.51 31.53 16.76
N GLY B 329 19.50 30.70 17.01
CA GLY B 329 18.58 30.28 15.96
C GLY B 329 17.60 31.35 15.49
N ALA B 330 17.46 32.44 16.25
CA ALA B 330 16.52 33.50 15.87
C ALA B 330 16.86 34.87 16.45
N ALA B 331 16.41 35.12 17.67
CA ALA B 331 16.51 36.45 18.28
C ALA B 331 17.95 37.00 18.31
N TRP B 332 18.87 36.23 18.88
CA TRP B 332 20.26 36.68 19.01
C TRP B 332 20.89 37.01 17.65
N ASN B 333 20.72 36.12 16.66
CA ASN B 333 21.23 36.32 15.31
C ASN B 333 20.73 37.62 14.70
N SER B 334 19.45 37.91 14.90
CA SER B 334 18.84 39.16 14.46
C SER B 334 19.46 40.39 15.12
N VAL B 335 19.57 40.37 16.44
CA VAL B 335 20.19 41.46 17.18
C VAL B 335 21.67 41.60 16.77
N GLN B 336 22.36 40.46 16.65
CA GLN B 336 23.76 40.45 16.25
C GLN B 336 23.96 41.09 14.88
N ILE B 337 23.03 40.85 13.96
CA ILE B 337 23.05 41.48 12.64
C ILE B 337 22.92 42.99 12.77
N ALA B 338 22.01 43.44 13.63
CA ALA B 338 21.83 44.87 13.89
C ALA B 338 23.11 45.45 14.48
N GLU B 339 23.72 44.70 15.40
CA GLU B 339 25.02 45.08 15.96
C GLU B 339 26.12 45.20 14.91
N THR B 340 26.21 44.19 14.04
CA THR B 340 27.21 44.16 12.97
C THR B 340 27.01 45.30 11.95
N LEU B 341 25.76 45.58 11.59
CA LEU B 341 25.45 46.72 10.72
C LEU B 341 25.92 48.03 11.34
N HIS B 342 25.89 48.12 12.67
CA HIS B 342 26.41 49.29 13.39
C HIS B 342 27.94 49.32 13.36
N GLU B 343 28.58 48.18 13.52
CA GLU B 343 30.05 48.14 13.49
C GLU B 343 30.60 48.48 12.10
N ARG B 344 29.84 48.18 11.05
CA ARG B 344 30.32 48.34 9.68
C ARG B 344 29.89 49.63 8.98
N GLY B 345 29.10 50.45 9.70
CA GLY B 345 28.67 51.77 9.21
C GLY B 345 27.52 51.71 8.22
N LEU B 346 26.60 50.76 8.44
CA LEU B 346 25.57 50.43 7.48
C LEU B 346 24.15 50.72 7.99
N VAL B 347 24.06 51.38 9.14
CA VAL B 347 22.77 51.83 9.65
C VAL B 347 22.51 53.24 9.15
N ARG B 348 22.00 53.30 7.92
CA ARG B 348 21.60 54.56 7.28
C ARG B 348 20.51 54.26 6.26
N PRO B 349 19.68 55.28 5.91
CA PRO B 349 18.63 55.09 4.91
C PRO B 349 19.15 54.54 3.58
N THR B 350 18.27 53.84 2.86
CA THR B 350 18.62 53.18 1.62
C THR B 350 18.56 54.12 0.42
N ALA B 351 19.55 54.00 -0.46
CA ALA B 351 19.66 54.80 -1.67
C ALA B 351 18.47 54.59 -2.63
N GLU B 352 18.15 53.33 -2.92
CA GLU B 352 17.15 53.01 -3.94
C GLU B 352 16.21 51.88 -3.48
N LEU B 353 14.91 52.09 -3.70
CA LEU B 353 13.86 51.17 -3.24
C LEU B 353 13.67 50.02 -4.22
N LYS B 354 13.78 48.80 -3.72
CA LYS B 354 13.81 47.60 -4.57
C LYS B 354 12.68 46.59 -4.30
N PHE B 355 11.81 46.93 -3.35
CA PHE B 355 10.67 46.08 -2.97
C PHE B 355 9.39 46.88 -3.12
N GLU B 356 8.42 46.34 -3.85
CA GLU B 356 7.22 47.08 -4.27
C GLU B 356 6.30 47.46 -3.11
N LEU B 357 5.76 48.67 -3.17
CA LEU B 357 4.79 49.16 -2.20
C LEU B 357 3.38 48.69 -2.58
N GLY C 2 15.59 -34.75 7.25
CA GLY C 2 14.65 -34.14 6.29
C GLY C 2 13.62 -35.12 5.78
N TYR C 3 12.76 -34.66 4.89
CA TYR C 3 11.59 -35.42 4.45
C TYR C 3 11.78 -36.11 3.12
N THR C 4 11.09 -37.25 2.96
CA THR C 4 10.78 -37.81 1.65
C THR C 4 9.41 -37.27 1.24
N VAL C 5 9.40 -36.48 0.18
CA VAL C 5 8.17 -35.91 -0.37
C VAL C 5 7.88 -36.57 -1.73
N ALA C 6 6.65 -37.07 -1.88
CA ALA C 6 6.18 -37.61 -3.15
C ALA C 6 5.19 -36.67 -3.84
N VAL C 7 5.37 -36.47 -5.15
CA VAL C 7 4.39 -35.80 -6.00
C VAL C 7 3.69 -36.87 -6.86
N VAL C 8 2.40 -37.09 -6.60
CA VAL C 8 1.60 -38.02 -7.37
C VAL C 8 0.84 -37.25 -8.46
N GLY C 9 1.00 -37.67 -9.71
CA GLY C 9 0.47 -36.92 -10.85
C GLY C 9 1.44 -35.83 -11.26
N ALA C 10 2.72 -36.19 -11.36
CA ALA C 10 3.78 -35.24 -11.63
C ALA C 10 3.85 -34.71 -13.08
N THR C 11 2.74 -34.75 -13.82
CA THR C 11 2.76 -34.41 -15.25
C THR C 11 1.86 -33.23 -15.69
N GLY C 12 0.75 -33.03 -15.01
CA GLY C 12 -0.28 -32.06 -15.45
C GLY C 12 0.05 -30.58 -15.24
N ALA C 13 -0.84 -29.71 -15.69
CA ALA C 13 -0.68 -28.27 -15.46
C ALA C 13 -0.52 -27.94 -13.95
N VAL C 14 -1.30 -28.61 -13.11
CA VAL C 14 -1.13 -28.51 -11.64
C VAL C 14 0.13 -29.26 -11.19
N GLY C 15 0.38 -30.43 -11.78
CA GLY C 15 1.53 -31.27 -11.45
C GLY C 15 2.87 -30.57 -11.62
N ALA C 16 3.01 -29.85 -12.75
CA ALA C 16 4.23 -29.10 -13.07
C ALA C 16 4.41 -27.86 -12.19
N GLN C 17 3.32 -27.20 -11.81
CA GLN C 17 3.41 -26.07 -10.88
C GLN C 17 3.74 -26.54 -9.46
N MET C 18 3.30 -27.75 -9.15
CA MET C 18 3.55 -28.39 -7.86
C MET C 18 5.06 -28.59 -7.68
N ILE C 19 5.71 -29.14 -8.70
CA ILE C 19 7.16 -29.28 -8.74
C ILE C 19 7.83 -27.93 -8.54
N LYS C 20 7.45 -26.95 -9.36
CA LYS C 20 8.00 -25.60 -9.29
C LYS C 20 7.87 -24.99 -7.90
N MET C 21 6.70 -25.16 -7.27
CA MET C 21 6.50 -24.64 -5.91
C MET C 21 7.31 -25.44 -4.86
N LEU C 22 7.51 -26.73 -5.11
CA LEU C 22 8.35 -27.55 -4.23
C LEU C 22 9.82 -27.14 -4.31
N GLU C 23 10.25 -26.76 -5.51
CA GLU C 23 11.61 -26.27 -5.77
C GLU C 23 11.93 -24.98 -5.02
N GLU C 24 10.90 -24.21 -4.70
CA GLU C 24 11.11 -22.94 -4.01
C GLU C 24 10.63 -23.07 -2.56
N SER C 25 10.27 -24.29 -2.18
CA SER C 25 9.76 -24.54 -0.85
C SER C 25 10.85 -24.42 0.21
N THR C 26 10.45 -24.10 1.44
CA THR C 26 11.35 -24.04 2.59
C THR C 26 11.44 -25.39 3.28
N LEU C 27 10.66 -26.35 2.78
CA LEU C 27 10.59 -27.68 3.36
C LEU C 27 11.95 -28.34 3.40
N PRO C 28 12.36 -28.85 4.58
CA PRO C 28 13.58 -29.64 4.63
C PRO C 28 13.38 -31.00 3.93
N ILE C 29 13.80 -31.07 2.67
CA ILE C 29 13.61 -32.28 1.87
C ILE C 29 14.92 -33.00 1.58
N ASP C 30 14.96 -34.30 1.90
CA ASP C 30 16.12 -35.17 1.64
C ASP C 30 16.00 -35.93 0.33
N LYS C 31 14.76 -36.22 -0.05
CA LYS C 31 14.46 -37.10 -1.17
C LYS C 31 13.11 -36.73 -1.76
N ILE C 32 13.09 -36.53 -3.07
CA ILE C 32 11.84 -36.33 -3.78
C ILE C 32 11.55 -37.52 -4.71
N ARG C 33 10.33 -38.05 -4.64
CA ARG C 33 9.89 -39.12 -5.52
C ARG C 33 8.70 -38.68 -6.37
N TYR C 34 8.78 -38.95 -7.67
CA TYR C 34 7.65 -38.69 -8.58
C TYR C 34 6.89 -39.99 -8.82
N LEU C 35 5.56 -39.93 -8.65
CA LEU C 35 4.69 -41.08 -8.87
C LEU C 35 3.67 -40.77 -9.97
N ALA C 36 3.38 -41.77 -10.79
CA ALA C 36 2.40 -41.64 -11.91
C ALA C 36 1.91 -42.98 -12.43
N SER C 37 1.24 -42.96 -13.58
CA SER C 37 0.72 -44.17 -14.24
C SER C 37 1.82 -45.09 -14.74
N ALA C 38 1.47 -46.37 -14.99
CA ALA C 38 2.42 -47.37 -15.48
C ALA C 38 2.98 -47.05 -16.88
N ARG C 39 2.19 -46.34 -17.69
CA ARG C 39 2.67 -45.84 -18.98
C ARG C 39 3.39 -44.48 -18.78
N SER C 40 4.31 -44.48 -17.82
CA SER C 40 5.18 -43.34 -17.46
C SER C 40 6.31 -43.79 -16.53
N ALA C 41 6.18 -45.00 -15.98
CA ALA C 41 7.05 -45.48 -14.89
C ALA C 41 8.54 -45.68 -15.24
N GLY C 42 8.99 -45.05 -16.31
CA GLY C 42 10.39 -45.14 -16.70
C GLY C 42 11.04 -43.81 -17.08
N LYS C 43 10.22 -42.88 -17.57
CA LYS C 43 10.69 -41.57 -18.02
C LYS C 43 11.27 -40.75 -16.86
N SER C 44 11.93 -39.64 -17.17
CA SER C 44 12.59 -38.82 -16.16
C SER C 44 12.13 -37.37 -16.21
N LEU C 45 11.69 -36.87 -15.05
CA LEU C 45 11.41 -35.45 -14.90
C LEU C 45 12.38 -34.80 -13.94
N LYS C 46 12.50 -33.48 -14.06
CA LYS C 46 13.46 -32.72 -13.29
C LYS C 46 12.94 -32.27 -11.92
N PHE C 47 13.81 -32.32 -10.92
CA PHE C 47 13.67 -31.48 -9.74
C PHE C 47 14.91 -30.59 -9.75
N LYS C 48 14.70 -29.29 -9.90
CA LYS C 48 15.79 -28.35 -10.18
C LYS C 48 16.68 -28.91 -11.31
N ASP C 49 17.95 -29.18 -11.00
CA ASP C 49 18.89 -29.72 -11.97
C ASP C 49 18.88 -31.25 -12.03
N GLN C 50 18.35 -31.88 -10.97
CA GLN C 50 18.40 -33.31 -10.82
C GLN C 50 17.34 -34.05 -11.63
N ASP C 51 17.74 -35.15 -12.26
CA ASP C 51 16.81 -36.06 -12.92
C ASP C 51 16.18 -37.02 -11.91
N ILE C 52 14.85 -37.12 -11.94
CA ILE C 52 14.11 -38.03 -11.05
C ILE C 52 13.40 -39.12 -11.87
N THR C 53 13.58 -40.37 -11.46
CA THR C 53 12.96 -41.51 -12.13
C THR C 53 11.53 -41.76 -11.63
N ILE C 54 10.56 -41.52 -12.50
CA ILE C 54 9.14 -41.73 -12.21
C ILE C 54 8.84 -43.17 -11.81
N GLU C 55 8.22 -43.34 -10.66
CA GLU C 55 7.76 -44.65 -10.20
C GLU C 55 6.26 -44.78 -10.49
N GLU C 56 5.75 -46.00 -10.41
CA GLU C 56 4.35 -46.27 -10.67
C GLU C 56 3.53 -46.09 -9.39
N THR C 57 2.36 -45.49 -9.51
CA THR C 57 1.46 -45.31 -8.36
C THR C 57 0.79 -46.65 -7.99
N THR C 58 1.25 -47.23 -6.88
CA THR C 58 0.68 -48.48 -6.37
C THR C 58 0.32 -48.37 -4.88
N GLU C 59 -0.33 -49.40 -4.37
CA GLU C 59 -0.70 -49.53 -2.97
C GLU C 59 0.54 -49.69 -2.08
N THR C 60 1.64 -50.15 -2.66
CA THR C 60 2.88 -50.37 -1.90
C THR C 60 3.91 -49.27 -2.16
N ALA C 61 3.56 -48.34 -3.03
CA ALA C 61 4.49 -47.30 -3.49
C ALA C 61 4.83 -46.21 -2.46
N PHE C 62 4.24 -46.28 -1.26
CA PHE C 62 4.28 -45.14 -0.33
C PHE C 62 5.13 -45.34 0.93
N GLU C 63 5.88 -46.42 0.96
CA GLU C 63 6.75 -46.73 2.09
C GLU C 63 7.86 -45.68 2.21
N GLY C 64 8.11 -45.23 3.44
CA GLY C 64 9.16 -44.26 3.73
C GLY C 64 8.82 -42.83 3.34
N VAL C 65 7.65 -42.61 2.74
CA VAL C 65 7.23 -41.29 2.30
C VAL C 65 6.63 -40.51 3.46
N ASP C 66 7.07 -39.26 3.63
CA ASP C 66 6.61 -38.43 4.72
C ASP C 66 5.40 -37.62 4.32
N ILE C 67 5.48 -36.99 3.15
CA ILE C 67 4.44 -36.13 2.66
C ILE C 67 4.19 -36.51 1.21
N ALA C 68 2.91 -36.61 0.85
CA ALA C 68 2.53 -36.85 -0.54
C ALA C 68 1.58 -35.78 -0.99
N LEU C 69 1.89 -35.15 -2.12
CA LEU C 69 1.03 -34.14 -2.71
C LEU C 69 0.36 -34.75 -3.94
N PHE C 70 -0.96 -34.88 -3.89
CA PHE C 70 -1.71 -35.48 -5.00
C PHE C 70 -2.13 -34.44 -6.02
N SER C 71 -1.80 -34.68 -7.29
CA SER C 71 -2.17 -33.75 -8.35
C SER C 71 -2.72 -34.46 -9.57
N ALA C 72 -3.16 -35.71 -9.40
CA ALA C 72 -3.87 -36.41 -10.46
C ALA C 72 -5.37 -36.11 -10.34
N GLY C 73 -6.20 -37.03 -10.83
CA GLY C 73 -7.65 -36.86 -10.72
C GLY C 73 -8.18 -37.37 -9.39
N SER C 74 -9.47 -37.14 -9.17
CA SER C 74 -10.15 -37.57 -7.94
C SER C 74 -10.11 -39.09 -7.79
N SER C 75 -10.12 -39.78 -8.93
CA SER C 75 -10.05 -41.24 -9.00
C SER C 75 -8.77 -41.82 -8.35
N THR C 76 -7.63 -41.21 -8.66
CA THR C 76 -6.34 -41.60 -8.07
C THR C 76 -6.30 -41.33 -6.56
N SER C 77 -6.98 -40.28 -6.14
CA SER C 77 -7.05 -39.89 -4.73
C SER C 77 -7.93 -40.83 -3.91
N ALA C 78 -9.11 -41.14 -4.45
CA ALA C 78 -10.03 -42.09 -3.83
C ALA C 78 -9.38 -43.45 -3.64
N LYS C 79 -8.62 -43.87 -4.64
CA LYS C 79 -7.99 -45.18 -4.65
C LYS C 79 -6.74 -45.18 -3.80
N TYR C 80 -5.87 -44.19 -3.98
CA TYR C 80 -4.51 -44.27 -3.42
C TYR C 80 -4.20 -43.48 -2.14
N ALA C 81 -4.87 -42.35 -1.91
CA ALA C 81 -4.63 -41.58 -0.68
C ALA C 81 -4.86 -42.37 0.64
N PRO C 82 -5.94 -43.17 0.71
CA PRO C 82 -6.11 -43.96 1.94
C PRO C 82 -4.96 -44.96 2.19
N TYR C 83 -4.37 -45.48 1.13
CA TYR C 83 -3.24 -46.40 1.27
C TYR C 83 -1.96 -45.67 1.72
N ALA C 84 -1.76 -44.46 1.20
CA ALA C 84 -0.66 -43.62 1.67
C ALA C 84 -0.78 -43.40 3.19
N VAL C 85 -1.98 -43.01 3.64
CA VAL C 85 -2.28 -42.80 5.05
C VAL C 85 -1.94 -44.04 5.86
N LYS C 86 -2.31 -45.21 5.33
CA LYS C 86 -2.01 -46.48 5.98
C LYS C 86 -0.50 -46.65 6.19
N ALA C 87 0.29 -46.28 5.18
CA ALA C 87 1.76 -46.40 5.23
C ALA C 87 2.47 -45.33 6.08
N GLY C 88 1.72 -44.35 6.59
CA GLY C 88 2.28 -43.36 7.52
C GLY C 88 2.47 -41.99 6.91
N VAL C 89 1.98 -41.82 5.68
CA VAL C 89 2.09 -40.57 4.95
C VAL C 89 1.08 -39.54 5.45
N VAL C 90 1.44 -38.26 5.39
CA VAL C 90 0.47 -37.18 5.45
C VAL C 90 0.24 -36.75 3.99
N VAL C 91 -1.02 -36.74 3.58
CA VAL C 91 -1.38 -36.49 2.19
C VAL C 91 -2.00 -35.10 2.10
N VAL C 92 -1.51 -34.31 1.15
CA VAL C 92 -2.19 -33.10 0.74
C VAL C 92 -2.82 -33.37 -0.63
N ASP C 93 -4.15 -33.37 -0.66
CA ASP C 93 -4.91 -33.74 -1.86
C ASP C 93 -5.44 -32.49 -2.56
N ASN C 94 -5.21 -32.39 -3.86
CA ASN C 94 -5.64 -31.20 -4.57
C ASN C 94 -7.03 -31.30 -5.23
N THR C 95 -7.61 -32.49 -5.24
CA THR C 95 -8.89 -32.74 -5.88
C THR C 95 -10.07 -32.43 -4.95
N SER C 96 -11.28 -32.69 -5.44
CA SER C 96 -12.48 -32.43 -4.66
C SER C 96 -12.98 -33.62 -3.84
N TYR C 97 -12.41 -34.80 -4.05
CA TYR C 97 -12.93 -36.02 -3.45
C TYR C 97 -13.07 -36.02 -1.93
N PHE C 98 -12.11 -35.46 -1.21
CA PHE C 98 -12.17 -35.50 0.25
C PHE C 98 -12.72 -34.24 0.92
N ARG C 99 -13.05 -33.22 0.12
CA ARG C 99 -13.36 -31.88 0.64
C ARG C 99 -14.49 -31.79 1.67
N GLN C 100 -15.55 -32.56 1.46
CA GLN C 100 -16.75 -32.46 2.31
C GLN C 100 -16.74 -33.47 3.45
N ASN C 101 -15.71 -34.33 3.47
CA ASN C 101 -15.53 -35.30 4.55
C ASN C 101 -15.22 -34.61 5.89
N PRO C 102 -16.02 -34.93 6.93
CA PRO C 102 -15.91 -34.33 8.26
C PRO C 102 -14.52 -34.50 8.89
N ASP C 103 -13.85 -35.61 8.58
CA ASP C 103 -12.49 -35.91 9.10
C ASP C 103 -11.35 -35.26 8.30
N VAL C 104 -11.70 -34.50 7.27
CA VAL C 104 -10.67 -33.90 6.41
C VAL C 104 -10.73 -32.38 6.50
N PRO C 105 -9.67 -31.76 7.03
CA PRO C 105 -9.60 -30.30 7.05
C PRO C 105 -9.48 -29.76 5.63
N LEU C 106 -10.25 -28.71 5.35
CA LEU C 106 -10.22 -28.03 4.06
C LEU C 106 -9.60 -26.67 4.33
N VAL C 107 -8.36 -26.49 3.89
CA VAL C 107 -7.51 -25.46 4.45
C VAL C 107 -6.94 -24.45 3.45
N VAL C 108 -7.08 -23.18 3.78
CA VAL C 108 -6.27 -22.12 3.21
C VAL C 108 -5.46 -21.59 4.40
N PRO C 109 -4.14 -21.85 4.40
CA PRO C 109 -3.28 -21.58 5.57
C PRO C 109 -3.49 -20.23 6.27
N GLU C 110 -3.71 -19.16 5.51
CA GLU C 110 -3.93 -17.83 6.10
C GLU C 110 -5.25 -17.71 6.86
N VAL C 111 -6.19 -18.61 6.60
CA VAL C 111 -7.54 -18.49 7.13
C VAL C 111 -7.79 -19.48 8.26
N ASN C 112 -7.56 -20.77 8.00
CA ASN C 112 -7.87 -21.82 8.97
C ASN C 112 -6.74 -22.83 9.24
N ALA C 113 -5.52 -22.32 9.43
CA ALA C 113 -4.35 -23.15 9.71
C ALA C 113 -4.55 -24.03 10.94
N HIS C 114 -5.37 -23.57 11.87
CA HIS C 114 -5.65 -24.28 13.11
C HIS C 114 -6.43 -25.56 12.84
N ALA C 115 -7.18 -25.58 11.74
CA ALA C 115 -7.99 -26.77 11.40
C ALA C 115 -7.11 -27.95 11.06
N LEU C 116 -5.85 -27.68 10.75
CA LEU C 116 -4.85 -28.72 10.49
C LEU C 116 -4.57 -29.61 11.70
N ASP C 117 -4.66 -29.04 12.91
CA ASP C 117 -4.25 -29.75 14.13
C ASP C 117 -4.96 -31.10 14.36
N ALA C 118 -6.21 -31.24 13.89
CA ALA C 118 -6.97 -32.47 14.13
C ALA C 118 -7.05 -33.39 12.91
N HIS C 119 -6.12 -33.22 11.97
CA HIS C 119 -6.13 -34.01 10.75
C HIS C 119 -5.93 -35.51 11.01
N ASN C 120 -6.41 -36.32 10.05
CA ASN C 120 -6.31 -37.77 10.15
C ASN C 120 -5.51 -38.37 8.99
N GLY C 121 -4.56 -37.59 8.49
CA GLY C 121 -3.67 -38.02 7.42
C GLY C 121 -3.96 -37.46 6.04
N ILE C 122 -5.11 -36.81 5.89
CA ILE C 122 -5.45 -36.13 4.62
C ILE C 122 -5.93 -34.70 4.88
N ILE C 123 -5.30 -33.76 4.20
CA ILE C 123 -5.74 -32.38 4.18
C ILE C 123 -6.11 -32.04 2.74
N ALA C 124 -7.29 -31.46 2.57
CA ALA C 124 -7.78 -31.09 1.24
C ALA C 124 -7.48 -29.64 0.90
N CYS C 125 -6.84 -29.46 -0.24
CA CYS C 125 -6.73 -28.15 -0.89
C CYS C 125 -8.08 -27.79 -1.52
N PRO C 126 -8.66 -26.62 -1.17
CA PRO C 126 -9.95 -26.23 -1.73
C PRO C 126 -9.94 -25.92 -3.23
N ASN C 127 -11.12 -25.68 -3.78
CA ASN C 127 -11.36 -25.22 -5.14
C ASN C 127 -10.68 -23.87 -5.38
N CYS C 128 -10.04 -23.70 -6.54
CA CYS C 128 -9.24 -22.48 -6.80
C CYS C 128 -9.98 -21.18 -6.68
N SER C 129 -11.23 -21.14 -7.13
CA SER C 129 -11.97 -19.89 -7.05
C SER C 129 -12.46 -19.60 -5.62
N THR C 130 -12.62 -20.64 -4.82
CA THR C 130 -12.92 -20.46 -3.41
C THR C 130 -11.71 -19.91 -2.66
N ILE C 131 -10.54 -20.50 -2.91
CA ILE C 131 -9.30 -20.10 -2.24
C ILE C 131 -9.05 -18.59 -2.29
N GLN C 132 -9.12 -17.99 -3.48
CA GLN C 132 -8.82 -16.56 -3.61
C GLN C 132 -9.88 -15.70 -2.94
N MET C 133 -11.13 -16.17 -2.98
CA MET C 133 -12.20 -15.48 -2.28
C MET C 133 -11.96 -15.46 -0.77
N MET C 134 -11.44 -16.56 -0.22
CA MET C 134 -11.21 -16.67 1.22
C MET C 134 -10.11 -15.75 1.73
N VAL C 135 -8.99 -15.70 1.00
CA VAL C 135 -7.89 -14.75 1.30
C VAL C 135 -8.39 -13.29 1.27
N ALA C 136 -9.22 -12.95 0.29
CA ALA C 136 -9.77 -11.59 0.18
C ALA C 136 -10.72 -11.25 1.34
N LEU C 137 -11.54 -12.21 1.72
CA LEU C 137 -12.64 -11.93 2.64
C LEU C 137 -12.37 -12.15 4.12
N GLU C 138 -11.50 -13.12 4.44
CA GLU C 138 -11.19 -13.42 5.85
C GLU C 138 -10.83 -12.18 6.73
N PRO C 139 -9.97 -11.26 6.21
CA PRO C 139 -9.64 -10.05 6.99
C PRO C 139 -10.84 -9.15 7.26
N VAL C 140 -11.82 -9.15 6.36
CA VAL C 140 -13.03 -8.36 6.54
C VAL C 140 -13.95 -9.04 7.57
N ARG C 141 -14.10 -10.35 7.41
CA ARG C 141 -14.84 -11.22 8.33
C ARG C 141 -14.39 -11.06 9.78
N GLN C 142 -13.09 -11.23 10.04
CA GLN C 142 -12.60 -11.20 11.42
C GLN C 142 -12.80 -9.87 12.16
N LYS C 143 -13.06 -8.78 11.43
CA LYS C 143 -13.34 -7.50 12.07
C LYS C 143 -14.82 -7.13 12.07
N TRP C 144 -15.48 -7.30 10.92
CA TRP C 144 -16.84 -6.83 10.74
C TRP C 144 -17.86 -7.93 10.50
N GLY C 145 -17.39 -9.18 10.44
CA GLY C 145 -18.25 -10.34 10.17
C GLY C 145 -18.74 -10.47 8.72
N LEU C 146 -19.36 -11.62 8.42
CA LEU C 146 -19.98 -11.87 7.12
C LEU C 146 -21.38 -12.48 7.23
N ASP C 147 -22.37 -11.76 6.69
CA ASP C 147 -23.74 -12.26 6.55
C ASP C 147 -23.92 -13.08 5.27
N ARG C 148 -23.57 -12.50 4.13
CA ARG C 148 -23.76 -13.16 2.84
C ARG C 148 -22.72 -12.80 1.78
N ILE C 149 -22.55 -13.71 0.83
CA ILE C 149 -21.69 -13.51 -0.32
C ILE C 149 -22.46 -13.85 -1.60
N ILE C 150 -22.44 -12.93 -2.57
CA ILE C 150 -22.87 -13.22 -3.94
C ILE C 150 -21.66 -12.99 -4.84
N VAL C 151 -21.28 -14.00 -5.62
CA VAL C 151 -20.10 -13.89 -6.47
C VAL C 151 -20.32 -14.33 -7.92
N SER C 152 -19.77 -13.56 -8.85
CA SER C 152 -19.72 -13.97 -10.23
C SER C 152 -18.26 -14.10 -10.62
N THR C 153 -17.88 -15.25 -11.19
CA THR C 153 -16.48 -15.53 -11.51
C THR C 153 -16.17 -15.32 -12.99
N TYR C 154 -14.88 -15.08 -13.27
CA TYR C 154 -14.37 -14.93 -14.62
C TYR C 154 -13.16 -15.85 -14.72
N GLN C 155 -13.41 -17.11 -15.06
CA GLN C 155 -12.41 -18.16 -14.83
C GLN C 155 -11.61 -18.50 -16.07
N ALA C 156 -10.31 -18.69 -15.86
CA ALA C 156 -9.37 -19.08 -16.91
C ALA C 156 -9.53 -20.56 -17.29
N VAL C 157 -9.25 -20.87 -18.55
CA VAL C 157 -9.39 -22.21 -19.09
C VAL C 157 -8.36 -23.21 -18.54
N SER C 158 -7.23 -22.71 -18.01
CA SER C 158 -6.23 -23.63 -17.43
C SER C 158 -6.79 -24.37 -16.23
N GLY C 159 -7.91 -23.89 -15.70
CA GLY C 159 -8.60 -24.59 -14.61
C GLY C 159 -9.16 -25.93 -15.06
N ALA C 160 -9.38 -26.07 -16.36
CA ALA C 160 -9.99 -27.27 -16.92
C ALA C 160 -8.97 -28.21 -17.57
N GLY C 161 -7.67 -27.91 -17.44
CA GLY C 161 -6.59 -28.78 -17.93
C GLY C 161 -5.86 -28.33 -19.20
N MET C 162 -4.75 -29.01 -19.50
CA MET C 162 -3.90 -28.69 -20.66
C MET C 162 -4.65 -28.79 -21.99
N GLY C 163 -5.45 -29.85 -22.13
CA GLY C 163 -6.35 -30.00 -23.28
C GLY C 163 -7.18 -28.75 -23.54
N ALA C 164 -7.75 -28.18 -22.47
CA ALA C 164 -8.61 -27.00 -22.60
C ALA C 164 -7.82 -25.76 -23.02
N ILE C 165 -6.59 -25.64 -22.50
CA ILE C 165 -5.67 -24.60 -22.94
C ILE C 165 -5.41 -24.70 -24.44
N LEU C 166 -5.07 -25.91 -24.89
CA LEU C 166 -4.79 -26.20 -26.29
C LEU C 166 -6.02 -26.04 -27.18
N GLU C 167 -7.17 -26.50 -26.71
CA GLU C 167 -8.44 -26.29 -27.41
C GLU C 167 -8.73 -24.78 -27.62
N THR C 168 -8.50 -23.98 -26.58
CA THR C 168 -8.76 -22.54 -26.60
C THR C 168 -7.90 -21.84 -27.66
N GLN C 169 -6.62 -22.17 -27.66
CA GLN C 169 -5.66 -21.64 -28.63
C GLN C 169 -6.00 -22.05 -30.06
N ARG C 170 -6.34 -23.33 -30.27
CA ARG C 170 -6.73 -23.80 -31.60
C ARG C 170 -7.87 -22.98 -32.15
N GLU C 171 -8.90 -22.80 -31.31
CA GLU C 171 -10.12 -22.09 -31.70
C GLU C 171 -9.87 -20.64 -32.03
N LEU C 172 -9.03 -19.97 -31.25
CA LEU C 172 -8.73 -18.56 -31.47
C LEU C 172 -8.01 -18.36 -32.80
N ARG C 173 -7.09 -19.27 -33.10
CA ARG C 173 -6.30 -19.23 -34.33
C ARG C 173 -7.16 -19.52 -35.56
N GLU C 174 -8.10 -20.44 -35.43
CA GLU C 174 -9.10 -20.69 -36.46
C GLU C 174 -9.89 -19.43 -36.81
N VAL C 175 -10.32 -18.70 -35.79
CA VAL C 175 -11.13 -17.50 -35.99
C VAL C 175 -10.29 -16.36 -36.58
N LEU C 176 -9.12 -16.12 -35.98
CA LEU C 176 -8.30 -14.98 -36.37
C LEU C 176 -7.54 -15.17 -37.67
N ASN C 177 -7.12 -16.41 -37.95
CA ASN C 177 -6.32 -16.73 -39.14
C ASN C 177 -7.12 -17.34 -40.29
N ASP C 178 -8.04 -18.27 -40.00
CA ASP C 178 -8.79 -18.99 -41.05
C ASP C 178 -10.17 -18.39 -41.36
N GLY C 179 -10.54 -17.32 -40.67
CA GLY C 179 -11.84 -16.66 -40.89
C GLY C 179 -13.07 -17.45 -40.48
N VAL C 180 -12.91 -18.41 -39.56
CA VAL C 180 -14.03 -19.21 -39.06
C VAL C 180 -14.86 -18.40 -38.06
N LYS C 181 -16.18 -18.43 -38.23
CA LYS C 181 -17.11 -17.80 -37.30
C LYS C 181 -17.12 -18.54 -35.95
N PRO C 182 -16.95 -17.82 -34.84
CA PRO C 182 -16.81 -18.49 -33.54
C PRO C 182 -17.94 -19.48 -33.25
N CYS C 183 -19.16 -19.16 -33.71
CA CYS C 183 -20.30 -20.06 -33.53
C CYS C 183 -20.18 -21.38 -34.33
N ASP C 184 -19.35 -21.39 -35.37
CA ASP C 184 -19.15 -22.57 -36.23
C ASP C 184 -17.98 -23.47 -35.78
N LEU C 185 -17.25 -23.06 -34.75
CA LEU C 185 -16.10 -23.83 -34.26
C LEU C 185 -16.48 -25.20 -33.73
N HIS C 186 -15.56 -26.15 -33.88
CA HIS C 186 -15.70 -27.48 -33.32
C HIS C 186 -15.01 -27.55 -31.95
N ALA C 187 -15.70 -28.13 -30.98
CA ALA C 187 -15.20 -28.18 -29.60
C ALA C 187 -15.35 -29.57 -29.00
N GLU C 188 -14.37 -29.98 -28.20
CA GLU C 188 -14.35 -31.34 -27.64
C GLU C 188 -14.22 -31.44 -26.13
N ILE C 189 -13.83 -30.34 -25.47
CA ILE C 189 -13.54 -30.36 -24.04
C ILE C 189 -14.40 -29.38 -23.22
N LEU C 190 -14.29 -28.09 -23.51
CA LEU C 190 -15.08 -27.10 -22.78
C LEU C 190 -16.56 -27.16 -23.18
N PRO C 191 -17.47 -26.85 -22.23
CA PRO C 191 -17.20 -26.32 -20.90
C PRO C 191 -16.78 -27.37 -19.87
N SER C 192 -17.26 -28.60 -20.02
CA SER C 192 -16.91 -29.65 -19.08
C SER C 192 -16.47 -30.93 -19.79
N GLY C 193 -15.25 -31.37 -19.48
CA GLY C 193 -14.66 -32.57 -20.08
C GLY C 193 -15.57 -33.78 -20.02
N GLY C 194 -16.22 -33.96 -18.87
CA GLY C 194 -17.08 -35.13 -18.64
C GLY C 194 -18.53 -35.00 -19.09
N ASP C 195 -18.93 -33.80 -19.53
CA ASP C 195 -20.33 -33.55 -19.88
C ASP C 195 -20.60 -33.88 -21.35
N LYS C 196 -21.88 -33.90 -21.72
CA LYS C 196 -22.35 -34.52 -22.96
C LYS C 196 -22.22 -33.68 -24.23
N LYS C 197 -22.31 -32.36 -24.11
CA LYS C 197 -22.16 -31.44 -25.24
C LYS C 197 -20.99 -30.50 -24.97
N HIS C 198 -20.32 -30.07 -26.04
CA HIS C 198 -19.19 -29.17 -25.89
C HIS C 198 -19.34 -27.96 -26.78
N TYR C 199 -18.80 -26.84 -26.32
CA TYR C 199 -19.01 -25.54 -26.95
C TYR C 199 -17.71 -24.76 -27.10
N PRO C 200 -17.62 -23.91 -28.14
CA PRO C 200 -16.46 -23.02 -28.31
C PRO C 200 -16.33 -22.04 -27.11
N ILE C 201 -15.09 -21.80 -26.69
CA ILE C 201 -14.80 -20.75 -25.70
C ILE C 201 -14.24 -19.47 -26.36
N ALA C 202 -13.78 -19.57 -27.60
CA ALA C 202 -13.19 -18.39 -28.25
C ALA C 202 -14.24 -17.29 -28.48
N PHE C 203 -13.91 -16.08 -28.04
CA PHE C 203 -14.81 -14.91 -28.10
C PHE C 203 -16.19 -15.17 -27.48
N ASN C 204 -16.18 -15.99 -26.43
CA ASN C 204 -17.39 -16.45 -25.77
C ASN C 204 -17.30 -16.27 -24.27
N ALA C 205 -18.44 -16.38 -23.59
CA ALA C 205 -18.47 -16.52 -22.16
C ALA C 205 -19.43 -17.64 -21.85
N LEU C 206 -18.93 -18.71 -21.25
CA LEU C 206 -19.70 -19.92 -20.99
C LEU C 206 -20.13 -20.02 -19.52
N PRO C 207 -21.43 -19.81 -19.25
CA PRO C 207 -21.94 -19.85 -17.88
C PRO C 207 -22.07 -21.28 -17.33
N GLN C 208 -21.07 -22.10 -17.58
CA GLN C 208 -21.05 -23.45 -17.02
C GLN C 208 -19.64 -23.87 -16.71
N ILE C 209 -19.42 -24.23 -15.45
CA ILE C 209 -18.20 -24.89 -15.04
C ILE C 209 -18.59 -26.12 -14.25
N ASP C 210 -17.97 -27.25 -14.62
CA ASP C 210 -18.36 -28.56 -14.15
C ASP C 210 -19.78 -28.92 -14.64
N VAL C 211 -20.35 -30.02 -14.16
CA VAL C 211 -21.68 -30.43 -14.58
C VAL C 211 -22.74 -29.76 -13.69
N PHE C 212 -23.99 -29.80 -14.11
CA PHE C 212 -25.07 -29.24 -13.31
C PHE C 212 -25.49 -30.21 -12.21
N THR C 213 -25.86 -29.66 -11.05
CA THR C 213 -26.45 -30.43 -9.96
C THR C 213 -27.98 -30.34 -10.06
N ASP C 214 -28.67 -31.02 -9.15
CA ASP C 214 -30.13 -31.16 -9.15
C ASP C 214 -30.84 -29.85 -8.77
N ASN C 215 -30.10 -28.89 -8.24
CA ASN C 215 -30.69 -27.61 -7.86
C ASN C 215 -30.45 -26.49 -8.90
N ASP C 216 -29.99 -26.90 -10.08
CA ASP C 216 -29.73 -26.00 -11.24
C ASP C 216 -28.48 -25.10 -11.13
N TYR C 217 -27.79 -25.15 -9.99
CA TYR C 217 -26.43 -24.62 -9.89
C TYR C 217 -25.48 -25.69 -10.39
N THR C 218 -24.30 -25.31 -10.87
CA THR C 218 -23.27 -26.30 -11.23
C THR C 218 -22.52 -26.77 -9.98
N TYR C 219 -21.72 -27.82 -10.12
CA TYR C 219 -20.87 -28.30 -9.02
C TYR C 219 -19.80 -27.30 -8.60
N GLU C 220 -19.33 -26.49 -9.55
CA GLU C 220 -18.38 -25.42 -9.24
C GLU C 220 -19.03 -24.36 -8.34
N GLU C 221 -20.28 -24.01 -8.65
CA GLU C 221 -21.03 -23.02 -7.87
C GLU C 221 -21.31 -23.57 -6.47
N MET C 222 -21.70 -24.84 -6.40
CA MET C 222 -22.05 -25.43 -5.12
C MET C 222 -20.83 -25.66 -4.21
N LYS C 223 -19.66 -25.82 -4.83
CA LYS C 223 -18.38 -25.90 -4.11
C LYS C 223 -18.03 -24.59 -3.43
N MET C 224 -18.15 -23.48 -4.16
CA MET C 224 -17.91 -22.17 -3.57
C MET C 224 -18.80 -21.92 -2.35
N THR C 225 -20.04 -22.39 -2.45
CA THR C 225 -20.99 -22.26 -1.37
C THR C 225 -20.56 -23.10 -0.17
N LYS C 226 -20.39 -24.40 -0.40
CA LYS C 226 -20.22 -25.34 0.69
C LYS C 226 -18.81 -25.29 1.29
N GLU C 227 -17.80 -25.02 0.46
CA GLU C 227 -16.42 -24.96 0.92
C GLU C 227 -16.13 -23.71 1.74
N THR C 228 -16.67 -22.55 1.32
CA THR C 228 -16.62 -21.31 2.11
C THR C 228 -17.14 -21.52 3.54
N LYS C 229 -18.25 -22.26 3.65
CA LYS C 229 -18.88 -22.52 4.95
C LYS C 229 -17.97 -23.38 5.83
N LYS C 230 -17.27 -24.34 5.23
CA LYS C 230 -16.36 -25.21 5.98
C LYS C 230 -15.10 -24.46 6.42
N ILE C 231 -14.42 -23.84 5.44
CA ILE C 231 -13.20 -23.07 5.66
C ILE C 231 -13.40 -22.01 6.74
N MET C 232 -14.48 -21.25 6.62
CA MET C 232 -14.78 -20.18 7.55
C MET C 232 -15.51 -20.64 8.80
N GLU C 233 -15.80 -21.94 8.87
CA GLU C 233 -16.38 -22.59 10.06
C GLU C 233 -17.68 -21.90 10.50
N ASP C 234 -18.50 -21.51 9.52
CA ASP C 234 -19.77 -20.84 9.80
C ASP C 234 -20.81 -21.23 8.76
N ASP C 235 -21.62 -22.24 9.10
CA ASP C 235 -22.70 -22.74 8.23
C ASP C 235 -23.71 -21.64 7.85
N SER C 236 -23.81 -20.61 8.69
CA SER C 236 -24.84 -19.57 8.52
C SER C 236 -24.45 -18.45 7.55
N ILE C 237 -23.26 -18.52 6.97
CA ILE C 237 -22.87 -17.57 5.92
C ILE C 237 -23.57 -17.92 4.61
N ALA C 238 -24.44 -17.03 4.15
CA ALA C 238 -25.14 -17.23 2.89
C ALA C 238 -24.20 -17.00 1.70
N VAL C 239 -24.10 -18.01 0.84
CA VAL C 239 -23.22 -17.95 -0.35
C VAL C 239 -23.94 -18.47 -1.60
N SER C 240 -24.00 -17.65 -2.65
CA SER C 240 -24.50 -18.05 -3.98
C SER C 240 -23.57 -17.56 -5.10
N ALA C 241 -23.31 -18.42 -6.06
CA ALA C 241 -22.32 -18.13 -7.10
C ALA C 241 -22.85 -18.38 -8.51
N THR C 242 -22.29 -17.63 -9.47
CA THR C 242 -22.39 -17.93 -10.88
C THR C 242 -20.97 -18.06 -11.39
N CYS C 243 -20.63 -19.24 -11.90
CA CYS C 243 -19.28 -19.49 -12.41
C CYS C 243 -19.27 -19.56 -13.93
N VAL C 244 -18.37 -18.78 -14.53
CA VAL C 244 -18.35 -18.53 -15.96
C VAL C 244 -16.93 -18.68 -16.47
N ARG C 245 -16.76 -19.39 -17.59
CA ARG C 245 -15.46 -19.51 -18.25
C ARG C 245 -15.36 -18.38 -19.28
N ILE C 246 -14.17 -17.81 -19.40
CA ILE C 246 -13.89 -16.75 -20.37
C ILE C 246 -12.54 -17.03 -21.06
N PRO C 247 -12.24 -16.34 -22.19
CA PRO C 247 -11.01 -16.63 -22.93
C PRO C 247 -9.75 -16.03 -22.29
N VAL C 248 -9.41 -16.56 -21.12
CA VAL C 248 -8.19 -16.24 -20.42
C VAL C 248 -7.54 -17.61 -20.21
N LEU C 249 -6.23 -17.71 -20.41
CA LEU C 249 -5.56 -18.99 -20.18
C LEU C 249 -5.27 -19.19 -18.70
N SER C 250 -4.70 -18.17 -18.04
CA SER C 250 -4.27 -18.23 -16.64
C SER C 250 -4.81 -17.05 -15.82
N ALA C 251 -5.21 -17.35 -14.60
CA ALA C 251 -5.74 -16.43 -13.60
C ALA C 251 -7.26 -16.24 -13.66
N HIS C 252 -7.91 -16.57 -12.54
CA HIS C 252 -9.32 -16.32 -12.33
C HIS C 252 -9.52 -14.94 -11.74
N SER C 253 -10.61 -14.28 -12.16
CA SER C 253 -11.06 -13.01 -11.60
C SER C 253 -12.45 -13.20 -11.04
N GLU C 254 -12.82 -12.40 -10.03
CA GLU C 254 -14.09 -12.58 -9.32
C GLU C 254 -14.75 -11.27 -8.95
N SER C 255 -16.00 -11.10 -9.38
CA SER C 255 -16.83 -10.00 -8.91
C SER C 255 -17.50 -10.43 -7.61
N VAL C 256 -17.06 -9.87 -6.49
CA VAL C 256 -17.52 -10.33 -5.18
C VAL C 256 -18.37 -9.26 -4.48
N TYR C 257 -19.56 -9.67 -4.04
CA TYR C 257 -20.40 -8.83 -3.24
C TYR C 257 -20.57 -9.47 -1.88
N ILE C 258 -20.47 -8.64 -0.83
CA ILE C 258 -20.65 -9.12 0.54
C ILE C 258 -21.56 -8.20 1.35
N GLU C 259 -22.17 -8.76 2.38
CA GLU C 259 -22.81 -7.96 3.43
C GLU C 259 -22.22 -8.37 4.76
N THR C 260 -21.68 -7.38 5.48
CA THR C 260 -21.03 -7.63 6.76
C THR C 260 -22.06 -7.64 7.90
N LYS C 261 -21.63 -8.02 9.11
CA LYS C 261 -22.48 -7.94 10.30
C LYS C 261 -22.60 -6.49 10.76
N GLU C 262 -21.49 -5.76 10.70
CA GLU C 262 -21.44 -4.35 11.06
C GLU C 262 -20.92 -3.55 9.87
N VAL C 263 -21.35 -2.30 9.76
CA VAL C 263 -20.85 -1.37 8.73
C VAL C 263 -19.32 -1.27 8.80
N ALA C 264 -18.68 -1.57 7.68
CA ALA C 264 -17.22 -1.57 7.60
C ALA C 264 -16.74 -0.42 6.72
N PRO C 265 -16.17 0.64 7.33
CA PRO C 265 -15.68 1.79 6.57
C PRO C 265 -14.60 1.36 5.57
N ILE C 266 -14.74 1.80 4.32
CA ILE C 266 -13.92 1.33 3.19
C ILE C 266 -12.41 1.45 3.40
N GLU C 267 -11.96 2.59 3.92
CA GLU C 267 -10.53 2.83 4.12
C GLU C 267 -9.92 1.84 5.10
N GLU C 268 -10.76 1.31 5.98
CA GLU C 268 -10.33 0.31 6.97
C GLU C 268 -10.43 -1.10 6.38
N VAL C 269 -11.41 -1.30 5.49
CA VAL C 269 -11.49 -2.55 4.72
C VAL C 269 -10.22 -2.67 3.89
N LYS C 270 -9.88 -1.59 3.16
CA LYS C 270 -8.67 -1.54 2.34
C LYS C 270 -7.41 -1.84 3.15
N ALA C 271 -7.23 -1.13 4.26
CA ALA C 271 -6.09 -1.32 5.15
C ALA C 271 -5.99 -2.73 5.67
N ALA C 272 -7.11 -3.30 6.07
CA ALA C 272 -7.17 -4.67 6.60
C ALA C 272 -6.67 -5.70 5.57
N ILE C 273 -7.21 -5.63 4.35
CA ILE C 273 -6.79 -6.52 3.27
C ILE C 273 -5.29 -6.36 2.99
N ALA C 274 -4.86 -5.12 2.83
CA ALA C 274 -3.44 -4.80 2.61
C ALA C 274 -2.53 -5.45 3.67
N ALA C 275 -2.93 -5.39 4.94
CA ALA C 275 -2.12 -5.97 6.03
C ALA C 275 -2.22 -7.50 6.15
N PHE C 276 -3.19 -8.10 5.44
CA PHE C 276 -3.47 -9.53 5.54
C PHE C 276 -2.52 -10.37 4.70
N PRO C 277 -1.96 -11.44 5.31
CA PRO C 277 -1.04 -12.38 4.65
C PRO C 277 -1.61 -13.01 3.39
N GLY C 278 -0.83 -13.00 2.32
CA GLY C 278 -1.26 -13.58 1.05
C GLY C 278 -2.11 -12.66 0.20
N ALA C 279 -2.56 -11.54 0.76
CA ALA C 279 -3.36 -10.56 0.02
C ALA C 279 -2.53 -9.34 -0.36
N VAL C 280 -2.77 -8.81 -1.55
CA VAL C 280 -2.13 -7.58 -1.99
C VAL C 280 -3.20 -6.63 -2.47
N LEU C 281 -3.20 -5.42 -1.93
CA LEU C 281 -4.16 -4.38 -2.28
C LEU C 281 -3.72 -3.65 -3.54
N GLU C 282 -4.54 -3.75 -4.59
CA GLU C 282 -4.32 -3.01 -5.83
C GLU C 282 -5.56 -2.17 -6.05
N ASP C 283 -5.56 -0.97 -5.47
CA ASP C 283 -6.76 -0.14 -5.44
C ASP C 283 -6.43 1.34 -5.40
N ASP C 284 -6.35 1.94 -6.57
CA ASP C 284 -6.04 3.36 -6.73
C ASP C 284 -6.67 3.76 -8.06
N VAL C 285 -7.97 3.94 -8.04
CA VAL C 285 -8.76 4.17 -9.25
C VAL C 285 -8.42 5.50 -9.96
N ALA C 286 -7.80 6.42 -9.22
CA ALA C 286 -7.30 7.67 -9.80
C ALA C 286 -6.22 7.39 -10.84
N HIS C 287 -5.38 6.39 -10.56
CA HIS C 287 -4.32 5.95 -11.47
C HIS C 287 -4.69 4.65 -12.21
N GLN C 288 -5.98 4.32 -12.18
CA GLN C 288 -6.53 3.13 -12.87
C GLN C 288 -5.89 1.82 -12.42
N ILE C 289 -5.58 1.73 -11.13
CA ILE C 289 -4.94 0.55 -10.58
C ILE C 289 -6.01 -0.38 -10.00
N TYR C 290 -6.01 -1.62 -10.48
CA TYR C 290 -6.90 -2.70 -10.03
C TYR C 290 -6.31 -4.05 -10.46
N PRO C 291 -6.73 -5.15 -9.80
CA PRO C 291 -6.22 -6.46 -10.18
C PRO C 291 -6.56 -6.78 -11.62
N GLN C 292 -5.60 -7.41 -12.30
CA GLN C 292 -5.75 -7.87 -13.67
C GLN C 292 -5.20 -9.29 -13.80
N ALA C 293 -5.96 -10.16 -14.45
CA ALA C 293 -5.53 -11.54 -14.69
C ALA C 293 -4.11 -11.63 -15.21
N ILE C 294 -3.78 -10.84 -16.25
CA ILE C 294 -2.45 -10.91 -16.89
C ILE C 294 -1.29 -10.52 -15.97
N ASN C 295 -1.54 -9.63 -15.02
CA ASN C 295 -0.52 -9.21 -14.06
C ASN C 295 -0.37 -10.22 -12.91
N ALA C 296 -1.37 -11.08 -12.75
CA ALA C 296 -1.42 -12.01 -11.61
C ALA C 296 -0.68 -13.30 -11.90
N VAL C 297 -0.53 -13.62 -13.18
CA VAL C 297 0.11 -14.86 -13.63
C VAL C 297 1.52 -14.95 -13.06
N GLY C 298 1.85 -16.07 -12.43
CA GLY C 298 3.22 -16.30 -11.94
C GLY C 298 3.47 -15.86 -10.50
N SER C 299 2.50 -15.18 -9.90
CA SER C 299 2.62 -14.69 -8.52
C SER C 299 1.83 -15.54 -7.55
N ARG C 300 2.36 -15.72 -6.33
CA ARG C 300 1.65 -16.42 -5.28
C ARG C 300 0.50 -15.60 -4.66
N ASP C 301 0.49 -14.29 -4.90
CA ASP C 301 -0.44 -13.40 -4.22
C ASP C 301 -1.88 -13.43 -4.75
N THR C 302 -2.80 -12.99 -3.89
CA THR C 302 -4.19 -12.78 -4.22
C THR C 302 -4.40 -11.28 -4.27
N PHE C 303 -4.94 -10.76 -5.37
CA PHE C 303 -5.02 -9.32 -5.56
C PHE C 303 -6.43 -8.80 -5.42
N VAL C 304 -6.59 -7.71 -4.67
CA VAL C 304 -7.93 -7.15 -4.39
C VAL C 304 -8.01 -5.67 -4.74
N GLY C 305 -9.08 -5.29 -5.41
CA GLY C 305 -9.35 -3.90 -5.77
C GLY C 305 -10.82 -3.66 -6.03
N ARG C 306 -11.13 -2.56 -6.72
CA ARG C 306 -12.51 -2.09 -6.94
C ARG C 306 -13.39 -2.14 -5.67
N ILE C 307 -12.76 -1.93 -4.51
CA ILE C 307 -13.44 -2.01 -3.22
C ILE C 307 -14.30 -0.77 -3.02
N ARG C 308 -15.61 -1.00 -2.94
CA ARG C 308 -16.57 0.09 -2.73
C ARG C 308 -17.83 -0.43 -2.07
N LYS C 309 -18.48 0.44 -1.31
CA LYS C 309 -19.73 0.12 -0.63
C LYS C 309 -20.88 0.04 -1.64
N ASP C 310 -21.91 -0.72 -1.29
CA ASP C 310 -23.13 -0.79 -2.10
C ASP C 310 -23.82 0.57 -2.08
N LEU C 311 -24.38 0.97 -3.22
CA LEU C 311 -25.06 2.24 -3.33
C LEU C 311 -26.29 2.34 -2.42
N ASP C 312 -26.85 1.19 -2.02
CA ASP C 312 -28.06 1.19 -1.20
C ASP C 312 -27.96 0.42 0.13
N ALA C 313 -27.50 -0.83 0.08
CA ALA C 313 -27.37 -1.66 1.27
C ALA C 313 -26.21 -1.16 2.13
N GLU C 314 -26.53 -0.70 3.34
CA GLU C 314 -25.56 0.00 4.16
C GLU C 314 -24.38 -0.87 4.57
N LYS C 315 -24.58 -2.19 4.62
CA LYS C 315 -23.51 -3.13 4.97
C LYS C 315 -22.91 -3.85 3.75
N GLY C 316 -23.35 -3.44 2.56
CA GLY C 316 -22.92 -4.06 1.31
C GLY C 316 -21.62 -3.48 0.77
N ILE C 317 -20.74 -4.37 0.31
CA ILE C 317 -19.45 -3.99 -0.26
C ILE C 317 -19.17 -4.83 -1.52
N HIS C 318 -18.68 -4.16 -2.57
CA HIS C 318 -18.28 -4.80 -3.81
C HIS C 318 -16.77 -4.82 -3.94
N MET C 319 -16.23 -5.86 -4.59
CA MET C 319 -14.79 -5.95 -4.85
C MET C 319 -14.42 -6.89 -6.00
N TRP C 320 -13.16 -6.77 -6.44
CA TRP C 320 -12.62 -7.46 -7.60
C TRP C 320 -11.40 -8.25 -7.14
N VAL C 321 -11.45 -9.56 -7.28
CA VAL C 321 -10.42 -10.46 -6.74
C VAL C 321 -9.80 -11.33 -7.84
N VAL C 322 -8.48 -11.32 -7.93
CA VAL C 322 -7.75 -11.98 -8.98
C VAL C 322 -6.60 -12.79 -8.40
N SER C 323 -6.42 -14.02 -8.88
CA SER C 323 -5.29 -14.84 -8.50
C SER C 323 -4.95 -15.87 -9.58
N ASP C 324 -3.66 -16.20 -9.71
CA ASP C 324 -3.23 -17.31 -10.57
C ASP C 324 -3.87 -18.59 -10.04
N ASN C 325 -4.77 -19.16 -10.83
CA ASN C 325 -5.55 -20.33 -10.46
C ASN C 325 -4.73 -21.60 -10.34
N LEU C 326 -3.51 -21.58 -10.89
CA LEU C 326 -2.65 -22.75 -10.79
C LEU C 326 -1.65 -22.63 -9.64
N LEU C 327 -1.48 -21.42 -9.11
CA LEU C 327 -0.60 -21.22 -7.96
C LEU C 327 -1.36 -21.22 -6.63
N LYS C 328 -1.87 -20.08 -6.21
CA LYS C 328 -2.59 -20.03 -4.93
C LYS C 328 -3.89 -20.80 -5.05
N GLY C 329 -4.45 -20.82 -6.26
CA GLY C 329 -5.64 -21.61 -6.56
C GLY C 329 -5.44 -23.12 -6.50
N ALA C 330 -4.19 -23.57 -6.44
CA ALA C 330 -3.89 -25.00 -6.43
C ALA C 330 -2.51 -25.34 -5.86
N ALA C 331 -1.48 -25.32 -6.71
CA ALA C 331 -0.17 -25.86 -6.36
C ALA C 331 0.49 -25.17 -5.16
N TRP C 332 0.52 -23.84 -5.17
CA TRP C 332 1.12 -23.11 -4.07
C TRP C 332 0.36 -23.29 -2.75
N ASN C 333 -0.96 -23.21 -2.80
CA ASN C 333 -1.78 -23.50 -1.62
C ASN C 333 -1.49 -24.89 -1.03
N SER C 334 -1.27 -25.87 -1.92
CA SER C 334 -0.93 -27.23 -1.50
C SER C 334 0.44 -27.29 -0.81
N VAL C 335 1.47 -26.77 -1.49
CA VAL C 335 2.82 -26.71 -0.95
C VAL C 335 2.82 -25.94 0.37
N GLN C 336 2.13 -24.78 0.38
CA GLN C 336 1.95 -23.98 1.59
C GLN C 336 1.28 -24.73 2.74
N ILE C 337 0.32 -25.60 2.41
CA ILE C 337 -0.29 -26.48 3.41
C ILE C 337 0.76 -27.43 3.99
N ALA C 338 1.62 -27.97 3.15
CA ALA C 338 2.68 -28.88 3.62
C ALA C 338 3.70 -28.17 4.50
N GLU C 339 4.07 -26.95 4.12
CA GLU C 339 4.95 -26.12 4.97
C GLU C 339 4.30 -25.83 6.33
N THR C 340 2.99 -25.57 6.32
CA THR C 340 2.24 -25.26 7.54
C THR C 340 2.11 -26.48 8.43
N LEU C 341 1.98 -27.65 7.82
CA LEU C 341 1.93 -28.91 8.55
C LEU C 341 3.26 -29.12 9.26
N HIS C 342 4.36 -28.87 8.56
CA HIS C 342 5.67 -28.96 9.18
C HIS C 342 5.85 -27.89 10.26
N GLU C 343 5.45 -26.66 9.94
CA GLU C 343 5.49 -25.53 10.84
C GLU C 343 4.87 -25.84 12.21
N ARG C 344 3.70 -26.48 12.20
CA ARG C 344 2.93 -26.73 13.41
C ARG C 344 3.29 -28.07 14.06
N GLY C 345 4.26 -28.78 13.50
CA GLY C 345 4.69 -30.10 14.00
C GLY C 345 3.70 -31.22 13.72
N LEU C 346 3.06 -31.16 12.56
CA LEU C 346 1.94 -32.06 12.24
C LEU C 346 2.26 -33.14 11.18
N VAL C 347 3.49 -33.16 10.68
CA VAL C 347 3.94 -34.26 9.81
C VAL C 347 4.33 -35.47 10.65
N ARG C 348 3.36 -36.34 10.89
CA ARG C 348 3.57 -37.62 11.57
C ARG C 348 2.57 -38.66 11.03
N PRO C 349 2.83 -39.95 11.27
CA PRO C 349 1.85 -40.99 10.95
C PRO C 349 0.57 -40.84 11.77
N THR C 350 -0.58 -41.13 11.14
CA THR C 350 -1.85 -41.25 11.83
C THR C 350 -2.00 -42.69 12.30
N ALA C 351 -2.42 -42.87 13.56
CA ALA C 351 -2.58 -44.22 14.12
C ALA C 351 -3.85 -44.92 13.62
N GLU C 352 -4.95 -44.16 13.54
CA GLU C 352 -6.23 -44.72 13.13
C GLU C 352 -6.62 -44.31 11.71
N LEU C 353 -6.91 -45.31 10.89
CA LEU C 353 -7.42 -45.11 9.54
C LEU C 353 -8.88 -44.73 9.60
N LYS C 354 -9.25 -43.67 8.87
CA LYS C 354 -10.65 -43.24 8.83
C LYS C 354 -11.20 -43.12 7.40
N PHE C 355 -10.55 -43.83 6.47
CA PHE C 355 -10.98 -43.80 5.06
C PHE C 355 -10.99 -45.21 4.47
N GLU C 356 -12.06 -45.52 3.74
CA GLU C 356 -12.25 -46.84 3.13
C GLU C 356 -11.12 -47.16 2.15
N LEU C 357 -10.48 -48.32 2.32
CA LEU C 357 -9.50 -48.78 1.36
C LEU C 357 -10.24 -49.39 0.16
N LYS C 358 -10.17 -48.72 -0.98
CA LYS C 358 -11.00 -49.08 -2.14
C LYS C 358 -10.49 -50.24 -3.03
N LEU C 359 -9.29 -50.76 -2.72
CA LEU C 359 -8.68 -51.83 -3.53
C LEU C 359 -8.43 -53.12 -2.75
N GLU C 360 -9.25 -53.39 -1.74
CA GLU C 360 -9.05 -54.57 -0.91
C GLU C 360 -9.63 -55.84 -1.56
N HIS C 361 -10.69 -55.66 -2.36
CA HIS C 361 -11.37 -56.78 -3.01
C HIS C 361 -10.57 -57.40 -4.14
N GLY D 2 -43.51 8.55 -47.29
CA GLY D 2 -42.39 8.03 -46.45
C GLY D 2 -41.64 9.13 -45.74
N TYR D 3 -40.49 8.76 -45.16
CA TYR D 3 -39.69 9.70 -44.38
C TYR D 3 -38.33 10.03 -44.99
N THR D 4 -37.79 11.20 -44.63
CA THR D 4 -36.39 11.52 -44.83
C THR D 4 -35.66 11.17 -43.53
N VAL D 5 -34.79 10.17 -43.60
CA VAL D 5 -34.08 9.70 -42.39
C VAL D 5 -32.57 9.93 -42.49
N ALA D 6 -31.99 10.52 -41.45
CA ALA D 6 -30.55 10.76 -41.39
C ALA D 6 -29.87 9.88 -40.35
N VAL D 7 -28.64 9.48 -40.65
CA VAL D 7 -27.77 8.77 -39.70
C VAL D 7 -26.52 9.59 -39.40
N VAL D 8 -26.38 10.00 -38.15
CA VAL D 8 -25.21 10.77 -37.73
C VAL D 8 -24.22 9.82 -37.09
N GLY D 9 -23.04 9.73 -37.70
CA GLY D 9 -22.00 8.80 -37.29
C GLY D 9 -22.16 7.45 -37.99
N ALA D 10 -22.40 7.50 -39.29
CA ALA D 10 -22.69 6.33 -40.12
C ALA D 10 -21.50 5.38 -40.34
N THR D 11 -20.28 5.87 -40.11
CA THR D 11 -19.05 5.09 -40.32
C THR D 11 -18.72 4.12 -39.18
N GLY D 12 -19.12 4.48 -37.95
CA GLY D 12 -18.76 3.71 -36.75
C GLY D 12 -19.40 2.34 -36.65
N ALA D 13 -19.00 1.59 -35.61
CA ALA D 13 -19.56 0.27 -35.31
C ALA D 13 -21.08 0.25 -35.23
N VAL D 14 -21.65 1.21 -34.49
CA VAL D 14 -23.10 1.33 -34.38
C VAL D 14 -23.71 1.84 -35.71
N GLY D 15 -23.02 2.79 -36.35
CA GLY D 15 -23.46 3.34 -37.64
C GLY D 15 -23.73 2.28 -38.70
N ALA D 16 -22.80 1.33 -38.84
CA ALA D 16 -22.91 0.24 -39.82
C ALA D 16 -24.13 -0.65 -39.57
N GLN D 17 -24.38 -0.98 -38.31
CA GLN D 17 -25.56 -1.78 -37.97
C GLN D 17 -26.83 -0.96 -38.10
N MET D 18 -26.73 0.33 -37.83
CA MET D 18 -27.84 1.24 -38.04
C MET D 18 -28.30 1.21 -39.50
N ILE D 19 -27.34 1.20 -40.43
CA ILE D 19 -27.65 1.05 -41.85
C ILE D 19 -28.42 -0.25 -42.10
N LYS D 20 -27.83 -1.37 -41.67
CA LYS D 20 -28.41 -2.70 -41.89
C LYS D 20 -29.80 -2.90 -41.26
N MET D 21 -30.02 -2.29 -40.10
CA MET D 21 -31.34 -2.32 -39.46
C MET D 21 -32.37 -1.48 -40.23
N LEU D 22 -31.99 -0.26 -40.62
CA LEU D 22 -32.85 0.56 -41.47
C LEU D 22 -33.24 -0.13 -42.77
N GLU D 23 -32.28 -0.83 -43.38
CA GLU D 23 -32.51 -1.57 -44.64
C GLU D 23 -33.62 -2.62 -44.51
N GLU D 24 -33.72 -3.24 -43.34
CA GLU D 24 -34.65 -4.35 -43.09
C GLU D 24 -35.87 -3.89 -42.27
N SER D 25 -35.99 -2.57 -42.10
CA SER D 25 -37.03 -1.97 -41.26
C SER D 25 -38.37 -1.84 -41.98
N THR D 26 -39.46 -1.78 -41.21
CA THR D 26 -40.79 -1.53 -41.77
C THR D 26 -41.12 -0.04 -41.77
N LEU D 27 -40.14 0.79 -41.43
CA LEU D 27 -40.26 2.23 -41.57
C LEU D 27 -40.34 2.58 -43.07
N PRO D 28 -41.38 3.30 -43.49
CA PRO D 28 -41.44 3.75 -44.89
C PRO D 28 -40.48 4.92 -45.13
N ILE D 29 -39.42 4.66 -45.89
CA ILE D 29 -38.36 5.66 -46.10
C ILE D 29 -38.36 6.14 -47.55
N ASP D 30 -38.43 7.45 -47.73
CA ASP D 30 -38.37 8.08 -49.06
C ASP D 30 -36.93 8.39 -49.49
N LYS D 31 -36.11 8.79 -48.52
CA LYS D 31 -34.68 9.01 -48.74
C LYS D 31 -33.85 8.87 -47.46
N ILE D 32 -32.61 8.45 -47.63
CA ILE D 32 -31.69 8.32 -46.51
C ILE D 32 -30.49 9.25 -46.70
N ARG D 33 -29.94 9.75 -45.59
CA ARG D 33 -28.75 10.60 -45.61
C ARG D 33 -27.74 10.20 -44.54
N TYR D 34 -26.45 10.26 -44.88
CA TYR D 34 -25.38 9.91 -43.94
C TYR D 34 -24.56 11.12 -43.52
N LEU D 35 -24.23 11.19 -42.23
CA LEU D 35 -23.43 12.30 -41.68
C LEU D 35 -22.37 11.78 -40.71
N ALA D 36 -21.21 12.47 -40.69
CA ALA D 36 -20.11 12.18 -39.75
C ALA D 36 -19.12 13.35 -39.68
N SER D 37 -17.96 13.10 -39.08
CA SER D 37 -16.87 14.09 -39.02
C SER D 37 -16.33 14.44 -40.41
N ALA D 38 -15.83 15.67 -40.56
CA ALA D 38 -15.29 16.16 -41.84
C ALA D 38 -14.04 15.39 -42.32
N ARG D 39 -13.46 14.59 -41.44
CA ARG D 39 -12.39 13.63 -41.77
C ARG D 39 -12.93 12.54 -42.72
N SER D 40 -14.10 11.99 -42.41
CA SER D 40 -14.78 10.99 -43.25
C SER D 40 -15.65 11.62 -44.34
N ALA D 41 -15.85 12.94 -44.28
CA ALA D 41 -16.71 13.65 -45.23
C ALA D 41 -16.22 13.50 -46.67
N GLY D 42 -17.16 13.28 -47.59
CA GLY D 42 -16.85 13.06 -49.00
C GLY D 42 -16.95 11.60 -49.41
N LYS D 43 -16.55 10.70 -48.52
CA LYS D 43 -16.58 9.25 -48.73
C LYS D 43 -17.98 8.73 -49.14
N SER D 44 -18.07 7.42 -49.38
CA SER D 44 -19.31 6.81 -49.84
C SER D 44 -19.65 5.49 -49.12
N LEU D 45 -20.93 5.31 -48.82
CA LEU D 45 -21.47 4.04 -48.32
C LEU D 45 -22.82 3.71 -48.98
N LYS D 46 -23.20 2.43 -48.91
CA LYS D 46 -24.43 1.95 -49.54
C LYS D 46 -25.66 1.92 -48.63
N PHE D 47 -26.83 1.92 -49.26
CA PHE D 47 -28.11 1.67 -48.61
C PHE D 47 -28.94 0.93 -49.65
N LYS D 48 -29.12 -0.37 -49.44
CA LYS D 48 -29.69 -1.28 -50.45
C LYS D 48 -28.73 -1.34 -51.65
N ASP D 49 -28.85 -0.40 -52.58
CA ASP D 49 -27.81 -0.17 -53.60
C ASP D 49 -27.62 1.31 -53.99
N GLN D 50 -28.26 2.20 -53.25
CA GLN D 50 -28.05 3.64 -53.38
C GLN D 50 -26.70 4.05 -52.80
N ASP D 51 -25.98 4.90 -53.52
CA ASP D 51 -24.73 5.48 -53.04
C ASP D 51 -24.99 6.86 -52.43
N ILE D 52 -24.52 7.05 -51.19
CA ILE D 52 -24.73 8.29 -50.45
C ILE D 52 -23.41 8.97 -50.12
N THR D 53 -23.36 10.28 -50.31
CA THR D 53 -22.19 11.06 -49.95
C THR D 53 -22.27 11.45 -48.48
N ILE D 54 -21.27 11.02 -47.72
CA ILE D 54 -21.16 11.37 -46.30
C ILE D 54 -20.90 12.88 -46.17
N GLU D 55 -21.65 13.52 -45.27
CA GLU D 55 -21.58 14.97 -45.11
C GLU D 55 -21.13 15.36 -43.70
N GLU D 56 -20.55 16.57 -43.59
CA GLU D 56 -20.16 17.14 -42.31
C GLU D 56 -21.39 17.67 -41.57
N THR D 57 -21.50 17.29 -40.30
CA THR D 57 -22.59 17.70 -39.43
C THR D 57 -22.47 19.18 -39.05
N THR D 58 -23.34 20.00 -39.62
CA THR D 58 -23.38 21.42 -39.28
C THR D 58 -24.68 21.76 -38.55
N GLU D 59 -25.00 23.05 -38.50
CA GLU D 59 -26.18 23.53 -37.78
C GLU D 59 -27.41 23.45 -38.67
N THR D 60 -27.31 23.95 -39.90
CA THR D 60 -28.43 23.93 -40.86
C THR D 60 -28.34 22.75 -41.85
N ALA D 61 -27.64 21.69 -41.43
CA ALA D 61 -27.58 20.45 -42.19
C ALA D 61 -28.87 19.61 -42.06
N PHE D 62 -29.60 19.82 -40.97
CA PHE D 62 -30.81 19.03 -40.65
C PHE D 62 -32.08 19.56 -41.32
N GLU D 63 -31.91 20.27 -42.43
CA GLU D 63 -33.05 20.79 -43.18
C GLU D 63 -33.74 19.68 -43.99
N GLY D 64 -35.08 19.67 -43.95
CA GLY D 64 -35.87 18.64 -44.64
C GLY D 64 -35.86 17.25 -44.01
N VAL D 65 -35.29 17.12 -42.82
CA VAL D 65 -35.18 15.82 -42.13
C VAL D 65 -36.35 15.53 -41.18
N ASP D 66 -36.92 14.34 -41.30
CA ASP D 66 -37.98 13.89 -40.41
C ASP D 66 -37.42 13.19 -39.15
N ILE D 67 -36.59 12.17 -39.35
CA ILE D 67 -36.02 11.37 -38.27
C ILE D 67 -34.49 11.35 -38.33
N ALA D 68 -33.84 11.68 -37.22
CA ALA D 68 -32.38 11.65 -37.13
C ALA D 68 -31.91 10.69 -36.04
N LEU D 69 -30.96 9.83 -36.40
CA LEU D 69 -30.39 8.86 -35.45
C LEU D 69 -28.93 9.18 -35.18
N PHE D 70 -28.63 9.61 -33.95
CA PHE D 70 -27.27 10.00 -33.57
C PHE D 70 -26.54 8.80 -32.98
N SER D 71 -25.35 8.52 -33.51
CA SER D 71 -24.56 7.36 -33.06
C SER D 71 -23.09 7.70 -32.81
N ALA D 72 -22.71 8.96 -33.08
CA ALA D 72 -21.37 9.48 -32.81
C ALA D 72 -21.14 9.70 -31.30
N GLY D 73 -20.39 10.73 -30.95
CA GLY D 73 -20.00 10.93 -29.55
C GLY D 73 -20.93 11.83 -28.75
N SER D 74 -20.70 11.86 -27.45
CA SER D 74 -21.39 12.76 -26.52
C SER D 74 -21.42 14.20 -27.00
N SER D 75 -20.25 14.71 -27.41
CA SER D 75 -20.13 16.12 -27.76
C SER D 75 -20.83 16.50 -29.07
N THR D 76 -20.95 15.54 -30.00
CA THR D 76 -21.67 15.76 -31.26
C THR D 76 -23.15 16.03 -30.99
N SER D 77 -23.80 15.08 -30.32
CA SER D 77 -25.22 15.18 -29.97
C SER D 77 -25.55 16.46 -29.19
N ALA D 78 -24.70 16.82 -28.23
CA ALA D 78 -24.88 18.03 -27.44
C ALA D 78 -24.86 19.26 -28.34
N LYS D 79 -23.90 19.27 -29.27
CA LYS D 79 -23.73 20.42 -30.16
C LYS D 79 -24.78 20.50 -31.26
N TYR D 80 -25.26 19.35 -31.75
CA TYR D 80 -26.04 19.32 -33.00
C TYR D 80 -27.50 18.86 -32.92
N ALA D 81 -27.85 18.06 -31.91
CA ALA D 81 -29.24 17.62 -31.73
C ALA D 81 -30.24 18.76 -31.51
N PRO D 82 -29.93 19.73 -30.60
CA PRO D 82 -30.91 20.81 -30.37
C PRO D 82 -31.25 21.58 -31.64
N TYR D 83 -30.30 21.66 -32.56
CA TYR D 83 -30.53 22.30 -33.86
C TYR D 83 -31.46 21.46 -34.73
N ALA D 84 -31.24 20.14 -34.74
CA ALA D 84 -32.11 19.21 -35.45
C ALA D 84 -33.56 19.38 -35.00
N VAL D 85 -33.78 19.33 -33.69
CA VAL D 85 -35.08 19.58 -33.09
C VAL D 85 -35.63 20.94 -33.52
N LYS D 86 -34.77 21.95 -33.57
CA LYS D 86 -35.19 23.30 -33.98
C LYS D 86 -35.59 23.38 -35.45
N ALA D 87 -34.96 22.55 -36.28
CA ALA D 87 -35.36 22.39 -37.68
C ALA D 87 -36.59 21.49 -37.81
N GLY D 88 -37.04 20.91 -36.69
CA GLY D 88 -38.29 20.16 -36.65
C GLY D 88 -38.11 18.65 -36.68
N VAL D 89 -36.85 18.20 -36.63
CA VAL D 89 -36.52 16.78 -36.74
C VAL D 89 -36.84 16.05 -35.46
N VAL D 90 -37.25 14.79 -35.58
CA VAL D 90 -37.33 13.90 -34.42
C VAL D 90 -35.99 13.17 -34.28
N VAL D 91 -35.34 13.42 -33.14
CA VAL D 91 -34.02 12.87 -32.85
C VAL D 91 -34.12 11.60 -32.00
N VAL D 92 -33.33 10.60 -32.37
CA VAL D 92 -33.11 9.42 -31.54
C VAL D 92 -31.61 9.30 -31.30
N ASP D 93 -31.19 9.57 -30.06
CA ASP D 93 -29.77 9.61 -29.72
C ASP D 93 -29.27 8.32 -29.10
N ASN D 94 -28.06 7.92 -29.47
CA ASN D 94 -27.41 6.73 -28.95
C ASN D 94 -26.42 7.02 -27.82
N THR D 95 -26.09 8.29 -27.63
CA THR D 95 -25.12 8.70 -26.61
C THR D 95 -25.78 8.83 -25.25
N SER D 96 -24.99 9.19 -24.25
CA SER D 96 -25.47 9.29 -22.88
C SER D 96 -25.81 10.72 -22.45
N TYR D 97 -25.56 11.68 -23.32
CA TYR D 97 -25.71 13.10 -22.95
C TYR D 97 -27.11 13.49 -22.48
N PHE D 98 -28.11 13.17 -23.29
CA PHE D 98 -29.50 13.57 -23.02
C PHE D 98 -30.27 12.61 -22.13
N ARG D 99 -29.68 11.45 -21.84
CA ARG D 99 -30.38 10.37 -21.15
C ARG D 99 -30.95 10.73 -19.77
N GLN D 100 -30.25 11.61 -19.04
CA GLN D 100 -30.68 11.96 -17.69
C GLN D 100 -31.40 13.32 -17.58
N ASN D 101 -31.82 13.82 -18.74
CA ASN D 101 -32.57 15.07 -18.83
C ASN D 101 -34.07 14.82 -18.67
N PRO D 102 -34.71 15.51 -17.70
CA PRO D 102 -36.14 15.33 -17.40
C PRO D 102 -37.07 15.49 -18.60
N ASP D 103 -36.59 16.15 -19.66
CA ASP D 103 -37.39 16.42 -20.86
C ASP D 103 -37.24 15.35 -21.96
N VAL D 104 -36.38 14.36 -21.73
CA VAL D 104 -36.07 13.35 -22.75
C VAL D 104 -36.55 11.95 -22.34
N PRO D 105 -37.39 11.30 -23.17
CA PRO D 105 -37.76 9.92 -22.87
C PRO D 105 -36.60 8.97 -23.13
N LEU D 106 -36.33 8.10 -22.16
CA LEU D 106 -35.24 7.14 -22.25
C LEU D 106 -35.85 5.75 -22.42
N VAL D 107 -35.82 5.24 -23.65
CA VAL D 107 -36.79 4.24 -24.09
C VAL D 107 -36.24 2.91 -24.59
N VAL D 108 -36.81 1.85 -24.02
CA VAL D 108 -36.79 0.52 -24.61
C VAL D 108 -38.24 0.23 -24.96
N PRO D 109 -38.54 -0.01 -26.25
CA PRO D 109 -39.94 -0.03 -26.65
C PRO D 109 -40.82 -1.09 -25.98
N GLU D 110 -40.24 -2.24 -25.63
CA GLU D 110 -41.02 -3.29 -24.95
C GLU D 110 -41.34 -2.94 -23.49
N VAL D 111 -40.58 -1.99 -22.93
CA VAL D 111 -40.73 -1.66 -21.53
C VAL D 111 -41.52 -0.36 -21.36
N ASN D 112 -41.06 0.71 -21.99
CA ASN D 112 -41.65 2.03 -21.81
C ASN D 112 -41.89 2.80 -23.11
N ALA D 113 -42.59 2.18 -24.05
CA ALA D 113 -43.00 2.87 -25.28
C ALA D 113 -43.94 4.02 -24.97
N HIS D 114 -44.67 3.92 -23.86
CA HIS D 114 -45.64 4.95 -23.46
C HIS D 114 -44.98 6.32 -23.19
N ALA D 115 -43.74 6.27 -22.72
CA ALA D 115 -42.94 7.47 -22.47
C ALA D 115 -42.62 8.27 -23.73
N LEU D 116 -42.83 7.64 -24.90
CA LEU D 116 -42.62 8.33 -26.20
C LEU D 116 -43.68 9.36 -26.54
N ASP D 117 -44.87 9.24 -25.95
CA ASP D 117 -45.98 10.15 -26.23
C ASP D 117 -45.71 11.59 -25.81
N ALA D 118 -44.93 11.74 -24.74
CA ALA D 118 -44.60 13.06 -24.18
C ALA D 118 -43.23 13.54 -24.65
N HIS D 119 -42.78 13.05 -25.80
CA HIS D 119 -41.45 13.40 -26.29
C HIS D 119 -41.41 14.86 -26.72
N ASN D 120 -40.23 15.45 -26.60
CA ASN D 120 -40.00 16.85 -26.96
C ASN D 120 -38.98 17.01 -28.08
N GLY D 121 -38.91 16.01 -28.95
CA GLY D 121 -38.03 16.06 -30.11
C GLY D 121 -36.77 15.23 -29.99
N ILE D 122 -36.39 14.87 -28.76
CA ILE D 122 -35.25 13.99 -28.51
C ILE D 122 -35.70 12.76 -27.73
N ILE D 123 -35.41 11.59 -28.29
CA ILE D 123 -35.58 10.33 -27.56
C ILE D 123 -34.21 9.66 -27.44
N ALA D 124 -33.84 9.30 -26.21
CA ALA D 124 -32.55 8.70 -25.93
C ALA D 124 -32.61 7.17 -25.91
N CYS D 125 -31.71 6.55 -26.68
CA CYS D 125 -31.50 5.12 -26.62
C CYS D 125 -30.54 4.84 -25.44
N PRO D 126 -30.94 3.97 -24.50
CA PRO D 126 -30.13 3.69 -23.31
C PRO D 126 -28.77 3.05 -23.60
N ASN D 127 -27.96 2.92 -22.55
CA ASN D 127 -26.73 2.14 -22.61
C ASN D 127 -27.04 0.69 -22.97
N CYS D 128 -26.21 0.11 -23.82
CA CYS D 128 -26.41 -1.28 -24.29
C CYS D 128 -26.55 -2.30 -23.19
N SER D 129 -25.71 -2.22 -22.16
CA SER D 129 -25.78 -3.18 -21.06
C SER D 129 -27.09 -3.04 -20.28
N THR D 130 -27.61 -1.82 -20.25
CA THR D 130 -28.89 -1.54 -19.62
C THR D 130 -30.07 -2.13 -20.41
N ILE D 131 -30.09 -1.88 -21.72
CA ILE D 131 -31.18 -2.32 -22.58
C ILE D 131 -31.52 -3.82 -22.43
N GLN D 132 -30.50 -4.68 -22.50
CA GLN D 132 -30.74 -6.13 -22.43
C GLN D 132 -31.23 -6.57 -21.05
N MET D 133 -30.79 -5.85 -20.02
CA MET D 133 -31.22 -6.17 -18.67
C MET D 133 -32.67 -5.73 -18.48
N MET D 134 -33.05 -4.62 -19.11
CA MET D 134 -34.42 -4.15 -19.03
C MET D 134 -35.39 -5.12 -19.69
N VAL D 135 -34.99 -5.66 -20.84
CA VAL D 135 -35.80 -6.64 -21.56
C VAL D 135 -35.98 -7.93 -20.75
N ALA D 136 -34.94 -8.32 -20.02
CA ALA D 136 -35.00 -9.54 -19.22
C ALA D 136 -35.81 -9.34 -17.94
N LEU D 137 -35.70 -8.16 -17.35
CA LEU D 137 -36.26 -7.92 -16.02
C LEU D 137 -37.70 -7.37 -16.01
N GLU D 138 -38.06 -6.59 -17.03
CA GLU D 138 -39.41 -6.04 -17.12
C GLU D 138 -40.54 -7.07 -16.93
N PRO D 139 -40.50 -8.21 -17.66
CA PRO D 139 -41.56 -9.19 -17.48
C PRO D 139 -41.66 -9.67 -16.03
N VAL D 140 -40.53 -9.72 -15.33
CA VAL D 140 -40.51 -10.13 -13.92
C VAL D 140 -41.06 -9.01 -13.03
N ARG D 141 -40.58 -7.79 -13.27
CA ARG D 141 -41.02 -6.60 -12.52
C ARG D 141 -42.55 -6.40 -12.51
N GLN D 142 -43.20 -6.59 -13.66
CA GLN D 142 -44.64 -6.30 -13.73
C GLN D 142 -45.53 -7.33 -13.04
N LYS D 143 -44.97 -8.49 -12.69
CA LYS D 143 -45.72 -9.53 -12.00
C LYS D 143 -45.36 -9.67 -10.52
N TRP D 144 -44.09 -9.45 -10.21
CA TRP D 144 -43.62 -9.64 -8.84
C TRP D 144 -42.84 -8.46 -8.26
N GLY D 145 -42.70 -7.39 -9.05
CA GLY D 145 -41.93 -6.21 -8.65
C GLY D 145 -40.42 -6.44 -8.56
N LEU D 146 -39.68 -5.34 -8.50
CA LEU D 146 -38.24 -5.40 -8.27
C LEU D 146 -37.89 -4.55 -7.07
N ASP D 147 -37.17 -5.14 -6.11
CA ASP D 147 -36.65 -4.36 -4.99
C ASP D 147 -35.20 -3.98 -5.23
N ARG D 148 -34.38 -4.95 -5.64
CA ARG D 148 -32.97 -4.67 -5.91
C ARG D 148 -32.38 -5.47 -7.07
N ILE D 149 -31.30 -4.92 -7.62
CA ILE D 149 -30.51 -5.57 -8.66
C ILE D 149 -29.02 -5.48 -8.34
N ILE D 150 -28.31 -6.59 -8.54
CA ILE D 150 -26.85 -6.56 -8.55
C ILE D 150 -26.41 -7.27 -9.81
N VAL D 151 -25.73 -6.53 -10.69
CA VAL D 151 -25.27 -7.07 -11.95
C VAL D 151 -23.74 -7.00 -12.08
N SER D 152 -23.15 -8.11 -12.51
CA SER D 152 -21.77 -8.11 -12.98
C SER D 152 -21.80 -8.36 -14.48
N THR D 153 -21.05 -7.57 -15.24
CA THR D 153 -21.14 -7.69 -16.69
C THR D 153 -19.90 -8.28 -17.32
N TYR D 154 -20.08 -8.83 -18.50
CA TYR D 154 -19.06 -9.50 -19.28
C TYR D 154 -19.20 -8.91 -20.67
N GLN D 155 -18.58 -7.75 -20.86
CA GLN D 155 -18.85 -6.90 -22.01
C GLN D 155 -17.83 -7.05 -23.14
N ALA D 156 -18.37 -7.04 -24.36
CA ALA D 156 -17.59 -7.18 -25.58
C ALA D 156 -16.91 -5.88 -25.95
N VAL D 157 -15.82 -5.99 -26.72
CA VAL D 157 -14.99 -4.84 -27.09
C VAL D 157 -15.64 -3.93 -28.16
N SER D 158 -16.59 -4.47 -28.93
CA SER D 158 -17.22 -3.69 -30.00
C SER D 158 -18.06 -2.56 -29.42
N GLY D 159 -18.38 -2.68 -28.14
CA GLY D 159 -19.08 -1.65 -27.39
C GLY D 159 -18.25 -0.41 -27.09
N ALA D 160 -16.95 -0.49 -27.36
CA ALA D 160 -16.04 0.65 -27.19
C ALA D 160 -15.50 1.15 -28.53
N GLY D 161 -16.17 0.76 -29.62
CA GLY D 161 -15.86 1.30 -30.94
C GLY D 161 -15.06 0.38 -31.84
N MET D 162 -14.94 0.78 -33.11
CA MET D 162 -14.22 0.01 -34.13
C MET D 162 -12.73 -0.11 -33.78
N GLY D 163 -12.13 0.99 -33.35
CA GLY D 163 -10.74 0.99 -32.89
C GLY D 163 -10.45 -0.14 -31.92
N ALA D 164 -11.32 -0.30 -30.92
CA ALA D 164 -11.17 -1.31 -29.88
C ALA D 164 -11.23 -2.75 -30.42
N ILE D 165 -12.07 -2.96 -31.43
CA ILE D 165 -12.16 -4.26 -32.11
C ILE D 165 -10.82 -4.60 -32.75
N LEU D 166 -10.25 -3.65 -33.47
CA LEU D 166 -9.03 -3.87 -34.23
C LEU D 166 -7.85 -4.09 -33.30
N GLU D 167 -7.86 -3.36 -32.18
CA GLU D 167 -6.86 -3.51 -31.11
C GLU D 167 -6.90 -4.92 -30.49
N THR D 168 -8.10 -5.44 -30.27
CA THR D 168 -8.26 -6.76 -29.68
C THR D 168 -7.71 -7.82 -30.64
N GLN D 169 -8.11 -7.72 -31.90
CA GLN D 169 -7.63 -8.62 -32.95
C GLN D 169 -6.11 -8.60 -33.10
N ARG D 170 -5.53 -7.41 -33.14
CA ARG D 170 -4.08 -7.27 -33.22
C ARG D 170 -3.36 -7.90 -32.01
N GLU D 171 -3.84 -7.61 -30.79
CA GLU D 171 -3.22 -8.16 -29.58
C GLU D 171 -3.22 -9.69 -29.56
N LEU D 172 -4.37 -10.29 -29.89
CA LEU D 172 -4.49 -11.76 -29.93
C LEU D 172 -3.56 -12.37 -30.99
N ARG D 173 -3.49 -11.74 -32.16
CA ARG D 173 -2.60 -12.19 -33.23
C ARG D 173 -1.13 -12.09 -32.82
N GLU D 174 -0.77 -11.04 -32.09
CA GLU D 174 0.61 -10.85 -31.65
C GLU D 174 1.00 -11.91 -30.62
N VAL D 175 0.01 -12.40 -29.88
CA VAL D 175 0.24 -13.42 -28.86
C VAL D 175 0.26 -14.79 -29.52
N LEU D 176 -0.82 -15.12 -30.21
CA LEU D 176 -0.97 -16.43 -30.87
C LEU D 176 -0.05 -16.69 -32.06
N ASN D 177 0.21 -15.66 -32.88
CA ASN D 177 1.04 -15.85 -34.07
C ASN D 177 2.52 -15.50 -33.85
N ASP D 178 2.79 -14.54 -32.98
CA ASP D 178 4.16 -13.97 -32.89
C ASP D 178 4.92 -14.30 -31.61
N GLY D 179 4.24 -14.87 -30.62
CA GLY D 179 4.89 -15.29 -29.39
C GLY D 179 4.97 -14.26 -28.28
N VAL D 180 4.49 -13.04 -28.56
CA VAL D 180 4.47 -11.95 -27.57
C VAL D 180 3.60 -12.32 -26.35
N LYS D 181 4.18 -12.18 -25.16
CA LYS D 181 3.47 -12.47 -23.92
C LYS D 181 2.48 -11.35 -23.59
N PRO D 182 1.29 -11.70 -23.07
CA PRO D 182 0.19 -10.75 -22.84
C PRO D 182 0.59 -9.51 -22.05
N CYS D 183 1.47 -9.67 -21.07
CA CYS D 183 1.92 -8.56 -20.23
C CYS D 183 2.82 -7.57 -20.98
N ASP D 184 3.35 -7.97 -22.14
CA ASP D 184 4.23 -7.13 -22.95
C ASP D 184 3.52 -6.36 -24.07
N LEU D 185 2.19 -6.48 -24.16
CA LEU D 185 1.45 -5.84 -25.23
C LEU D 185 1.32 -4.35 -25.04
N HIS D 186 1.34 -3.63 -26.16
CA HIS D 186 1.14 -2.19 -26.17
C HIS D 186 -0.32 -1.92 -26.53
N ALA D 187 -1.05 -1.29 -25.62
CA ALA D 187 -2.45 -0.94 -25.85
C ALA D 187 -2.60 0.58 -26.00
N GLU D 188 -3.55 0.99 -26.84
CA GLU D 188 -3.73 2.41 -27.16
C GLU D 188 -5.13 2.93 -26.85
N ILE D 189 -6.08 2.02 -26.65
CA ILE D 189 -7.50 2.40 -26.50
C ILE D 189 -8.16 1.86 -25.23
N LEU D 190 -8.11 0.55 -25.03
CA LEU D 190 -8.78 -0.08 -23.89
C LEU D 190 -7.98 0.07 -22.58
N PRO D 191 -8.68 0.15 -21.43
CA PRO D 191 -10.12 0.00 -21.21
C PRO D 191 -10.99 1.19 -21.65
N SER D 192 -10.43 2.40 -21.64
CA SER D 192 -11.21 3.58 -22.04
C SER D 192 -10.37 4.56 -22.85
N GLY D 193 -10.89 4.89 -24.02
CA GLY D 193 -10.19 5.77 -24.98
C GLY D 193 -9.87 7.15 -24.45
N GLY D 194 -10.75 7.68 -23.61
CA GLY D 194 -10.58 9.02 -23.06
C GLY D 194 -9.65 9.12 -21.87
N ASP D 195 -9.28 7.98 -21.30
CA ASP D 195 -8.51 7.94 -20.04
C ASP D 195 -6.98 7.99 -20.26
N LYS D 196 -6.25 8.11 -19.16
CA LYS D 196 -4.81 8.37 -19.18
C LYS D 196 -3.96 7.15 -19.45
N LYS D 197 -4.50 5.97 -19.15
CA LYS D 197 -3.72 4.73 -19.22
C LYS D 197 -4.44 3.63 -19.98
N HIS D 198 -3.66 2.87 -20.73
CA HIS D 198 -4.23 1.79 -21.54
C HIS D 198 -3.58 0.47 -21.21
N TYR D 199 -4.41 -0.59 -21.22
CA TYR D 199 -4.01 -1.94 -20.87
C TYR D 199 -4.48 -2.96 -21.90
N PRO D 200 -3.72 -4.05 -22.09
CA PRO D 200 -4.11 -5.13 -22.99
C PRO D 200 -5.40 -5.79 -22.56
N ILE D 201 -6.24 -6.15 -23.52
CA ILE D 201 -7.46 -6.91 -23.23
C ILE D 201 -7.25 -8.39 -23.53
N ALA D 202 -6.26 -8.70 -24.37
CA ALA D 202 -6.01 -10.08 -24.80
C ALA D 202 -5.69 -10.98 -23.60
N PHE D 203 -6.43 -12.09 -23.52
CA PHE D 203 -6.33 -13.02 -22.39
C PHE D 203 -6.44 -12.34 -21.00
N ASN D 204 -7.30 -11.33 -20.93
CA ASN D 204 -7.44 -10.51 -19.72
C ASN D 204 -8.92 -10.22 -19.44
N ALA D 205 -9.20 -9.70 -18.25
CA ALA D 205 -10.53 -9.23 -17.88
C ALA D 205 -10.34 -7.88 -17.19
N LEU D 206 -10.78 -6.82 -17.85
CA LEU D 206 -10.57 -5.45 -17.35
C LEU D 206 -11.78 -4.89 -16.62
N PRO D 207 -11.68 -4.72 -15.29
CA PRO D 207 -12.78 -4.18 -14.49
C PRO D 207 -12.91 -2.66 -14.62
N GLN D 208 -12.94 -2.16 -15.85
CA GLN D 208 -13.18 -0.75 -16.11
C GLN D 208 -13.78 -0.54 -17.48
N ILE D 209 -14.98 0.02 -17.51
CA ILE D 209 -15.60 0.48 -18.74
C ILE D 209 -16.00 1.91 -18.49
N ASP D 210 -15.66 2.79 -19.43
CA ASP D 210 -15.74 4.25 -19.28
C ASP D 210 -14.74 4.72 -18.21
N VAL D 211 -14.84 5.98 -17.78
CA VAL D 211 -13.96 6.51 -16.74
C VAL D 211 -14.60 6.37 -15.36
N PHE D 212 -13.82 6.60 -14.31
CA PHE D 212 -14.31 6.53 -12.94
C PHE D 212 -15.05 7.80 -12.49
N THR D 213 -16.01 7.63 -11.57
CA THR D 213 -16.72 8.76 -10.95
C THR D 213 -16.25 9.00 -9.51
N ASP D 214 -16.73 10.08 -8.91
CA ASP D 214 -16.40 10.43 -7.51
C ASP D 214 -16.67 9.33 -6.49
N ASN D 215 -17.65 8.48 -6.76
CA ASN D 215 -18.04 7.42 -5.83
C ASN D 215 -17.32 6.08 -6.08
N ASP D 216 -16.32 6.11 -6.96
CA ASP D 216 -15.46 4.96 -7.28
C ASP D 216 -16.11 3.85 -8.12
N TYR D 217 -17.31 4.11 -8.62
CA TYR D 217 -17.89 3.31 -9.69
C TYR D 217 -17.54 4.02 -10.98
N THR D 218 -17.48 3.27 -12.08
CA THR D 218 -17.26 3.91 -13.36
C THR D 218 -18.58 4.51 -13.86
N TYR D 219 -18.51 5.40 -14.85
CA TYR D 219 -19.73 5.92 -15.47
C TYR D 219 -20.61 4.81 -16.01
N GLU D 220 -19.99 3.79 -16.59
CA GLU D 220 -20.75 2.67 -17.15
C GLU D 220 -21.61 2.01 -16.08
N GLU D 221 -21.06 1.89 -14.88
CA GLU D 221 -21.76 1.28 -13.76
C GLU D 221 -22.89 2.19 -13.27
N MET D 222 -22.58 3.47 -13.10
CA MET D 222 -23.57 4.46 -12.67
C MET D 222 -24.69 4.65 -13.69
N LYS D 223 -24.37 4.50 -14.98
CA LYS D 223 -25.36 4.55 -16.06
C LYS D 223 -26.40 3.45 -15.91
N MET D 224 -25.94 2.24 -15.60
CA MET D 224 -26.85 1.12 -15.41
C MET D 224 -27.76 1.36 -14.21
N THR D 225 -27.23 1.99 -13.18
CA THR D 225 -28.02 2.39 -12.00
C THR D 225 -29.06 3.46 -12.35
N LYS D 226 -28.58 4.60 -12.84
CA LYS D 226 -29.44 5.77 -13.05
C LYS D 226 -30.45 5.56 -14.17
N GLU D 227 -30.04 4.86 -15.23
CA GLU D 227 -30.92 4.55 -16.37
C GLU D 227 -31.99 3.50 -16.08
N THR D 228 -31.68 2.53 -15.22
CA THR D 228 -32.68 1.55 -14.78
C THR D 228 -33.85 2.27 -14.10
N LYS D 229 -33.55 3.18 -13.18
CA LYS D 229 -34.57 3.90 -12.42
C LYS D 229 -35.50 4.70 -13.33
N LYS D 230 -34.91 5.35 -14.34
CA LYS D 230 -35.69 6.17 -15.25
C LYS D 230 -36.56 5.34 -16.19
N ILE D 231 -35.97 4.32 -16.81
CA ILE D 231 -36.69 3.43 -17.74
C ILE D 231 -37.82 2.69 -17.04
N MET D 232 -37.55 2.18 -15.85
CA MET D 232 -38.58 1.47 -15.11
C MET D 232 -39.45 2.40 -14.27
N GLU D 233 -39.15 3.70 -14.36
CA GLU D 233 -39.91 4.77 -13.69
C GLU D 233 -40.14 4.49 -12.20
N ASP D 234 -39.06 4.16 -11.49
CA ASP D 234 -39.11 3.80 -10.07
C ASP D 234 -37.74 3.98 -9.38
N ASP D 235 -37.59 5.12 -8.69
CA ASP D 235 -36.35 5.49 -8.01
C ASP D 235 -35.98 4.58 -6.84
N SER D 236 -36.96 3.88 -6.28
CA SER D 236 -36.71 3.00 -5.12
C SER D 236 -36.01 1.68 -5.48
N ILE D 237 -35.93 1.38 -6.78
CA ILE D 237 -35.19 0.21 -7.24
C ILE D 237 -33.70 0.43 -6.99
N ALA D 238 -33.13 -0.38 -6.09
CA ALA D 238 -31.72 -0.34 -5.78
C ALA D 238 -30.90 -1.12 -6.83
N VAL D 239 -29.92 -0.45 -7.42
CA VAL D 239 -29.10 -1.03 -8.47
C VAL D 239 -27.62 -0.76 -8.24
N SER D 240 -26.83 -1.83 -8.12
CA SER D 240 -25.38 -1.71 -8.11
C SER D 240 -24.76 -2.65 -9.15
N ALA D 241 -23.67 -2.18 -9.77
CA ALA D 241 -23.09 -2.84 -10.93
C ALA D 241 -21.57 -2.87 -10.91
N THR D 242 -21.00 -3.93 -11.45
CA THR D 242 -19.58 -4.02 -11.76
C THR D 242 -19.49 -4.28 -13.25
N CYS D 243 -18.75 -3.44 -13.98
CA CYS D 243 -18.66 -3.59 -15.43
C CYS D 243 -17.24 -3.97 -15.85
N VAL D 244 -17.15 -5.09 -16.58
CA VAL D 244 -15.88 -5.73 -16.89
C VAL D 244 -15.79 -6.00 -18.39
N ARG D 245 -14.67 -5.59 -18.99
CA ARG D 245 -14.42 -5.87 -20.39
C ARG D 245 -13.75 -7.23 -20.52
N ILE D 246 -14.21 -8.06 -21.44
CA ILE D 246 -13.57 -9.35 -21.72
C ILE D 246 -13.22 -9.52 -23.20
N PRO D 247 -12.39 -10.54 -23.55
CA PRO D 247 -11.98 -10.70 -24.94
C PRO D 247 -13.05 -11.36 -25.79
N VAL D 248 -14.14 -10.62 -25.98
CA VAL D 248 -15.26 -11.01 -26.83
C VAL D 248 -15.46 -9.83 -27.77
N LEU D 249 -15.59 -10.09 -29.07
CA LEU D 249 -15.74 -8.99 -30.03
C LEU D 249 -17.15 -8.42 -29.99
N SER D 250 -18.15 -9.30 -30.02
CA SER D 250 -19.53 -8.87 -29.99
C SER D 250 -20.43 -9.68 -29.07
N ALA D 251 -21.43 -8.98 -28.52
CA ALA D 251 -22.44 -9.50 -27.61
C ALA D 251 -21.99 -9.42 -26.16
N HIS D 252 -22.83 -8.78 -25.34
CA HIS D 252 -22.59 -8.65 -23.91
C HIS D 252 -23.32 -9.74 -23.15
N SER D 253 -22.69 -10.19 -22.07
CA SER D 253 -23.28 -11.18 -21.18
C SER D 253 -23.36 -10.54 -19.77
N GLU D 254 -24.36 -10.94 -19.00
CA GLU D 254 -24.56 -10.34 -17.68
C GLU D 254 -25.02 -11.37 -16.68
N SER D 255 -24.37 -11.38 -15.52
CA SER D 255 -24.84 -12.16 -14.40
C SER D 255 -25.68 -11.22 -13.55
N VAL D 256 -26.99 -11.43 -13.59
CA VAL D 256 -27.94 -10.56 -12.90
C VAL D 256 -28.50 -11.23 -11.66
N TYR D 257 -28.36 -10.56 -10.52
CA TYR D 257 -29.08 -10.94 -9.32
C TYR D 257 -30.18 -9.93 -9.09
N ILE D 258 -31.37 -10.43 -8.77
CA ILE D 258 -32.47 -9.55 -8.39
C ILE D 258 -33.14 -10.04 -7.13
N GLU D 259 -33.72 -9.09 -6.40
CA GLU D 259 -34.72 -9.41 -5.39
C GLU D 259 -36.04 -8.77 -5.79
N THR D 260 -37.08 -9.58 -5.74
CA THR D 260 -38.41 -9.15 -6.10
C THR D 260 -39.13 -8.63 -4.85
N LYS D 261 -40.28 -7.99 -5.06
CA LYS D 261 -41.11 -7.54 -3.96
C LYS D 261 -41.97 -8.67 -3.38
N GLU D 262 -42.45 -9.55 -4.26
CA GLU D 262 -43.08 -10.81 -3.82
C GLU D 262 -42.36 -12.04 -4.39
N VAL D 263 -42.44 -13.15 -3.67
CA VAL D 263 -41.81 -14.40 -4.12
C VAL D 263 -42.30 -14.74 -5.53
N ALA D 264 -41.35 -14.83 -6.45
CA ALA D 264 -41.64 -15.12 -7.84
C ALA D 264 -41.23 -16.55 -8.15
N PRO D 265 -42.20 -17.47 -8.33
CA PRO D 265 -41.87 -18.89 -8.59
C PRO D 265 -41.13 -19.05 -9.91
N ILE D 266 -40.05 -19.82 -9.90
CA ILE D 266 -39.10 -19.91 -11.03
C ILE D 266 -39.73 -20.35 -12.35
N GLU D 267 -40.60 -21.36 -12.28
CA GLU D 267 -41.32 -21.86 -13.45
C GLU D 267 -42.14 -20.74 -14.10
N GLU D 268 -42.73 -19.89 -13.27
CA GLU D 268 -43.57 -18.77 -13.73
C GLU D 268 -42.71 -17.65 -14.28
N VAL D 269 -41.54 -17.44 -13.70
CA VAL D 269 -40.55 -16.47 -14.18
C VAL D 269 -40.07 -16.84 -15.58
N LYS D 270 -39.73 -18.12 -15.77
CA LYS D 270 -39.37 -18.66 -17.09
C LYS D 270 -40.48 -18.37 -18.09
N ALA D 271 -41.70 -18.74 -17.70
CA ALA D 271 -42.89 -18.58 -18.56
C ALA D 271 -43.11 -17.13 -18.97
N ALA D 272 -42.92 -16.21 -18.02
CA ALA D 272 -43.15 -14.78 -18.24
C ALA D 272 -42.11 -14.19 -19.19
N ILE D 273 -40.85 -14.57 -19.01
CA ILE D 273 -39.80 -14.15 -19.92
C ILE D 273 -40.08 -14.69 -21.32
N ALA D 274 -40.46 -15.96 -21.43
CA ALA D 274 -40.76 -16.60 -22.72
C ALA D 274 -41.89 -15.91 -23.48
N ALA D 275 -42.84 -15.33 -22.76
CA ALA D 275 -43.98 -14.67 -23.38
C ALA D 275 -43.70 -13.20 -23.71
N PHE D 276 -42.57 -12.66 -23.24
CA PHE D 276 -42.26 -11.24 -23.38
C PHE D 276 -41.59 -10.92 -24.71
N PRO D 277 -42.07 -9.88 -25.43
CA PRO D 277 -41.52 -9.55 -26.75
C PRO D 277 -40.06 -9.16 -26.69
N GLY D 278 -39.26 -9.68 -27.61
CA GLY D 278 -37.84 -9.35 -27.65
C GLY D 278 -36.99 -10.21 -26.73
N ALA D 279 -37.64 -10.96 -25.84
CA ALA D 279 -36.93 -11.89 -24.95
C ALA D 279 -37.08 -13.31 -25.45
N VAL D 280 -36.01 -14.07 -25.35
CA VAL D 280 -36.05 -15.50 -25.66
C VAL D 280 -35.45 -16.28 -24.49
N LEU D 281 -36.18 -17.28 -24.03
CA LEU D 281 -35.72 -18.14 -22.97
C LEU D 281 -34.85 -19.25 -23.56
N GLU D 282 -33.59 -19.29 -23.13
CA GLU D 282 -32.70 -20.40 -23.44
C GLU D 282 -32.30 -20.96 -22.10
N ASP D 283 -33.11 -21.87 -21.57
CA ASP D 283 -32.90 -22.37 -20.22
C ASP D 283 -33.35 -23.82 -20.13
N ASP D 284 -32.41 -24.73 -20.35
CA ASP D 284 -32.64 -26.16 -20.23
C ASP D 284 -31.32 -26.82 -19.86
N VAL D 285 -30.97 -26.72 -18.58
CA VAL D 285 -29.69 -27.17 -18.07
C VAL D 285 -29.44 -28.69 -18.19
N ALA D 286 -30.51 -29.48 -18.31
CA ALA D 286 -30.36 -30.93 -18.54
C ALA D 286 -29.70 -31.19 -19.89
N HIS D 287 -29.84 -30.24 -20.82
CA HIS D 287 -29.19 -30.31 -22.12
C HIS D 287 -28.11 -29.26 -22.29
N GLN D 288 -27.67 -28.66 -21.19
CA GLN D 288 -26.67 -27.59 -21.21
C GLN D 288 -27.10 -26.42 -22.10
N ILE D 289 -28.38 -26.10 -22.09
CA ILE D 289 -28.90 -24.96 -22.84
C ILE D 289 -28.87 -23.68 -21.99
N TYR D 290 -28.08 -22.71 -22.44
CA TYR D 290 -28.01 -21.36 -21.86
C TYR D 290 -27.59 -20.37 -22.94
N PRO D 291 -27.87 -19.07 -22.72
CA PRO D 291 -27.44 -18.07 -23.70
C PRO D 291 -25.91 -18.04 -23.80
N GLN D 292 -25.42 -17.74 -24.99
CA GLN D 292 -23.99 -17.65 -25.28
C GLN D 292 -23.74 -16.46 -26.20
N ALA D 293 -22.70 -15.69 -25.92
CA ALA D 293 -22.34 -14.55 -26.75
C ALA D 293 -22.24 -14.96 -28.25
N ILE D 294 -21.58 -16.08 -28.53
CA ILE D 294 -21.34 -16.49 -29.92
C ILE D 294 -22.62 -16.86 -30.68
N ASN D 295 -23.66 -17.27 -29.97
CA ASN D 295 -24.92 -17.60 -30.60
C ASN D 295 -25.88 -16.40 -30.72
N ALA D 296 -25.60 -15.33 -29.98
CA ALA D 296 -26.46 -14.15 -29.96
C ALA D 296 -26.15 -13.14 -31.07
N VAL D 297 -24.89 -13.13 -31.50
CA VAL D 297 -24.45 -12.22 -32.54
C VAL D 297 -25.35 -12.41 -33.76
N GLY D 298 -25.85 -11.30 -34.30
CA GLY D 298 -26.65 -11.31 -35.52
C GLY D 298 -28.15 -11.28 -35.26
N SER D 299 -28.53 -11.48 -34.01
CA SER D 299 -29.93 -11.51 -33.58
C SER D 299 -30.34 -10.24 -32.82
N ARG D 300 -31.59 -9.84 -33.01
CA ARG D 300 -32.20 -8.71 -32.31
C ARG D 300 -32.67 -9.09 -30.90
N ASP D 301 -32.82 -10.38 -30.66
CA ASP D 301 -33.39 -10.88 -29.42
C ASP D 301 -32.45 -10.76 -28.23
N THR D 302 -33.03 -10.84 -27.03
CA THR D 302 -32.29 -10.89 -25.78
C THR D 302 -32.55 -12.26 -25.17
N PHE D 303 -31.48 -13.00 -24.94
CA PHE D 303 -31.54 -14.40 -24.52
C PHE D 303 -31.30 -14.55 -23.01
N VAL D 304 -32.20 -15.26 -22.33
CA VAL D 304 -32.16 -15.38 -20.88
C VAL D 304 -32.17 -16.84 -20.43
N GLY D 305 -31.28 -17.17 -19.50
CA GLY D 305 -31.17 -18.53 -18.99
C GLY D 305 -30.54 -18.56 -17.61
N ARG D 306 -30.06 -19.74 -17.21
CA ARG D 306 -29.50 -19.97 -15.86
C ARG D 306 -30.39 -19.42 -14.75
N ILE D 307 -31.70 -19.42 -14.97
CA ILE D 307 -32.61 -18.84 -14.00
C ILE D 307 -32.77 -19.81 -12.83
N ARG D 308 -32.57 -19.30 -11.63
CA ARG D 308 -32.63 -20.11 -10.42
C ARG D 308 -32.76 -19.24 -9.17
N LYS D 309 -33.45 -19.80 -8.18
CA LYS D 309 -33.62 -19.22 -6.87
C LYS D 309 -32.27 -19.05 -6.19
N ASP D 310 -32.12 -17.98 -5.41
CA ASP D 310 -30.99 -17.81 -4.51
C ASP D 310 -31.04 -18.90 -3.45
N LEU D 311 -29.89 -19.28 -2.90
CA LEU D 311 -29.85 -20.36 -1.92
C LEU D 311 -30.33 -19.97 -0.53
N ASP D 312 -30.47 -18.67 -0.28
CA ASP D 312 -30.83 -18.18 1.08
C ASP D 312 -31.90 -17.08 1.12
N ALA D 313 -31.80 -16.11 0.21
CA ALA D 313 -32.75 -15.00 0.19
C ALA D 313 -34.00 -15.41 -0.56
N GLU D 314 -35.12 -15.45 0.15
CA GLU D 314 -36.39 -15.95 -0.37
C GLU D 314 -36.84 -15.27 -1.67
N LYS D 315 -36.62 -13.97 -1.77
CA LYS D 315 -37.06 -13.21 -2.95
C LYS D 315 -35.97 -13.07 -4.03
N GLY D 316 -34.80 -13.65 -3.77
CA GLY D 316 -33.65 -13.54 -4.68
C GLY D 316 -33.60 -14.54 -5.82
N ILE D 317 -33.23 -14.05 -7.01
CA ILE D 317 -33.15 -14.85 -8.22
C ILE D 317 -31.89 -14.48 -9.04
N HIS D 318 -31.23 -15.50 -9.59
CA HIS D 318 -30.05 -15.32 -10.43
C HIS D 318 -30.37 -15.68 -11.86
N MET D 319 -29.81 -14.96 -12.82
CA MET D 319 -29.96 -15.29 -14.23
C MET D 319 -28.78 -14.84 -15.09
N TRP D 320 -28.78 -15.26 -16.36
CA TRP D 320 -27.73 -14.96 -17.31
C TRP D 320 -28.36 -14.33 -18.55
N VAL D 321 -27.96 -13.11 -18.87
CA VAL D 321 -28.60 -12.35 -19.96
C VAL D 321 -27.56 -12.00 -21.02
N VAL D 322 -27.86 -12.29 -22.29
CA VAL D 322 -26.93 -12.09 -23.40
C VAL D 322 -27.66 -11.43 -24.54
N SER D 323 -27.05 -10.41 -25.13
CA SER D 323 -27.58 -9.79 -26.35
C SER D 323 -26.45 -9.18 -27.17
N ASP D 324 -26.63 -9.15 -28.49
CA ASP D 324 -25.73 -8.40 -29.37
C ASP D 324 -25.80 -6.92 -29.01
N ASN D 325 -24.66 -6.38 -28.58
CA ASN D 325 -24.57 -5.00 -28.10
C ASN D 325 -24.66 -3.96 -29.20
N LEU D 326 -24.48 -4.37 -30.44
CA LEU D 326 -24.61 -3.44 -31.55
C LEU D 326 -26.03 -3.41 -32.07
N LEU D 327 -26.80 -4.46 -31.78
CA LEU D 327 -28.17 -4.57 -32.29
C LEU D 327 -29.18 -4.12 -31.26
N LYS D 328 -29.67 -5.01 -30.41
CA LYS D 328 -30.61 -4.57 -29.36
C LYS D 328 -29.93 -3.57 -28.42
N GLY D 329 -28.62 -3.72 -28.23
CA GLY D 329 -27.84 -2.78 -27.44
C GLY D 329 -27.68 -1.37 -27.98
N ALA D 330 -27.96 -1.17 -29.26
CA ALA D 330 -27.78 0.14 -29.89
C ALA D 330 -28.65 0.36 -31.13
N ALA D 331 -28.26 -0.24 -32.25
CA ALA D 331 -28.84 0.08 -33.54
C ALA D 331 -30.28 -0.38 -33.71
N TRP D 332 -30.58 -1.61 -33.25
CA TRP D 332 -31.94 -2.14 -33.39
C TRP D 332 -32.90 -1.43 -32.43
N ASN D 333 -32.49 -1.23 -31.18
CA ASN D 333 -33.28 -0.43 -30.25
C ASN D 333 -33.59 0.98 -30.78
N SER D 334 -32.61 1.58 -31.47
CA SER D 334 -32.79 2.91 -32.03
C SER D 334 -33.74 2.93 -33.21
N VAL D 335 -33.69 1.87 -34.03
CA VAL D 335 -34.55 1.75 -35.20
C VAL D 335 -35.96 1.32 -34.79
N GLN D 336 -36.04 0.48 -33.75
CA GLN D 336 -37.31 0.05 -33.16
C GLN D 336 -38.04 1.27 -32.60
N ILE D 337 -37.31 2.12 -31.87
CA ILE D 337 -37.85 3.38 -31.38
C ILE D 337 -38.47 4.14 -32.55
N ALA D 338 -37.70 4.29 -33.63
CA ALA D 338 -38.20 5.00 -34.82
C ALA D 338 -39.48 4.38 -35.37
N GLU D 339 -39.49 3.05 -35.49
CA GLU D 339 -40.65 2.30 -35.99
C GLU D 339 -41.89 2.50 -35.11
N THR D 340 -41.65 2.52 -33.81
CA THR D 340 -42.70 2.74 -32.81
C THR D 340 -43.23 4.17 -32.88
N LEU D 341 -42.31 5.13 -33.05
CA LEU D 341 -42.70 6.52 -33.27
C LEU D 341 -43.63 6.65 -34.47
N HIS D 342 -43.34 5.90 -35.52
CA HIS D 342 -44.21 5.88 -36.71
C HIS D 342 -45.55 5.18 -36.44
N GLU D 343 -45.51 4.05 -35.74
CA GLU D 343 -46.70 3.28 -35.36
C GLU D 343 -47.71 4.13 -34.56
N ARG D 344 -47.20 4.88 -33.59
CA ARG D 344 -48.04 5.66 -32.68
C ARG D 344 -48.37 7.05 -33.23
N GLY D 345 -47.89 7.36 -34.43
CA GLY D 345 -48.14 8.64 -35.08
C GLY D 345 -47.42 9.80 -34.42
N LEU D 346 -46.18 9.56 -34.02
CA LEU D 346 -45.42 10.51 -33.20
C LEU D 346 -44.30 11.22 -33.93
N VAL D 347 -44.15 10.96 -35.23
CA VAL D 347 -43.17 11.68 -36.03
C VAL D 347 -43.74 13.04 -36.43
N ARG D 348 -43.56 14.00 -35.53
CA ARG D 348 -44.13 15.34 -35.65
C ARG D 348 -43.02 16.34 -35.34
N PRO D 349 -43.09 17.55 -35.94
CA PRO D 349 -42.19 18.61 -35.49
C PRO D 349 -42.52 19.06 -34.07
N THR D 350 -41.54 19.59 -33.36
CA THR D 350 -41.72 20.05 -31.99
C THR D 350 -42.28 21.45 -31.98
N ALA D 351 -43.27 21.67 -31.11
CA ALA D 351 -43.89 22.98 -30.96
C ALA D 351 -43.00 23.92 -30.13
N GLU D 352 -42.70 23.51 -28.89
CA GLU D 352 -41.87 24.31 -27.99
C GLU D 352 -40.46 23.73 -27.91
N LEU D 353 -39.46 24.55 -28.22
CA LEU D 353 -38.05 24.16 -28.09
C LEU D 353 -37.64 24.08 -26.62
N LYS D 354 -36.88 23.05 -26.26
CA LYS D 354 -36.54 22.79 -24.86
C LYS D 354 -35.05 22.72 -24.56
N PHE D 355 -34.23 22.55 -25.60
CA PHE D 355 -32.81 22.32 -25.42
C PHE D 355 -31.95 23.48 -25.91
N GLU D 356 -30.91 23.79 -25.14
CA GLU D 356 -30.10 24.99 -25.35
C GLU D 356 -29.06 24.84 -26.46
N LEU D 357 -28.90 25.91 -27.23
CA LEU D 357 -27.90 25.98 -28.30
C LEU D 357 -26.59 26.52 -27.74
#